data_6AXE
#
_entry.id   6AXE
#
_cell.length_a   78.600
_cell.length_b   86.980
_cell.length_c   124.130
_cell.angle_alpha   90.000
_cell.angle_beta   98.450
_cell.angle_gamma   90.000
#
_symmetry.space_group_name_H-M   'P 1 21 1'
#
loop_
_entity.id
_entity.type
_entity.pdbx_description
1 polymer 'Malate synthase G'
2 non-polymer 'ACETYL COENZYME *A'
3 non-polymer 'MAGNESIUM ION'
4 non-polymer 'ACETATE ION'
5 non-polymer 1,2-ETHANEDIOL
6 water water
#
_entity_poly.entity_id   1
_entity_poly.type   'polypeptide(L)'
_entity_poly.pdbx_seq_one_letter_code
;MAHHHHHHMTDRVSAGNLRVARVLYDFVNNEALPGTDIDQDSFWAGVDKVVTDLTPQNQDLLKTRDDLQAQIDKWHRHRV
IEPLDPQAYREFLTEIGYLLPAPEDFTITTSGVDDEITTTAGPQLVVPILNARFALNAANARWGSLYDALYGTDVISESD
GAEKGRGYNKVRGDKVIAYARQFLDDSVPLAGASYTDATGFKVEDGQLVVSLADTSAALADPGQFAGYTGTAENPKSILL
ANHGLHIEILIDPESQIGATDGAGVKDVILESAITTIMDFEDSVAAVDADDKVLGYRNWLGLNRGDLSEDVTKDDKTFTR
VLNTDRTYTAPHGGELTLPGRSLLFVRNVGHLMTNDAIVSDAEGAEGAPVFEGIMDALFTGLIAIHGLRSTDANGLLTNS
RTGSIYIVKPKMHGPAEVAFTCELFSRVEDVLGLPQGTMKVGIMDEERRTTLNLKACIKAAADRVVFINTGFLDRTGDEI
HTSMEAGPMIRKGAMKNTAWIKAYEDANVDTGLAAGFSGKAQIGKGMWAMTELMADMVEQKIAQPKAGATTAWVPSPTAA
TLHAMHYHKVDVFAVQKELQGKTRTSVDELLTIPLAKELAWAPEEIREEVDNNCQSILGYVVRWIDQGVGCSKVPDIHNV
ALMEDRATLRISSQLLANWLRHGVITSEDARASLERMAPLVDKQNAGDPEYHAMAPNFDDSIAFLAAQDLILSGAQQPNG
YTEPILHRRRRELKARAGA
;
_entity_poly.pdbx_strand_id   A,B
#
# COMPACT_ATOMS: atom_id res chain seq x y z
N HIS A 8 13.33 20.80 -49.60
CA HIS A 8 13.54 20.24 -50.94
C HIS A 8 14.99 19.84 -51.15
N MET A 9 15.82 20.07 -50.13
CA MET A 9 17.22 19.71 -50.16
C MET A 9 17.49 18.71 -49.04
N THR A 10 17.84 17.49 -49.43
CA THR A 10 18.09 16.40 -48.50
C THR A 10 19.33 16.68 -47.66
N ASP A 11 19.22 16.58 -46.34
CA ASP A 11 20.33 16.87 -45.45
C ASP A 11 20.10 16.13 -44.13
N ARG A 12 20.66 14.93 -44.02
CA ARG A 12 20.47 14.09 -42.85
C ARG A 12 21.76 13.95 -42.05
N VAL A 13 21.59 13.81 -40.74
CA VAL A 13 22.68 13.61 -39.78
C VAL A 13 22.61 12.17 -39.29
N SER A 14 23.75 11.49 -39.29
CA SER A 14 23.80 10.11 -38.82
C SER A 14 23.80 10.04 -37.30
N ALA A 15 22.99 9.14 -36.76
CA ALA A 15 22.92 8.89 -35.31
C ALA A 15 22.66 7.39 -35.15
N GLY A 16 23.75 6.63 -35.05
CA GLY A 16 23.61 5.18 -35.04
C GLY A 16 23.02 4.70 -36.35
N ASN A 17 21.99 3.86 -36.25
CA ASN A 17 21.29 3.38 -37.43
C ASN A 17 20.35 4.42 -38.03
N LEU A 18 20.18 5.57 -37.40
CA LEU A 18 19.24 6.58 -37.85
C LEU A 18 19.92 7.63 -38.72
N ARG A 19 19.15 8.20 -39.63
CA ARG A 19 19.59 9.34 -40.41
C ARG A 19 18.50 10.39 -40.29
N VAL A 20 18.78 11.42 -39.50
CA VAL A 20 17.77 12.37 -39.02
C VAL A 20 17.86 13.64 -39.86
N ALA A 21 16.71 14.11 -40.34
CA ALA A 21 16.68 15.38 -41.07
C ALA A 21 17.28 16.48 -40.20
N ARG A 22 18.18 17.28 -40.80
CA ARG A 22 18.92 18.28 -40.02
C ARG A 22 17.99 19.22 -39.27
N VAL A 23 16.88 19.64 -39.90
CA VAL A 23 15.97 20.57 -39.25
C VAL A 23 15.43 19.98 -37.94
N LEU A 24 15.18 18.66 -37.91
CA LEU A 24 14.69 18.03 -36.69
C LEU A 24 15.81 17.80 -35.69
N TYR A 25 16.96 17.35 -36.19
CA TYR A 25 18.12 17.16 -35.34
C TYR A 25 18.46 18.45 -34.60
N ASP A 26 18.55 19.56 -35.34
CA ASP A 26 18.89 20.83 -34.71
C ASP A 26 17.80 21.29 -33.77
N PHE A 27 16.53 21.10 -34.13
CA PHE A 27 15.45 21.52 -33.24
C PHE A 27 15.55 20.81 -31.90
N VAL A 28 15.77 19.50 -31.91
CA VAL A 28 15.88 18.74 -30.66
C VAL A 28 17.08 19.21 -29.86
N ASN A 29 18.24 19.35 -30.52
CA ASN A 29 19.46 19.64 -29.79
C ASN A 29 19.51 21.07 -29.27
N ASN A 30 18.97 22.02 -30.04
CA ASN A 30 19.12 23.43 -29.70
C ASN A 30 17.92 24.03 -28.98
N GLU A 31 16.72 23.45 -29.15
CA GLU A 31 15.51 24.01 -28.57
C GLU A 31 14.85 23.11 -27.54
N ALA A 32 14.73 21.81 -27.80
CA ALA A 32 13.97 20.93 -26.92
C ALA A 32 14.80 20.40 -25.74
N LEU A 33 16.02 19.94 -26.01
CA LEU A 33 16.84 19.30 -24.97
C LEU A 33 17.34 20.24 -23.87
N PRO A 34 17.78 21.48 -24.16
CA PRO A 34 18.29 22.34 -23.09
C PRO A 34 17.26 22.57 -21.99
N GLY A 35 17.67 22.33 -20.74
CA GLY A 35 16.79 22.46 -19.60
C GLY A 35 16.21 21.15 -19.10
N THR A 36 16.34 20.07 -19.86
CA THR A 36 15.82 18.77 -19.45
C THR A 36 16.85 17.96 -18.67
N ASP A 37 18.11 18.36 -18.69
CA ASP A 37 19.24 17.66 -18.08
C ASP A 37 19.50 16.30 -18.73
N ILE A 38 18.98 16.07 -19.93
CA ILE A 38 19.21 14.83 -20.66
C ILE A 38 20.44 15.00 -21.54
N ASP A 39 21.41 14.10 -21.40
CA ASP A 39 22.59 14.15 -22.26
C ASP A 39 22.20 13.91 -23.70
N GLN A 40 22.70 14.76 -24.60
CA GLN A 40 22.28 14.72 -25.99
C GLN A 40 22.63 13.39 -26.65
N ASP A 41 23.89 12.94 -26.49
CA ASP A 41 24.31 11.69 -27.11
C ASP A 41 23.47 10.52 -26.61
N SER A 42 23.18 10.48 -25.31
CA SER A 42 22.37 9.40 -24.76
C SER A 42 20.95 9.42 -25.30
N PHE A 43 20.40 10.62 -25.53
CA PHE A 43 19.04 10.72 -26.05
C PHE A 43 18.96 10.10 -27.44
N TRP A 44 19.84 10.52 -28.35
CA TRP A 44 19.80 10.00 -29.71
C TRP A 44 20.12 8.51 -29.74
N ALA A 45 20.97 8.04 -28.84
CA ALA A 45 21.18 6.61 -28.69
C ALA A 45 19.91 5.91 -28.23
N GLY A 46 19.12 6.59 -27.40
CA GLY A 46 17.85 6.01 -26.98
C GLY A 46 16.81 5.99 -28.09
N VAL A 47 16.73 7.08 -28.87
CA VAL A 47 15.84 7.10 -30.03
C VAL A 47 16.14 5.94 -30.96
N ASP A 48 17.43 5.78 -31.29
CA ASP A 48 17.87 4.65 -32.11
C ASP A 48 17.42 3.32 -31.52
N LYS A 49 17.65 3.11 -30.23
CA LYS A 49 17.34 1.81 -29.62
C LYS A 49 15.84 1.57 -29.59
N VAL A 50 15.03 2.58 -29.26
CA VAL A 50 13.58 2.39 -29.19
C VAL A 50 13.03 2.11 -30.58
N VAL A 51 13.45 2.88 -31.58
CA VAL A 51 12.99 2.65 -32.95
C VAL A 51 13.36 1.25 -33.41
N THR A 52 14.62 0.85 -33.18
CA THR A 52 15.08 -0.47 -33.60
C THR A 52 14.33 -1.57 -32.86
N ASP A 53 14.10 -1.40 -31.56
CA ASP A 53 13.50 -2.47 -30.76
C ASP A 53 12.01 -2.65 -31.05
N LEU A 54 11.29 -1.55 -31.30
CA LEU A 54 9.84 -1.61 -31.34
C LEU A 54 9.26 -1.63 -32.76
N THR A 55 10.06 -1.33 -33.78
CA THR A 55 9.52 -1.32 -35.13
C THR A 55 8.97 -2.68 -35.58
N PRO A 56 9.62 -3.82 -35.32
CA PRO A 56 9.03 -5.10 -35.76
C PRO A 56 7.64 -5.34 -35.19
N GLN A 57 7.40 -5.07 -33.91
CA GLN A 57 6.06 -5.27 -33.38
C GLN A 57 5.05 -4.30 -33.99
N ASN A 58 5.46 -3.04 -34.22
CA ASN A 58 4.60 -2.08 -34.91
C ASN A 58 4.19 -2.63 -36.28
N GLN A 59 5.15 -3.16 -37.04
CA GLN A 59 4.84 -3.74 -38.34
C GLN A 59 3.89 -4.93 -38.19
N ASP A 60 4.14 -5.79 -37.20
CA ASP A 60 3.32 -6.98 -37.02
C ASP A 60 1.87 -6.62 -36.70
N LEU A 61 1.66 -5.60 -35.87
CA LEU A 61 0.31 -5.22 -35.51
C LEU A 61 -0.46 -4.74 -36.74
N LEU A 62 0.21 -3.98 -37.62
CA LEU A 62 -0.46 -3.52 -38.84
C LEU A 62 -0.77 -4.68 -39.77
N LYS A 63 0.14 -5.67 -39.85
CA LYS A 63 -0.13 -6.86 -40.65
C LYS A 63 -1.35 -7.62 -40.10
N THR A 64 -1.50 -7.66 -38.77
CA THR A 64 -2.66 -8.33 -38.19
C THR A 64 -3.95 -7.63 -38.56
N ARG A 65 -3.97 -6.30 -38.55
CA ARG A 65 -5.14 -5.57 -39.05
C ARG A 65 -5.51 -6.03 -40.45
N ASP A 66 -4.52 -6.10 -41.33
CA ASP A 66 -4.78 -6.45 -42.72
C ASP A 66 -5.29 -7.88 -42.84
N ASP A 67 -4.72 -8.81 -42.05
CA ASP A 67 -5.13 -10.21 -42.14
CA ASP A 67 -5.13 -10.21 -42.13
C ASP A 67 -6.57 -10.38 -41.67
N LEU A 68 -6.93 -9.75 -40.56
CA LEU A 68 -8.30 -9.87 -40.06
C LEU A 68 -9.30 -9.30 -41.06
N GLN A 69 -8.98 -8.13 -41.62
CA GLN A 69 -9.90 -7.54 -42.59
C GLN A 69 -10.07 -8.43 -43.81
N ALA A 70 -8.98 -9.06 -44.29
CA ALA A 70 -9.12 -9.93 -45.45
C ALA A 70 -10.01 -11.14 -45.14
N GLN A 71 -9.91 -11.66 -43.91
CA GLN A 71 -10.75 -12.79 -43.52
C GLN A 71 -12.22 -12.40 -43.47
N ILE A 72 -12.52 -11.22 -42.92
CA ILE A 72 -13.89 -10.73 -42.87
C ILE A 72 -14.43 -10.50 -44.27
N ASP A 73 -13.62 -9.88 -45.14
CA ASP A 73 -14.01 -9.69 -46.54
C ASP A 73 -14.44 -11.01 -47.18
N LYS A 74 -13.63 -12.05 -46.98
CA LYS A 74 -13.92 -13.34 -47.59
C LYS A 74 -15.17 -13.98 -47.00
N TRP A 75 -15.37 -13.82 -45.68
CA TRP A 75 -16.56 -14.36 -45.03
C TRP A 75 -17.83 -13.82 -45.68
N HIS A 76 -17.89 -12.50 -45.88
CA HIS A 76 -19.05 -11.89 -46.52
C HIS A 76 -19.20 -12.35 -47.98
N ARG A 77 -18.09 -12.47 -48.70
CA ARG A 77 -18.19 -12.88 -50.10
C ARG A 77 -18.66 -14.33 -50.25
N HIS A 78 -18.43 -15.18 -49.26
CA HIS A 78 -18.93 -16.55 -49.30
C HIS A 78 -20.44 -16.64 -49.04
N ARG A 79 -21.09 -15.54 -48.65
CA ARG A 79 -22.46 -15.61 -48.13
C ARG A 79 -23.35 -14.57 -48.77
N VAL A 80 -23.14 -14.29 -50.06
CA VAL A 80 -23.90 -13.25 -50.76
C VAL A 80 -25.40 -13.56 -50.76
N ILE A 81 -25.78 -14.84 -50.79
CA ILE A 81 -27.19 -15.21 -50.83
C ILE A 81 -27.71 -15.73 -49.50
N GLU A 82 -26.83 -16.05 -48.54
CA GLU A 82 -27.29 -16.57 -47.26
C GLU A 82 -27.88 -15.46 -46.41
N PRO A 83 -28.88 -15.76 -45.58
CA PRO A 83 -29.48 -14.74 -44.72
C PRO A 83 -28.51 -14.34 -43.61
N LEU A 84 -28.86 -13.25 -42.94
CA LEU A 84 -28.09 -12.82 -41.77
C LEU A 84 -28.16 -13.89 -40.69
N ASP A 85 -27.01 -14.17 -40.08
CA ASP A 85 -26.95 -15.10 -38.96
C ASP A 85 -26.03 -14.52 -37.89
N PRO A 86 -26.59 -13.74 -36.95
CA PRO A 86 -25.75 -13.12 -35.92
C PRO A 86 -24.92 -14.12 -35.14
N GLN A 87 -25.45 -15.31 -34.89
CA GLN A 87 -24.72 -16.29 -34.10
C GLN A 87 -23.50 -16.80 -34.87
N ALA A 88 -23.69 -17.24 -36.12
CA ALA A 88 -22.58 -17.71 -36.93
C ALA A 88 -21.54 -16.61 -37.13
N TYR A 89 -22.00 -15.37 -37.34
CA TYR A 89 -21.08 -14.25 -37.55
C TYR A 89 -20.24 -13.99 -36.30
N ARG A 90 -20.90 -13.93 -35.13
CA ARG A 90 -20.16 -13.69 -33.91
C ARG A 90 -19.19 -14.82 -33.63
N GLU A 91 -19.62 -16.07 -33.86
CA GLU A 91 -18.74 -17.21 -33.63
C GLU A 91 -17.54 -17.18 -34.57
N PHE A 92 -17.74 -16.72 -35.80
CA PHE A 92 -16.63 -16.54 -36.73
C PHE A 92 -15.63 -15.51 -36.21
N LEU A 93 -16.13 -14.34 -35.80
CA LEU A 93 -15.22 -13.32 -35.30
C LEU A 93 -14.46 -13.79 -34.07
N THR A 94 -15.09 -14.62 -33.25
CA THR A 94 -14.37 -15.21 -32.11
C THR A 94 -13.32 -16.20 -32.57
N GLU A 95 -13.67 -17.06 -33.54
CA GLU A 95 -12.74 -18.10 -33.97
C GLU A 95 -11.47 -17.52 -34.58
N ILE A 96 -11.57 -16.38 -35.27
CA ILE A 96 -10.40 -15.80 -35.90
C ILE A 96 -9.62 -14.87 -34.98
N GLY A 97 -10.08 -14.65 -33.74
CA GLY A 97 -9.35 -13.82 -32.79
C GLY A 97 -9.68 -12.34 -32.86
N TYR A 98 -10.71 -11.98 -33.62
CA TYR A 98 -11.15 -10.58 -33.69
C TYR A 98 -11.89 -10.20 -32.41
N LEU A 99 -12.79 -11.08 -31.95
CA LEU A 99 -13.48 -10.91 -30.68
CA LEU A 99 -13.50 -10.92 -30.69
C LEU A 99 -12.78 -11.78 -29.64
N LEU A 100 -12.28 -11.14 -28.59
CA LEU A 100 -11.58 -11.88 -27.56
C LEU A 100 -12.42 -11.92 -26.28
N PRO A 101 -12.17 -12.89 -25.40
CA PRO A 101 -12.92 -12.95 -24.14
C PRO A 101 -12.71 -11.69 -23.31
N ALA A 102 -13.75 -11.31 -22.58
CA ALA A 102 -13.65 -10.17 -21.67
C ALA A 102 -12.99 -10.60 -20.36
N PRO A 103 -12.08 -9.79 -19.83
CA PRO A 103 -11.45 -10.14 -18.55
C PRO A 103 -12.44 -10.01 -17.40
N GLU A 104 -12.04 -10.54 -16.25
CA GLU A 104 -12.82 -10.34 -15.04
C GLU A 104 -12.85 -8.86 -14.67
N ASP A 105 -13.85 -8.47 -13.90
CA ASP A 105 -13.94 -7.09 -13.42
C ASP A 105 -12.65 -6.68 -12.71
N PHE A 106 -12.29 -5.42 -12.87
CA PHE A 106 -11.08 -4.84 -12.28
C PHE A 106 -11.31 -3.35 -12.08
N THR A 107 -10.40 -2.72 -11.34
CA THR A 107 -10.41 -1.28 -11.12
C THR A 107 -9.10 -0.67 -11.60
N ILE A 108 -9.18 0.43 -12.36
CA ILE A 108 -7.94 1.09 -12.76
C ILE A 108 -7.21 1.62 -11.53
N THR A 109 -5.90 1.81 -11.68
CA THR A 109 -5.05 2.24 -10.59
C THR A 109 -4.28 3.52 -10.89
N THR A 110 -4.59 4.19 -12.01
CA THR A 110 -3.86 5.38 -12.42
C THR A 110 -3.83 6.41 -11.30
N SER A 111 -2.64 6.92 -11.00
CA SER A 111 -2.48 7.91 -9.93
C SER A 111 -1.57 9.03 -10.42
N GLY A 112 -1.39 10.04 -9.58
CA GLY A 112 -0.65 11.23 -9.99
C GLY A 112 -1.35 12.08 -11.02
N VAL A 113 -2.67 12.02 -11.09
CA VAL A 113 -3.44 12.73 -12.11
C VAL A 113 -4.00 14.02 -11.55
N ASP A 114 -4.10 15.04 -12.39
CA ASP A 114 -4.59 16.35 -12.01
C ASP A 114 -6.11 16.36 -11.77
N ASP A 115 -6.55 17.30 -10.92
CA ASP A 115 -7.97 17.40 -10.57
C ASP A 115 -8.86 17.69 -11.76
N GLU A 116 -8.33 18.38 -12.79
CA GLU A 116 -9.13 18.68 -13.98
C GLU A 116 -9.65 17.43 -14.63
N ILE A 117 -8.97 16.30 -14.44
CA ILE A 117 -9.28 15.03 -15.07
C ILE A 117 -10.03 14.09 -14.12
N THR A 118 -9.58 14.03 -12.86
CA THR A 118 -10.12 13.04 -11.92
C THR A 118 -11.50 13.43 -11.38
N THR A 119 -11.71 14.70 -11.01
CA THR A 119 -12.90 15.05 -10.23
C THR A 119 -13.67 16.22 -10.79
N THR A 120 -13.35 16.69 -12.00
CA THR A 120 -14.02 17.81 -12.63
C THR A 120 -14.73 17.33 -13.89
N ALA A 121 -15.96 17.78 -14.06
CA ALA A 121 -16.71 17.57 -15.29
C ALA A 121 -16.84 18.90 -16.02
N GLY A 122 -16.49 18.92 -17.31
CA GLY A 122 -16.61 20.11 -18.10
C GLY A 122 -16.06 19.92 -19.49
N PRO A 123 -16.17 20.97 -20.32
CA PRO A 123 -15.76 20.87 -21.73
C PRO A 123 -14.28 20.55 -21.92
N GLN A 124 -13.99 19.89 -23.05
CA GLN A 124 -12.63 19.59 -23.50
C GLN A 124 -12.46 20.12 -24.91
N LEU A 125 -11.54 21.06 -25.08
CA LEU A 125 -11.28 21.71 -26.36
C LEU A 125 -10.22 20.93 -27.14
N VAL A 126 -10.33 20.93 -28.48
CA VAL A 126 -9.29 20.37 -29.33
C VAL A 126 -8.85 21.44 -30.31
N VAL A 127 -7.56 21.47 -30.63
CA VAL A 127 -7.03 22.51 -31.52
C VAL A 127 -5.83 21.99 -32.31
N PRO A 128 -5.66 22.40 -33.57
CA PRO A 128 -4.47 22.00 -34.33
C PRO A 128 -3.19 22.66 -33.82
N ILE A 129 -2.19 21.83 -33.52
CA ILE A 129 -0.95 22.32 -32.90
C ILE A 129 -0.11 23.14 -33.88
N LEU A 130 -0.34 23.01 -35.19
CA LEU A 130 0.44 23.78 -36.14
C LEU A 130 0.01 25.25 -36.22
N ASN A 131 -1.08 25.63 -35.55
CA ASN A 131 -1.60 26.99 -35.61
C ASN A 131 -1.36 27.65 -34.25
N ALA A 132 -0.26 28.38 -34.12
CA ALA A 132 0.10 28.91 -32.80
C ALA A 132 -0.92 29.93 -32.31
N ARG A 133 -1.47 30.74 -33.22
CA ARG A 133 -2.50 31.69 -32.85
C ARG A 133 -3.68 30.99 -32.19
N PHE A 134 -4.14 29.89 -32.78
CA PHE A 134 -5.26 29.16 -32.20
C PHE A 134 -4.84 28.41 -30.94
N ALA A 135 -3.64 27.82 -30.95
CA ALA A 135 -3.18 27.06 -29.80
C ALA A 135 -3.09 27.95 -28.55
N LEU A 136 -2.60 29.17 -28.71
CA LEU A 136 -2.57 30.10 -27.60
C LEU A 136 -3.97 30.41 -27.10
N ASN A 137 -4.91 30.68 -28.03
CA ASN A 137 -6.29 30.94 -27.62
C ASN A 137 -6.88 29.76 -26.88
N ALA A 138 -6.51 28.55 -27.29
CA ALA A 138 -7.08 27.34 -26.69
C ALA A 138 -6.55 27.15 -25.27
N ALA A 139 -5.24 27.31 -25.07
CA ALA A 139 -4.70 27.24 -23.72
C ALA A 139 -5.32 28.31 -22.82
N ASN A 140 -5.64 29.48 -23.38
CA ASN A 140 -6.27 30.55 -22.62
C ASN A 140 -7.79 30.40 -22.51
N ALA A 141 -8.38 29.34 -23.07
CA ALA A 141 -9.84 29.20 -23.08
C ALA A 141 -10.40 28.63 -21.80
N ARG A 142 -9.57 28.36 -20.80
CA ARG A 142 -10.11 27.89 -19.53
C ARG A 142 -11.04 28.92 -18.90
N TRP A 143 -10.82 30.20 -19.16
CA TRP A 143 -11.71 31.26 -18.69
C TRP A 143 -12.20 32.02 -19.91
N GLY A 144 -13.51 32.14 -20.04
CA GLY A 144 -14.10 32.81 -21.18
C GLY A 144 -15.29 33.65 -20.78
N SER A 145 -15.48 34.74 -21.53
CA SER A 145 -16.61 35.64 -21.29
C SER A 145 -17.91 35.01 -21.78
N LEU A 146 -18.89 34.88 -20.88
CA LEU A 146 -20.22 34.45 -21.28
C LEU A 146 -20.92 35.54 -22.09
N TYR A 147 -20.75 36.82 -21.71
CA TYR A 147 -21.36 37.90 -22.51
C TYR A 147 -20.86 37.85 -23.95
N ASP A 148 -19.55 37.71 -24.16
CA ASP A 148 -19.03 37.66 -25.53
C ASP A 148 -19.57 36.45 -26.28
N ALA A 149 -19.70 35.31 -25.61
CA ALA A 149 -20.16 34.10 -26.29
C ALA A 149 -21.62 34.20 -26.68
N LEU A 150 -22.43 34.84 -25.83
CA LEU A 150 -23.84 35.06 -26.18
C LEU A 150 -23.97 36.14 -27.25
N TYR A 151 -23.29 37.28 -27.07
CA TYR A 151 -23.41 38.35 -28.06
C TYR A 151 -22.95 37.88 -29.43
N GLY A 152 -21.91 37.05 -29.47
CA GLY A 152 -21.28 36.68 -30.72
C GLY A 152 -21.86 35.49 -31.45
N THR A 153 -22.92 34.88 -30.95
CA THR A 153 -23.47 33.66 -31.54
C THR A 153 -24.98 33.74 -31.65
N ASP A 154 -25.57 32.75 -32.29
CA ASP A 154 -27.02 32.74 -32.49
C ASP A 154 -27.79 32.21 -31.27
N VAL A 155 -27.14 31.99 -30.13
CA VAL A 155 -27.89 31.69 -28.91
C VAL A 155 -28.88 32.81 -28.61
N ILE A 156 -28.51 34.05 -28.93
CA ILE A 156 -29.41 35.20 -28.89
C ILE A 156 -29.80 35.52 -30.34
N SER A 157 -31.08 35.45 -30.66
CA SER A 157 -31.52 35.77 -32.02
C SER A 157 -31.17 37.20 -32.38
N GLU A 158 -30.82 37.42 -33.65
CA GLU A 158 -30.57 38.79 -34.11
C GLU A 158 -31.84 39.47 -34.60
N SER A 159 -33.00 38.81 -34.50
CA SER A 159 -34.23 39.38 -35.01
CA SER A 159 -34.23 39.38 -35.01
C SER A 159 -34.73 40.49 -34.08
N ASP A 160 -35.67 41.28 -34.60
CA ASP A 160 -36.33 42.36 -33.86
C ASP A 160 -35.31 43.40 -33.36
N GLY A 161 -34.39 43.79 -34.23
CA GLY A 161 -33.46 44.86 -33.93
C GLY A 161 -32.28 44.47 -33.07
N ALA A 162 -31.99 43.17 -32.93
CA ALA A 162 -30.90 42.69 -32.08
C ALA A 162 -29.68 42.28 -32.90
N GLU A 163 -29.38 42.99 -33.99
CA GLU A 163 -28.22 42.67 -34.81
C GLU A 163 -26.93 42.84 -34.01
N LYS A 164 -25.90 42.05 -34.35
CA LYS A 164 -24.61 42.17 -33.69
C LYS A 164 -23.90 43.47 -34.06
N GLY A 165 -23.77 43.72 -35.35
CA GLY A 165 -22.83 44.76 -35.76
C GLY A 165 -21.41 44.40 -35.31
N ARG A 166 -20.55 45.41 -35.35
CA ARG A 166 -19.18 45.30 -34.84
C ARG A 166 -18.94 46.12 -33.59
N GLY A 167 -19.96 46.77 -33.05
CA GLY A 167 -19.85 47.55 -31.83
C GLY A 167 -20.73 47.00 -30.74
N TYR A 168 -21.47 47.87 -30.05
CA TYR A 168 -22.36 47.46 -28.97
C TYR A 168 -23.77 47.92 -29.26
N ASN A 169 -24.60 47.00 -29.76
CA ASN A 169 -26.02 47.24 -29.95
C ASN A 169 -26.73 46.96 -28.63
N LYS A 170 -27.23 48.02 -27.96
CA LYS A 170 -27.80 47.84 -26.62
C LYS A 170 -29.04 46.96 -26.64
N VAL A 171 -29.82 46.99 -27.73
CA VAL A 171 -30.96 46.07 -27.82
C VAL A 171 -30.49 44.63 -27.63
N ARG A 172 -29.42 44.25 -28.34
CA ARG A 172 -28.87 42.91 -28.19
C ARG A 172 -28.19 42.73 -26.84
N GLY A 173 -27.43 43.75 -26.40
CA GLY A 173 -26.71 43.62 -25.14
C GLY A 173 -27.63 43.42 -23.95
N ASP A 174 -28.78 44.09 -23.95
CA ASP A 174 -29.75 43.88 -22.88
C ASP A 174 -30.27 42.44 -22.87
N LYS A 175 -30.45 41.83 -24.05
CA LYS A 175 -30.88 40.43 -24.09
C LYS A 175 -29.79 39.51 -23.54
N VAL A 176 -28.52 39.82 -23.85
CA VAL A 176 -27.40 39.07 -23.28
C VAL A 176 -27.42 39.15 -21.76
N ILE A 177 -27.59 40.36 -21.22
CA ILE A 177 -27.62 40.53 -19.77
C ILE A 177 -28.75 39.70 -19.16
N ALA A 178 -29.94 39.72 -19.77
CA ALA A 178 -31.07 38.97 -19.24
C ALA A 178 -30.80 37.47 -19.25
N TYR A 179 -30.26 36.97 -20.35
CA TYR A 179 -29.93 35.54 -20.43
C TYR A 179 -28.97 35.13 -19.32
N ALA A 180 -27.93 35.94 -19.08
CA ALA A 180 -26.95 35.63 -18.06
C ALA A 180 -27.54 35.77 -16.66
N ARG A 181 -28.45 36.74 -16.44
CA ARG A 181 -29.11 36.82 -15.15
C ARG A 181 -29.88 35.54 -14.84
N GLN A 182 -30.53 34.97 -15.86
CA GLN A 182 -31.26 33.72 -15.64
C GLN A 182 -30.30 32.58 -15.34
N PHE A 183 -29.17 32.53 -16.05
CA PHE A 183 -28.15 31.53 -15.76
C PHE A 183 -27.68 31.63 -14.31
N LEU A 184 -27.48 32.85 -13.80
CA LEU A 184 -27.09 33.00 -12.40
C LEU A 184 -28.20 32.54 -11.46
N ASP A 185 -29.46 32.91 -11.75
CA ASP A 185 -30.57 32.46 -10.92
C ASP A 185 -30.62 30.93 -10.87
N ASP A 186 -30.31 30.26 -11.99
CA ASP A 186 -30.40 28.82 -12.08
C ASP A 186 -29.24 28.12 -11.37
N SER A 187 -28.05 28.72 -11.42
CA SER A 187 -26.82 28.05 -11.03
C SER A 187 -26.34 28.43 -9.63
N VAL A 188 -26.49 29.69 -9.25
CA VAL A 188 -26.00 30.18 -7.96
C VAL A 188 -27.13 30.98 -7.30
N PRO A 189 -28.27 30.35 -6.99
CA PRO A 189 -29.47 31.11 -6.62
C PRO A 189 -29.33 31.87 -5.31
N LEU A 190 -29.94 33.05 -5.27
CA LEU A 190 -30.10 33.77 -4.03
C LEU A 190 -31.27 33.22 -3.22
N ALA A 191 -31.26 33.47 -1.92
CA ALA A 191 -32.38 33.09 -1.07
C ALA A 191 -33.52 34.08 -1.26
N GLY A 192 -34.59 33.64 -1.92
CA GLY A 192 -35.78 34.45 -2.00
C GLY A 192 -35.67 35.69 -2.88
N ALA A 193 -34.79 35.67 -3.88
CA ALA A 193 -34.59 36.84 -4.73
C ALA A 193 -33.97 36.42 -6.05
N SER A 194 -34.07 37.33 -7.03
CA SER A 194 -33.47 37.15 -8.35
C SER A 194 -32.34 38.15 -8.53
N TYR A 195 -31.27 37.72 -9.21
CA TYR A 195 -30.21 38.66 -9.57
C TYR A 195 -30.70 39.79 -10.47
N THR A 196 -31.87 39.61 -11.13
CA THR A 196 -32.42 40.69 -11.92
CA THR A 196 -32.40 40.70 -11.92
C THR A 196 -32.68 41.93 -11.07
N ASP A 197 -32.89 41.76 -9.77
CA ASP A 197 -33.19 42.86 -8.87
C ASP A 197 -31.99 43.33 -8.06
N ALA A 198 -30.79 42.81 -8.36
CA ALA A 198 -29.59 43.24 -7.64
C ALA A 198 -29.27 44.69 -7.91
N THR A 199 -28.82 45.40 -6.86
CA THR A 199 -28.31 46.75 -7.01
C THR A 199 -26.83 46.85 -6.65
N GLY A 200 -26.24 45.78 -6.12
CA GLY A 200 -24.84 45.79 -5.79
C GLY A 200 -24.46 44.57 -4.98
N PHE A 201 -23.17 44.50 -4.65
CA PHE A 201 -22.58 43.34 -4.00
C PHE A 201 -21.61 43.80 -2.92
N LYS A 202 -21.57 43.07 -1.82
CA LYS A 202 -20.63 43.36 -0.74
C LYS A 202 -20.22 42.06 -0.07
N VAL A 203 -19.11 42.10 0.68
CA VAL A 203 -18.66 40.96 1.47
C VAL A 203 -18.70 41.36 2.94
N GLU A 204 -19.46 40.61 3.73
CA GLU A 204 -19.62 40.88 5.16
C GLU A 204 -19.43 39.59 5.93
N ASP A 205 -18.51 39.60 6.91
CA ASP A 205 -18.21 38.43 7.72
C ASP A 205 -17.91 37.22 6.83
N GLY A 206 -17.15 37.45 5.76
CA GLY A 206 -16.71 36.38 4.89
C GLY A 206 -17.77 35.80 3.97
N GLN A 207 -18.94 36.43 3.86
CA GLN A 207 -20.01 35.88 3.02
C GLN A 207 -20.61 36.95 2.12
N LEU A 208 -21.10 36.52 0.97
CA LEU A 208 -21.65 37.44 -0.02
C LEU A 208 -23.00 38.02 0.43
N VAL A 209 -23.14 39.34 0.29
CA VAL A 209 -24.42 40.02 0.48
C VAL A 209 -24.78 40.72 -0.82
N VAL A 210 -25.92 40.36 -1.42
CA VAL A 210 -26.39 41.01 -2.63
C VAL A 210 -27.46 42.03 -2.27
N SER A 211 -27.21 43.31 -2.58
CA SER A 211 -28.20 44.35 -2.34
C SER A 211 -29.30 44.29 -3.38
N LEU A 212 -30.53 44.48 -2.92
CA LEU A 212 -31.69 44.52 -3.81
C LEU A 212 -32.32 45.92 -3.78
N ALA A 213 -33.60 46.01 -4.17
CA ALA A 213 -34.24 47.33 -4.28
C ALA A 213 -34.35 48.00 -2.92
N ASP A 214 -34.87 47.29 -1.92
CA ASP A 214 -35.05 47.84 -0.59
C ASP A 214 -34.65 46.86 0.51
N THR A 215 -34.02 45.74 0.16
CA THR A 215 -33.59 44.70 1.08
C THR A 215 -32.26 44.15 0.58
N SER A 216 -31.75 43.10 1.23
CA SER A 216 -30.58 42.39 0.77
CA SER A 216 -30.58 42.38 0.74
C SER A 216 -30.84 40.89 0.86
N ALA A 217 -30.01 40.10 0.17
CA ALA A 217 -30.15 38.65 0.17
C ALA A 217 -28.80 37.98 0.20
N ALA A 218 -28.76 36.81 0.84
CA ALA A 218 -27.63 35.90 0.82
C ALA A 218 -27.80 34.88 -0.30
N LEU A 219 -26.71 34.19 -0.62
CA LEU A 219 -26.83 32.98 -1.42
C LEU A 219 -27.68 31.95 -0.70
N ALA A 220 -28.48 31.20 -1.47
CA ALA A 220 -29.22 30.09 -0.88
C ALA A 220 -28.27 29.07 -0.28
N ASP A 221 -27.13 28.83 -0.94
CA ASP A 221 -26.04 28.04 -0.40
C ASP A 221 -24.80 28.94 -0.30
N PRO A 222 -24.54 29.52 0.87
CA PRO A 222 -23.36 30.39 1.01
C PRO A 222 -22.05 29.72 0.68
N GLY A 223 -22.00 28.38 0.72
CA GLY A 223 -20.78 27.66 0.36
C GLY A 223 -20.36 27.83 -1.09
N GLN A 224 -21.25 28.34 -1.96
CA GLN A 224 -20.86 28.58 -3.34
C GLN A 224 -19.95 29.79 -3.50
N PHE A 225 -19.84 30.64 -2.48
CA PHE A 225 -18.95 31.80 -2.55
C PHE A 225 -17.50 31.34 -2.44
N ALA A 226 -16.67 31.69 -3.43
CA ALA A 226 -15.28 31.24 -3.49
C ALA A 226 -14.23 32.35 -3.37
N GLY A 227 -14.57 33.62 -3.61
CA GLY A 227 -13.58 34.66 -3.51
C GLY A 227 -14.07 35.95 -4.13
N TYR A 228 -13.19 36.95 -4.11
CA TYR A 228 -13.54 38.25 -4.68
C TYR A 228 -12.28 39.03 -5.00
N THR A 229 -12.44 40.13 -5.75
CA THR A 229 -11.38 41.11 -5.95
C THR A 229 -11.90 42.49 -5.57
N GLY A 230 -10.97 43.42 -5.33
CA GLY A 230 -11.31 44.71 -4.77
C GLY A 230 -11.58 44.63 -3.28
N THR A 231 -12.17 45.70 -2.75
CA THR A 231 -12.47 45.79 -1.32
C THR A 231 -13.75 45.01 -1.00
N ALA A 232 -13.88 44.64 0.28
CA ALA A 232 -15.09 43.95 0.73
C ALA A 232 -16.32 44.82 0.59
N GLU A 233 -16.17 46.13 0.81
CA GLU A 233 -17.33 47.01 0.73
C GLU A 233 -17.71 47.33 -0.71
N ASN A 234 -16.76 47.32 -1.65
CA ASN A 234 -17.02 47.65 -3.05
C ASN A 234 -16.21 46.75 -3.97
N PRO A 235 -16.53 45.45 -3.99
CA PRO A 235 -15.73 44.51 -4.78
C PRO A 235 -15.78 44.80 -6.28
N LYS A 236 -14.67 44.47 -6.96
CA LYS A 236 -14.59 44.55 -8.41
C LYS A 236 -15.03 43.26 -9.10
N SER A 237 -15.10 42.14 -8.36
CA SER A 237 -15.64 40.91 -8.90
C SER A 237 -16.01 39.98 -7.76
N ILE A 238 -16.93 39.06 -8.04
CA ILE A 238 -17.39 38.04 -7.12
C ILE A 238 -17.15 36.68 -7.79
N LEU A 239 -16.40 35.81 -7.12
CA LEU A 239 -16.11 34.47 -7.62
C LEU A 239 -16.99 33.44 -6.91
N LEU A 240 -17.67 32.60 -7.69
CA LEU A 240 -18.56 31.56 -7.19
C LEU A 240 -18.14 30.22 -7.78
N ALA A 241 -18.67 29.15 -7.21
CA ALA A 241 -18.47 27.81 -7.78
C ALA A 241 -19.75 27.00 -7.70
N ASN A 242 -19.97 26.20 -8.73
CA ASN A 242 -21.12 25.31 -8.81
C ASN A 242 -20.73 24.09 -9.62
N HIS A 243 -21.02 22.90 -9.09
CA HIS A 243 -20.68 21.64 -9.77
C HIS A 243 -19.19 21.60 -10.13
N GLY A 244 -18.37 22.15 -9.26
CA GLY A 244 -16.93 22.09 -9.45
C GLY A 244 -16.35 23.09 -10.43
N LEU A 245 -17.16 23.98 -11.01
CA LEU A 245 -16.72 24.94 -12.02
C LEU A 245 -16.94 26.35 -11.51
N HIS A 246 -16.02 27.24 -11.81
CA HIS A 246 -16.12 28.60 -11.28
C HIS A 246 -16.91 29.52 -12.21
N ILE A 247 -17.55 30.51 -11.58
CA ILE A 247 -18.30 31.58 -12.22
C ILE A 247 -17.82 32.88 -11.58
N GLU A 248 -17.50 33.88 -12.40
CA GLU A 248 -17.05 35.17 -11.85
C GLU A 248 -17.89 36.31 -12.41
N ILE A 249 -18.48 37.09 -11.52
CA ILE A 249 -19.27 38.26 -11.90
C ILE A 249 -18.34 39.46 -11.83
N LEU A 250 -18.15 40.15 -12.96
CA LEU A 250 -17.29 41.34 -13.00
C LEU A 250 -18.14 42.59 -12.79
N ILE A 251 -17.70 43.46 -11.89
CA ILE A 251 -18.45 44.64 -11.48
C ILE A 251 -17.64 45.89 -11.85
N ASP A 252 -18.22 46.76 -12.67
CA ASP A 252 -17.60 48.03 -13.02
C ASP A 252 -18.66 49.00 -13.52
N PRO A 253 -19.24 49.82 -12.63
CA PRO A 253 -20.28 50.77 -13.07
C PRO A 253 -19.76 51.85 -14.01
N GLU A 254 -18.45 51.95 -14.21
CA GLU A 254 -17.89 52.93 -15.14
C GLU A 254 -17.70 52.35 -16.53
N SER A 255 -17.72 51.03 -16.68
CA SER A 255 -17.57 50.42 -17.98
C SER A 255 -18.80 50.71 -18.84
N GLN A 256 -18.67 50.42 -20.13
CA GLN A 256 -19.77 50.68 -21.04
C GLN A 256 -21.00 49.86 -20.67
N ILE A 257 -20.80 48.56 -20.46
CA ILE A 257 -21.91 47.67 -20.15
C ILE A 257 -22.37 47.87 -18.71
N GLY A 258 -21.42 47.96 -17.77
CA GLY A 258 -21.78 48.13 -16.37
C GLY A 258 -22.59 49.39 -16.10
N ALA A 259 -22.35 50.46 -16.87
CA ALA A 259 -23.13 51.68 -16.69
C ALA A 259 -24.58 51.50 -17.08
N THR A 260 -24.91 50.49 -17.90
CA THR A 260 -26.29 50.19 -18.27
C THR A 260 -26.94 49.17 -17.32
N ASP A 261 -26.19 48.64 -16.36
CA ASP A 261 -26.64 47.51 -15.57
C ASP A 261 -27.04 47.98 -14.17
N GLY A 262 -28.17 47.43 -13.69
CA GLY A 262 -28.70 47.86 -12.41
C GLY A 262 -27.79 47.60 -11.22
N ALA A 263 -26.87 46.65 -11.35
CA ALA A 263 -25.88 46.37 -10.30
C ALA A 263 -24.46 46.67 -10.74
N GLY A 264 -24.28 47.37 -11.87
CA GLY A 264 -22.94 47.63 -12.35
C GLY A 264 -22.21 46.45 -12.95
N VAL A 265 -22.92 45.34 -13.21
CA VAL A 265 -22.27 44.15 -13.74
C VAL A 265 -21.81 44.40 -15.17
N LYS A 266 -20.57 44.03 -15.47
CA LYS A 266 -19.93 44.22 -16.77
C LYS A 266 -19.84 42.93 -17.59
N ASP A 267 -19.74 41.77 -16.93
CA ASP A 267 -19.58 40.48 -17.60
C ASP A 267 -19.78 39.38 -16.58
N VAL A 268 -19.98 38.17 -17.09
CA VAL A 268 -19.94 36.93 -16.32
C VAL A 268 -18.93 36.02 -17.01
N ILE A 269 -17.89 35.64 -16.30
CA ILE A 269 -16.82 34.79 -16.83
C ILE A 269 -17.06 33.36 -16.37
N LEU A 270 -17.03 32.41 -17.29
CA LEU A 270 -17.19 31.00 -16.94
C LEU A 270 -15.86 30.27 -17.09
N GLU A 271 -15.51 29.49 -16.08
CA GLU A 271 -14.51 28.45 -16.28
C GLU A 271 -15.08 27.41 -17.23
N SER A 272 -14.38 27.15 -18.34
CA SER A 272 -14.99 26.25 -19.32
C SER A 272 -14.06 25.17 -19.84
N ALA A 273 -13.13 25.51 -20.73
CA ALA A 273 -12.21 24.50 -21.28
C ALA A 273 -11.21 24.11 -20.21
N ILE A 274 -11.64 23.20 -19.34
CA ILE A 274 -10.82 22.75 -18.22
C ILE A 274 -9.57 22.04 -18.72
N THR A 275 -9.72 21.27 -19.80
CA THR A 275 -8.61 20.61 -20.47
C THR A 275 -8.71 20.90 -21.96
N THR A 276 -7.57 20.83 -22.64
CA THR A 276 -7.47 21.07 -24.06
C THR A 276 -6.52 20.04 -24.65
N ILE A 277 -6.88 19.49 -25.81
CA ILE A 277 -6.03 18.56 -26.52
C ILE A 277 -5.32 19.32 -27.65
N MET A 278 -3.99 19.43 -27.54
CA MET A 278 -3.16 20.00 -28.60
C MET A 278 -2.86 18.90 -29.64
N ASP A 279 -3.36 19.07 -30.85
CA ASP A 279 -3.55 17.95 -31.78
C ASP A 279 -2.44 17.89 -32.84
N PHE A 280 -1.72 16.76 -32.88
CA PHE A 280 -0.81 16.43 -33.98
C PHE A 280 -1.46 15.53 -35.00
N GLU A 281 -2.71 15.10 -34.80
CA GLU A 281 -3.31 14.09 -35.65
C GLU A 281 -4.36 14.67 -36.60
N ASP A 282 -5.64 14.35 -36.41
CA ASP A 282 -6.59 14.51 -37.50
C ASP A 282 -6.86 15.95 -37.92
N SER A 283 -6.50 16.95 -37.11
CA SER A 283 -6.76 18.33 -37.48
C SER A 283 -5.56 19.05 -38.08
N VAL A 284 -4.42 18.38 -38.29
CA VAL A 284 -3.26 19.03 -38.90
C VAL A 284 -2.78 18.25 -40.11
N ALA A 285 -2.06 18.94 -40.98
CA ALA A 285 -1.41 18.36 -42.15
C ALA A 285 0.10 18.47 -41.93
N ALA A 286 0.75 17.35 -41.66
CA ALA A 286 2.19 17.36 -41.39
C ALA A 286 2.81 16.14 -42.05
N VAL A 287 3.58 16.36 -43.13
CA VAL A 287 3.97 15.27 -44.02
C VAL A 287 5.47 15.10 -44.14
N ASP A 288 6.27 15.88 -43.40
CA ASP A 288 7.73 15.82 -43.52
C ASP A 288 8.34 16.46 -42.27
N ALA A 289 9.66 16.51 -42.24
CA ALA A 289 10.36 17.03 -41.06
C ALA A 289 10.02 18.48 -40.80
N ASP A 290 9.93 19.30 -41.85
CA ASP A 290 9.62 20.72 -41.65
C ASP A 290 8.29 20.89 -40.93
N ASP A 291 7.27 20.15 -41.36
CA ASP A 291 5.94 20.25 -40.74
C ASP A 291 5.97 19.75 -39.30
N LYS A 292 6.64 18.62 -39.05
CA LYS A 292 6.67 18.10 -37.69
C LYS A 292 7.39 19.04 -36.75
N VAL A 293 8.45 19.70 -37.25
CA VAL A 293 9.19 20.62 -36.39
C VAL A 293 8.33 21.83 -36.02
N LEU A 294 7.54 22.33 -36.96
CA LEU A 294 6.62 23.42 -36.62
C LEU A 294 5.69 23.01 -35.47
N GLY A 295 5.16 21.80 -35.52
CA GLY A 295 4.27 21.35 -34.44
C GLY A 295 5.00 21.15 -33.13
N TYR A 296 6.16 20.48 -33.19
CA TYR A 296 6.94 20.26 -31.97
C TYR A 296 7.36 21.59 -31.35
N ARG A 297 7.68 22.59 -32.18
CA ARG A 297 8.09 23.89 -31.64
C ARG A 297 6.93 24.58 -30.92
N ASN A 298 5.71 24.49 -31.46
CA ASN A 298 4.57 25.07 -30.76
C ASN A 298 4.27 24.33 -29.46
N TRP A 299 4.36 23.00 -29.47
CA TRP A 299 4.18 22.24 -28.24
C TRP A 299 5.25 22.61 -27.22
N LEU A 300 6.48 22.87 -27.68
CA LEU A 300 7.55 23.34 -26.79
C LEU A 300 7.20 24.69 -26.17
N GLY A 301 6.71 25.64 -26.97
CA GLY A 301 6.38 26.94 -26.42
C GLY A 301 5.27 26.88 -25.41
N LEU A 302 4.35 25.94 -25.57
CA LEU A 302 3.26 25.79 -24.61
C LEU A 302 3.78 25.24 -23.29
N ASN A 303 4.71 24.29 -23.35
CA ASN A 303 5.21 23.65 -22.14
C ASN A 303 6.26 24.50 -21.44
N ARG A 304 7.11 25.21 -22.20
CA ARG A 304 7.97 26.21 -21.57
C ARG A 304 7.14 27.38 -21.04
N GLY A 305 6.01 27.67 -21.67
CA GLY A 305 5.16 28.78 -21.29
C GLY A 305 5.44 30.08 -22.01
N ASP A 306 6.40 30.10 -22.94
CA ASP A 306 6.83 31.33 -23.58
C ASP A 306 6.33 31.48 -25.01
N LEU A 307 5.39 30.64 -25.44
CA LEU A 307 4.86 30.77 -26.79
C LEU A 307 4.19 32.13 -26.95
N SER A 308 4.48 32.79 -28.06
CA SER A 308 3.91 34.10 -28.32
CA SER A 308 4.00 34.14 -28.33
C SER A 308 3.70 34.26 -29.81
N GLU A 309 2.66 35.01 -30.16
CA GLU A 309 2.30 35.20 -31.56
C GLU A 309 1.75 36.59 -31.74
N ASP A 310 2.29 37.33 -32.72
CA ASP A 310 1.74 38.63 -33.07
C ASP A 310 0.47 38.43 -33.88
N VAL A 311 -0.60 39.11 -33.48
CA VAL A 311 -1.92 38.94 -34.09
C VAL A 311 -2.39 40.30 -34.58
N THR A 312 -2.69 40.40 -35.87
CA THR A 312 -3.19 41.62 -36.48
C THR A 312 -4.68 41.45 -36.76
N LYS A 313 -5.51 42.24 -36.09
CA LYS A 313 -6.96 42.12 -36.19
C LYS A 313 -7.65 43.49 -36.12
N LYS A 316 -5.05 46.97 -36.04
CA LYS A 316 -4.12 46.96 -34.91
C LYS A 316 -3.34 45.64 -34.84
N THR A 317 -2.26 45.63 -34.07
CA THR A 317 -1.46 44.43 -33.87
C THR A 317 -1.07 44.33 -32.41
N PHE A 318 -1.24 43.14 -31.83
CA PHE A 318 -0.87 42.88 -30.46
C PHE A 318 -0.12 41.56 -30.38
N THR A 319 0.51 41.31 -29.24
CA THR A 319 1.30 40.11 -29.01
C THR A 319 0.52 39.20 -28.08
N ARG A 320 0.02 38.08 -28.61
CA ARG A 320 -0.73 37.13 -27.81
C ARG A 320 0.23 36.24 -27.02
N VAL A 321 -0.01 36.12 -25.71
CA VAL A 321 0.80 35.27 -24.84
C VAL A 321 -0.14 34.44 -23.96
N LEU A 322 0.46 33.54 -23.19
CA LEU A 322 -0.31 32.69 -22.28
C LEU A 322 -0.74 33.46 -21.04
N ASN A 323 -1.98 33.19 -20.60
CA ASN A 323 -2.52 33.83 -19.41
C ASN A 323 -1.76 33.42 -18.16
N THR A 324 -1.65 34.37 -17.21
CA THR A 324 -1.16 34.08 -15.87
C THR A 324 -2.26 33.37 -15.07
N ASP A 325 -1.86 32.79 -13.94
CA ASP A 325 -2.88 32.28 -13.02
C ASP A 325 -3.68 33.46 -12.44
N ARG A 326 -4.83 33.14 -11.86
CA ARG A 326 -5.79 34.14 -11.39
C ARG A 326 -5.76 34.20 -9.87
N THR A 327 -5.66 35.41 -9.31
CA THR A 327 -5.57 35.61 -7.87
CA THR A 327 -5.57 35.61 -7.88
C THR A 327 -6.78 36.37 -7.36
N TYR A 328 -7.23 35.99 -6.16
CA TYR A 328 -8.42 36.54 -5.51
C TYR A 328 -8.14 36.70 -4.03
N THR A 329 -8.94 37.56 -3.39
CA THR A 329 -9.07 37.49 -1.94
C THR A 329 -10.06 36.38 -1.59
N ALA A 330 -9.66 35.47 -0.70
CA ALA A 330 -10.57 34.40 -0.32
C ALA A 330 -11.69 34.96 0.55
N PRO A 331 -12.82 34.26 0.66
CA PRO A 331 -13.96 34.81 1.41
C PRO A 331 -13.60 35.34 2.78
N HIS A 332 -12.79 34.60 3.56
CA HIS A 332 -12.45 35.00 4.91
C HIS A 332 -11.08 35.63 4.99
N GLY A 333 -10.56 36.11 3.87
CA GLY A 333 -9.25 36.71 3.81
C GLY A 333 -8.19 35.72 3.33
N GLY A 334 -7.03 36.27 2.97
CA GLY A 334 -5.98 35.47 2.38
C GLY A 334 -6.08 35.49 0.87
N GLU A 335 -5.13 34.80 0.23
CA GLU A 335 -4.98 34.83 -1.21
C GLU A 335 -5.34 33.47 -1.81
N LEU A 336 -6.25 33.48 -2.78
CA LEU A 336 -6.63 32.28 -3.53
C LEU A 336 -6.02 32.36 -4.91
N THR A 337 -5.34 31.30 -5.34
CA THR A 337 -4.76 31.23 -6.68
C THR A 337 -5.42 30.09 -7.44
N LEU A 338 -5.98 30.41 -8.63
CA LEU A 338 -6.58 29.41 -9.51
C LEU A 338 -5.79 29.30 -10.81
N PRO A 339 -5.74 28.12 -11.41
CA PRO A 339 -5.04 28.00 -12.70
C PRO A 339 -5.69 28.88 -13.76
N GLY A 340 -4.86 29.63 -14.47
CA GLY A 340 -5.37 30.49 -15.53
C GLY A 340 -5.44 29.84 -16.88
N ARG A 341 -4.88 28.65 -17.04
CA ARG A 341 -4.76 28.00 -18.34
C ARG A 341 -5.39 26.62 -18.33
N SER A 342 -5.81 26.19 -19.52
CA SER A 342 -6.35 24.84 -19.68
CA SER A 342 -6.35 24.84 -19.68
C SER A 342 -5.26 23.81 -19.45
N LEU A 343 -5.61 22.71 -18.78
CA LEU A 343 -4.64 21.64 -18.60
C LEU A 343 -4.46 20.92 -19.93
N LEU A 344 -3.22 20.76 -20.39
CA LEU A 344 -2.94 20.36 -21.78
C LEU A 344 -2.64 18.87 -21.90
N PHE A 345 -3.38 18.22 -22.82
CA PHE A 345 -3.05 16.94 -23.45
C PHE A 345 -2.34 17.23 -24.77
N VAL A 346 -1.61 16.22 -25.28
CA VAL A 346 -1.17 16.24 -26.68
C VAL A 346 -1.66 14.96 -27.34
N ARG A 347 -2.33 15.09 -28.50
CA ARG A 347 -2.74 13.92 -29.26
C ARG A 347 -1.64 13.58 -30.26
N ASN A 348 -0.93 12.48 -29.99
CA ASN A 348 0.02 11.92 -30.93
C ASN A 348 -0.71 11.24 -32.08
N VAL A 349 0.02 10.97 -33.18
CA VAL A 349 -0.57 10.11 -34.20
C VAL A 349 -0.59 8.66 -33.72
N GLY A 350 -1.42 7.85 -34.37
CA GLY A 350 -1.55 6.44 -34.06
C GLY A 350 -0.49 5.58 -34.73
N HIS A 351 -0.73 4.27 -34.76
CA HIS A 351 0.28 3.29 -35.14
C HIS A 351 0.55 3.17 -36.64
N LEU A 352 -0.26 3.78 -37.52
CA LEU A 352 -0.19 3.41 -38.94
C LEU A 352 1.01 4.00 -39.68
N MET A 353 1.20 5.32 -39.59
CA MET A 353 2.02 6.00 -40.59
C MET A 353 3.49 6.04 -40.25
N THR A 354 4.32 6.10 -41.29
CA THR A 354 5.72 6.46 -41.18
C THR A 354 5.93 7.89 -41.67
N ASN A 355 7.07 8.46 -41.31
CA ASN A 355 7.40 9.82 -41.71
C ASN A 355 8.89 9.86 -41.97
N ASP A 356 9.28 10.44 -43.11
CA ASP A 356 10.69 10.38 -43.46
C ASP A 356 11.53 11.44 -42.77
N ALA A 357 10.99 12.12 -41.75
CA ALA A 357 11.83 13.00 -40.94
C ALA A 357 13.02 12.25 -40.38
N ILE A 358 12.87 10.96 -40.09
CA ILE A 358 13.98 10.07 -39.79
C ILE A 358 13.85 8.84 -40.69
N VAL A 359 14.98 8.37 -41.22
CA VAL A 359 15.02 7.08 -41.91
C VAL A 359 15.96 6.17 -41.14
N SER A 360 15.67 4.88 -41.17
CA SER A 360 16.42 3.90 -40.41
C SER A 360 17.08 2.89 -41.33
N ASP A 361 18.33 2.55 -41.01
CA ASP A 361 19.05 1.46 -41.64
C ASP A 361 19.10 0.22 -40.77
N ALA A 362 18.46 0.26 -39.59
CA ALA A 362 18.51 -0.83 -38.64
C ALA A 362 17.93 -2.10 -39.26
N GLU A 363 18.74 -3.17 -39.27
CA GLU A 363 18.27 -4.51 -39.57
C GLU A 363 17.53 -4.58 -40.91
N GLY A 364 18.29 -4.56 -42.01
CA GLY A 364 17.72 -4.76 -43.34
C GLY A 364 16.99 -3.57 -43.92
N ALA A 365 16.50 -2.64 -43.09
CA ALA A 365 15.81 -1.46 -43.59
C ALA A 365 16.75 -0.64 -44.47
N GLU A 366 16.35 -0.39 -45.71
CA GLU A 366 17.18 0.35 -46.66
C GLU A 366 16.78 1.82 -46.65
N GLY A 367 17.01 2.47 -45.52
CA GLY A 367 16.61 3.85 -45.36
C GLY A 367 15.11 3.99 -45.27
N ALA A 368 14.47 3.13 -44.48
CA ALA A 368 13.02 3.12 -44.40
C ALA A 368 12.55 4.25 -43.50
N PRO A 369 11.54 5.04 -43.92
CA PRO A 369 10.96 6.04 -43.02
C PRO A 369 10.51 5.41 -41.71
N VAL A 370 10.71 6.15 -40.61
CA VAL A 370 10.46 5.67 -39.24
C VAL A 370 8.99 5.85 -38.87
N PHE A 371 8.46 4.94 -38.06
CA PHE A 371 7.09 5.05 -37.61
C PHE A 371 6.86 6.36 -36.85
N GLU A 372 5.83 7.08 -37.28
CA GLU A 372 5.61 8.42 -36.77
C GLU A 372 5.08 8.44 -35.34
N GLY A 373 4.27 7.45 -34.96
CA GLY A 373 3.78 7.39 -33.59
C GLY A 373 4.89 7.17 -32.58
N ILE A 374 5.88 6.35 -32.95
CA ILE A 374 7.07 6.18 -32.12
C ILE A 374 7.79 7.50 -31.94
N MET A 375 8.02 8.22 -33.05
CA MET A 375 8.67 9.53 -32.95
C MET A 375 7.87 10.51 -32.09
N ASP A 376 6.54 10.56 -32.27
CA ASP A 376 5.75 11.48 -31.47
C ASP A 376 5.90 11.21 -29.97
N ALA A 377 5.92 9.93 -29.58
CA ALA A 377 6.06 9.62 -28.15
C ALA A 377 7.40 10.12 -27.62
N LEU A 378 8.47 9.89 -28.36
CA LEU A 378 9.79 10.34 -27.93
C LEU A 378 9.87 11.86 -27.85
N PHE A 379 9.39 12.55 -28.89
CA PHE A 379 9.61 13.99 -29.00
C PHE A 379 8.57 14.80 -28.23
N THR A 380 7.28 14.44 -28.29
CA THR A 380 6.33 15.17 -27.45
C THR A 380 6.53 14.83 -25.98
N GLY A 381 7.04 13.63 -25.68
CA GLY A 381 7.36 13.31 -24.30
C GLY A 381 8.56 14.09 -23.79
N LEU A 382 9.62 14.17 -24.60
CA LEU A 382 10.79 14.99 -24.26
C LEU A 382 10.38 16.42 -23.96
N ILE A 383 9.60 17.02 -24.87
CA ILE A 383 9.21 18.41 -24.74
C ILE A 383 8.32 18.63 -23.51
N ALA A 384 7.50 17.64 -23.16
CA ALA A 384 6.59 17.80 -22.03
C ALA A 384 7.31 17.88 -20.69
N ILE A 385 8.58 17.49 -20.62
CA ILE A 385 9.35 17.67 -19.39
C ILE A 385 9.31 19.13 -18.95
N HIS A 386 9.33 20.06 -19.90
CA HIS A 386 9.35 21.48 -19.54
C HIS A 386 8.06 21.89 -18.84
N GLY A 387 6.93 21.28 -19.18
CA GLY A 387 5.67 21.58 -18.54
C GLY A 387 5.57 21.12 -17.10
N LEU A 388 6.53 20.33 -16.64
CA LEU A 388 6.59 19.86 -15.26
C LEU A 388 7.51 20.69 -14.39
N ARG A 389 8.23 21.65 -14.95
CA ARG A 389 9.26 22.39 -14.23
C ARG A 389 9.00 23.88 -14.27
N SER A 390 9.13 24.54 -13.12
CA SER A 390 8.98 25.99 -13.00
C SER A 390 10.34 26.58 -12.62
N THR A 391 11.15 26.87 -13.64
CA THR A 391 12.49 27.41 -13.45
C THR A 391 12.77 28.43 -14.53
N ASP A 392 13.86 29.18 -14.37
CA ASP A 392 14.29 30.08 -15.44
C ASP A 392 14.68 29.29 -16.69
N ALA A 393 15.34 28.14 -16.49
CA ALA A 393 15.79 27.35 -17.63
C ALA A 393 14.62 26.73 -18.39
N ASN A 394 13.50 26.49 -17.71
CA ASN A 394 12.35 25.83 -18.30
C ASN A 394 11.18 26.75 -18.56
N GLY A 395 11.23 28.00 -18.08
CA GLY A 395 10.05 28.85 -18.04
C GLY A 395 9.26 28.61 -16.77
N LEU A 396 8.58 29.65 -16.27
CA LEU A 396 7.91 29.53 -14.98
C LEU A 396 6.52 28.92 -15.05
N LEU A 397 5.85 28.97 -16.20
CA LEU A 397 4.49 28.46 -16.29
C LEU A 397 4.50 26.95 -16.50
N THR A 398 3.73 26.23 -15.67
CA THR A 398 3.69 24.77 -15.74
C THR A 398 2.32 24.29 -16.18
N ASN A 399 2.28 23.00 -16.53
CA ASN A 399 1.06 22.35 -16.98
C ASN A 399 0.47 21.50 -15.85
N SER A 400 0.97 20.28 -15.69
CA SER A 400 0.52 19.42 -14.62
C SER A 400 1.02 19.93 -13.27
N ARG A 401 0.16 19.83 -12.26
CA ARG A 401 0.53 20.11 -10.88
C ARG A 401 0.80 18.85 -10.09
N THR A 402 0.71 17.68 -10.71
CA THR A 402 0.83 16.38 -10.05
C THR A 402 1.91 15.49 -10.65
N GLY A 403 2.66 15.97 -11.63
CA GLY A 403 3.79 15.25 -12.17
C GLY A 403 3.52 14.34 -13.36
N SER A 404 2.40 14.53 -14.06
CA SER A 404 2.05 13.65 -15.18
C SER A 404 2.16 14.37 -16.52
N ILE A 405 2.37 13.55 -17.57
CA ILE A 405 2.30 13.96 -18.96
C ILE A 405 1.11 13.23 -19.59
N TYR A 406 0.31 13.95 -20.38
CA TYR A 406 -0.97 13.43 -20.88
C TYR A 406 -0.96 13.32 -22.40
N ILE A 407 -1.00 12.08 -22.90
CA ILE A 407 -0.94 11.80 -24.34
C ILE A 407 -2.22 11.11 -24.76
N VAL A 408 -2.93 11.68 -25.74
CA VAL A 408 -4.05 11.01 -26.37
C VAL A 408 -3.52 10.11 -27.47
N LYS A 409 -3.91 8.84 -27.45
CA LYS A 409 -3.45 7.90 -28.47
C LYS A 409 -4.64 7.46 -29.31
N PRO A 410 -4.69 7.83 -30.58
CA PRO A 410 -5.87 7.57 -31.40
C PRO A 410 -5.75 6.28 -32.20
N LYS A 411 -6.89 5.86 -32.74
CA LYS A 411 -6.98 4.88 -33.83
C LYS A 411 -6.35 3.52 -33.48
N MET A 412 -6.40 3.12 -32.21
CA MET A 412 -5.93 1.78 -31.84
C MET A 412 -7.01 0.73 -32.09
N HIS A 413 -6.55 -0.47 -32.46
CA HIS A 413 -7.42 -1.61 -32.78
C HIS A 413 -7.13 -2.76 -31.81
N GLY A 414 -7.85 -2.79 -30.68
CA GLY A 414 -7.79 -3.93 -29.80
C GLY A 414 -6.70 -3.87 -28.73
N PRO A 415 -6.73 -4.82 -27.80
CA PRO A 415 -5.90 -4.68 -26.59
C PRO A 415 -4.41 -4.86 -26.81
N ALA A 416 -4.00 -5.70 -27.77
CA ALA A 416 -2.56 -5.81 -28.05
C ALA A 416 -1.99 -4.47 -28.48
N GLU A 417 -2.78 -3.68 -29.22
CA GLU A 417 -2.31 -2.38 -29.67
C GLU A 417 -2.24 -1.38 -28.52
N VAL A 418 -3.12 -1.52 -27.52
CA VAL A 418 -3.01 -0.69 -26.32
C VAL A 418 -1.77 -1.10 -25.52
N ALA A 419 -1.54 -2.41 -25.37
CA ALA A 419 -0.35 -2.87 -24.65
C ALA A 419 0.92 -2.33 -25.30
N PHE A 420 0.95 -2.27 -26.64
CA PHE A 420 2.10 -1.74 -27.34
C PHE A 420 2.32 -0.26 -27.04
N THR A 421 1.25 0.53 -27.05
CA THR A 421 1.37 1.94 -26.68
C THR A 421 1.97 2.09 -25.28
N CYS A 422 1.51 1.27 -24.32
CA CYS A 422 2.05 1.38 -22.97
C CYS A 422 3.51 0.93 -22.91
N GLU A 423 3.90 -0.07 -23.70
CA GLU A 423 5.31 -0.45 -23.73
C GLU A 423 6.16 0.64 -24.38
N LEU A 424 5.65 1.26 -25.45
CA LEU A 424 6.33 2.41 -26.04
C LEU A 424 6.55 3.52 -25.00
N PHE A 425 5.49 3.87 -24.25
CA PHE A 425 5.63 4.93 -23.25
C PHE A 425 6.65 4.54 -22.18
N SER A 426 6.62 3.27 -21.74
CA SER A 426 7.61 2.80 -20.76
C SER A 426 9.03 2.95 -21.27
N ARG A 427 9.26 2.61 -22.54
CA ARG A 427 10.59 2.72 -23.12
C ARG A 427 11.03 4.18 -23.26
N VAL A 428 10.09 5.05 -23.62
CA VAL A 428 10.38 6.48 -23.71
C VAL A 428 10.74 7.05 -22.34
N GLU A 429 10.00 6.64 -21.31
CA GLU A 429 10.31 7.09 -19.95
C GLU A 429 11.74 6.72 -19.57
N ASP A 430 12.20 5.55 -19.99
CA ASP A 430 13.58 5.14 -19.72
C ASP A 430 14.57 6.07 -20.41
N VAL A 431 14.32 6.40 -21.68
CA VAL A 431 15.22 7.29 -22.40
C VAL A 431 15.26 8.66 -21.71
N LEU A 432 14.09 9.17 -21.30
CA LEU A 432 13.96 10.51 -20.75
C LEU A 432 14.31 10.61 -19.27
N GLY A 433 14.61 9.50 -18.60
CA GLY A 433 14.89 9.56 -17.19
C GLY A 433 13.70 9.88 -16.32
N LEU A 434 12.47 9.62 -16.81
CA LEU A 434 11.25 9.90 -16.06
C LEU A 434 10.82 8.68 -15.26
N PRO A 435 10.16 8.88 -14.11
CA PRO A 435 9.61 7.73 -13.39
C PRO A 435 8.66 6.95 -14.26
N GLN A 436 8.67 5.63 -14.12
CA GLN A 436 7.72 4.79 -14.84
C GLN A 436 6.31 5.20 -14.48
N GLY A 437 5.45 5.36 -15.50
CA GLY A 437 4.08 5.77 -15.30
C GLY A 437 3.82 7.25 -15.46
N THR A 438 4.86 8.06 -15.63
CA THR A 438 4.67 9.50 -15.84
C THR A 438 3.76 9.79 -17.03
N MET A 439 3.97 9.09 -18.14
CA MET A 439 3.22 9.32 -19.37
C MET A 439 1.89 8.57 -19.30
N LYS A 440 0.80 9.32 -19.18
CA LYS A 440 -0.55 8.79 -19.09
C LYS A 440 -1.19 8.79 -20.47
N VAL A 441 -2.22 7.96 -20.66
CA VAL A 441 -2.80 7.76 -21.98
C VAL A 441 -4.30 8.06 -21.95
N GLY A 442 -4.74 8.92 -22.85
CA GLY A 442 -6.15 9.04 -23.17
C GLY A 442 -6.49 8.12 -24.34
N ILE A 443 -7.34 7.12 -24.10
CA ILE A 443 -7.63 6.11 -25.12
C ILE A 443 -8.84 6.56 -25.93
N MET A 444 -8.67 6.71 -27.25
CA MET A 444 -9.83 6.89 -28.11
C MET A 444 -10.44 5.53 -28.37
N ASP A 445 -11.74 5.42 -28.13
CA ASP A 445 -12.58 4.27 -28.50
C ASP A 445 -13.21 4.68 -29.83
N GLU A 446 -12.53 4.35 -30.93
CA GLU A 446 -12.98 4.87 -32.23
C GLU A 446 -12.67 3.89 -33.35
N GLU A 447 -12.43 2.62 -33.02
CA GLU A 447 -12.26 1.55 -34.00
C GLU A 447 -13.03 0.34 -33.51
N ARG A 448 -13.63 -0.42 -34.44
CA ARG A 448 -14.55 -1.48 -34.05
C ARG A 448 -13.89 -2.53 -33.16
N ARG A 449 -12.63 -2.90 -33.46
CA ARG A 449 -11.98 -3.94 -32.68
C ARG A 449 -11.64 -3.46 -31.26
N THR A 450 -11.57 -2.15 -31.04
CA THR A 450 -11.46 -1.64 -29.68
C THR A 450 -12.82 -1.63 -28.98
N THR A 451 -13.85 -1.11 -29.64
CA THR A 451 -15.20 -1.14 -29.05
C THR A 451 -15.57 -2.54 -28.60
N LEU A 452 -15.36 -3.54 -29.46
CA LEU A 452 -15.82 -4.88 -29.11
C LEU A 452 -14.94 -5.56 -28.08
N ASN A 453 -13.78 -4.98 -27.75
CA ASN A 453 -12.87 -5.54 -26.78
C ASN A 453 -12.47 -4.48 -25.75
N LEU A 454 -13.41 -3.58 -25.41
CA LEU A 454 -13.04 -2.35 -24.72
C LEU A 454 -12.56 -2.61 -23.30
N LYS A 455 -13.22 -3.54 -22.59
CA LYS A 455 -12.78 -3.88 -21.24
C LYS A 455 -11.33 -4.34 -21.24
N ALA A 456 -10.98 -5.23 -22.17
CA ALA A 456 -9.60 -5.70 -22.29
C ALA A 456 -8.64 -4.58 -22.66
N CYS A 457 -9.10 -3.64 -23.50
CA CYS A 457 -8.27 -2.49 -23.87
C CYS A 457 -7.94 -1.63 -22.66
N ILE A 458 -8.94 -1.33 -21.83
CA ILE A 458 -8.70 -0.56 -20.61
C ILE A 458 -7.76 -1.32 -19.68
N LYS A 459 -7.96 -2.64 -19.54
CA LYS A 459 -7.11 -3.42 -18.66
C LYS A 459 -5.65 -3.36 -19.08
N ALA A 460 -5.39 -3.36 -20.39
CA ALA A 460 -4.01 -3.29 -20.86
C ALA A 460 -3.34 -1.97 -20.49
N ALA A 461 -4.11 -0.95 -20.12
CA ALA A 461 -3.57 0.36 -19.73
C ALA A 461 -4.02 0.75 -18.33
N ALA A 462 -4.27 -0.24 -17.46
CA ALA A 462 -5.00 0.04 -16.22
C ALA A 462 -4.27 0.96 -15.25
N ASP A 463 -2.95 1.11 -15.38
CA ASP A 463 -2.20 2.00 -14.50
CA ASP A 463 -2.20 2.00 -14.50
C ASP A 463 -1.79 3.30 -15.19
N ARG A 464 -2.17 3.47 -16.48
CA ARG A 464 -1.85 4.68 -17.24
C ARG A 464 -3.07 5.45 -17.75
N VAL A 465 -4.26 4.83 -17.81
CA VAL A 465 -5.37 5.43 -18.54
C VAL A 465 -5.94 6.61 -17.76
N VAL A 466 -6.16 7.73 -18.47
CA VAL A 466 -6.79 8.91 -17.88
C VAL A 466 -8.08 9.32 -18.57
N PHE A 467 -8.38 8.76 -19.75
CA PHE A 467 -9.75 8.87 -20.27
C PHE A 467 -10.00 7.76 -21.28
N ILE A 468 -11.28 7.51 -21.50
CA ILE A 468 -11.77 6.89 -22.74
C ILE A 468 -12.71 7.90 -23.38
N ASN A 469 -12.77 7.89 -24.71
CA ASN A 469 -13.61 8.85 -25.41
C ASN A 469 -14.16 8.20 -26.68
N THR A 470 -15.46 8.35 -26.92
CA THR A 470 -16.08 7.80 -28.12
C THR A 470 -15.82 8.72 -29.30
N GLY A 471 -14.76 8.43 -30.05
CA GLY A 471 -14.50 9.13 -31.30
C GLY A 471 -15.45 8.63 -32.37
N PHE A 472 -16.69 9.13 -32.35
CA PHE A 472 -17.77 8.50 -33.11
C PHE A 472 -17.59 8.66 -34.62
N LEU A 473 -16.85 9.68 -35.08
CA LEU A 473 -16.66 9.88 -36.51
C LEU A 473 -15.71 8.84 -37.10
N ASP A 474 -14.50 8.73 -36.54
CA ASP A 474 -13.60 7.63 -36.96
C ASP A 474 -14.31 6.28 -36.81
N ARG A 475 -15.05 6.10 -35.71
CA ARG A 475 -15.69 4.82 -35.45
C ARG A 475 -16.67 4.46 -36.55
N THR A 476 -17.35 5.47 -37.12
CA THR A 476 -18.28 5.23 -38.23
C THR A 476 -17.51 4.89 -39.50
N GLY A 477 -16.37 5.54 -39.72
CA GLY A 477 -15.53 5.17 -40.85
C GLY A 477 -15.06 3.74 -40.77
N ASP A 478 -14.65 3.30 -39.58
CA ASP A 478 -14.23 1.91 -39.39
C ASP A 478 -15.40 0.95 -39.55
N GLU A 479 -16.59 1.36 -39.11
CA GLU A 479 -17.77 0.53 -39.29
C GLU A 479 -18.01 0.25 -40.77
N ILE A 480 -17.91 1.28 -41.62
CA ILE A 480 -18.16 1.09 -43.05
C ILE A 480 -17.05 0.24 -43.68
N HIS A 481 -15.80 0.51 -43.36
CA HIS A 481 -14.73 -0.26 -44.01
C HIS A 481 -14.75 -1.72 -43.58
N THR A 482 -14.95 -1.99 -42.28
CA THR A 482 -14.89 -3.36 -41.80
C THR A 482 -15.91 -4.23 -42.54
N SER A 483 -17.13 -3.71 -42.73
CA SER A 483 -18.18 -4.48 -43.37
C SER A 483 -18.37 -4.10 -44.84
N MET A 484 -17.30 -3.62 -45.48
CA MET A 484 -17.38 -3.13 -46.86
C MET A 484 -18.05 -4.14 -47.79
N GLU A 485 -17.73 -5.42 -47.63
CA GLU A 485 -18.19 -6.45 -48.55
C GLU A 485 -19.60 -6.95 -48.24
N ALA A 486 -20.18 -6.55 -47.11
CA ALA A 486 -21.44 -7.14 -46.66
C ALA A 486 -22.63 -6.64 -47.47
N GLY A 487 -22.55 -5.42 -48.00
CA GLY A 487 -23.64 -4.82 -48.73
C GLY A 487 -23.58 -3.31 -48.64
N PRO A 488 -24.50 -2.63 -49.31
CA PRO A 488 -24.50 -1.16 -49.28
C PRO A 488 -25.00 -0.67 -47.93
N MET A 489 -24.32 0.36 -47.43
CA MET A 489 -24.63 0.95 -46.15
C MET A 489 -25.69 2.04 -46.28
N ILE A 490 -26.38 2.31 -45.16
CA ILE A 490 -27.30 3.45 -45.12
C ILE A 490 -26.52 4.76 -45.32
N ARG A 491 -27.26 5.81 -45.68
CA ARG A 491 -26.68 7.14 -45.83
C ARG A 491 -26.02 7.60 -44.53
N LYS A 492 -25.01 8.46 -44.65
CA LYS A 492 -24.23 8.73 -43.45
C LYS A 492 -25.04 9.49 -42.41
N GLY A 493 -26.02 10.29 -42.84
CA GLY A 493 -26.89 11.00 -41.91
C GLY A 493 -27.85 10.10 -41.15
N ALA A 494 -27.99 8.84 -41.55
CA ALA A 494 -28.83 7.90 -40.82
C ALA A 494 -28.06 7.08 -39.80
N MET A 495 -26.73 7.20 -39.76
CA MET A 495 -25.94 6.42 -38.82
C MET A 495 -26.28 6.74 -37.37
N LYS A 496 -26.65 8.00 -37.09
CA LYS A 496 -26.96 8.39 -35.71
C LYS A 496 -28.13 7.60 -35.11
N ASN A 497 -28.94 6.95 -35.94
CA ASN A 497 -30.13 6.24 -35.45
C ASN A 497 -29.94 4.73 -35.37
N THR A 498 -28.72 4.24 -35.56
CA THR A 498 -28.47 2.81 -35.65
C THR A 498 -28.37 2.16 -34.27
N ALA A 499 -28.66 0.86 -34.28
CA ALA A 499 -28.45 0.03 -33.11
C ALA A 499 -26.98 0.02 -32.69
N TRP A 500 -26.07 -0.07 -33.65
CA TRP A 500 -24.66 -0.19 -33.29
C TRP A 500 -24.16 1.08 -32.60
N ILE A 501 -24.58 2.26 -33.07
CA ILE A 501 -23.98 3.48 -32.52
C ILE A 501 -24.54 3.79 -31.15
N LYS A 502 -25.81 3.46 -30.91
CA LYS A 502 -26.37 3.71 -29.57
C LYS A 502 -25.73 2.78 -28.55
N ALA A 503 -25.50 1.51 -28.93
CA ALA A 503 -24.85 0.59 -28.02
C ALA A 503 -23.40 0.99 -27.78
N TYR A 504 -22.73 1.46 -28.84
CA TYR A 504 -21.34 1.90 -28.73
C TYR A 504 -21.19 3.00 -27.69
N GLU A 505 -22.10 3.97 -27.72
CA GLU A 505 -21.99 5.08 -26.77
C GLU A 505 -22.25 4.62 -25.34
N ASP A 506 -23.33 3.86 -25.13
CA ASP A 506 -23.67 3.42 -23.78
C ASP A 506 -22.67 2.42 -23.25
N ALA A 507 -22.17 1.50 -24.10
CA ALA A 507 -21.22 0.50 -23.61
C ALA A 507 -19.92 1.15 -23.17
N ASN A 508 -19.52 2.24 -23.83
CA ASN A 508 -18.32 2.94 -23.41
C ASN A 508 -18.48 3.44 -21.97
N VAL A 509 -19.61 4.09 -21.68
CA VAL A 509 -19.85 4.61 -20.34
C VAL A 509 -19.94 3.48 -19.33
N ASP A 510 -20.72 2.42 -19.65
CA ASP A 510 -20.86 1.30 -18.72
C ASP A 510 -19.50 0.69 -18.38
N THR A 511 -18.68 0.48 -19.41
CA THR A 511 -17.40 -0.19 -19.21
C THR A 511 -16.45 0.68 -18.39
N GLY A 512 -16.39 1.97 -18.71
CA GLY A 512 -15.57 2.88 -17.91
C GLY A 512 -16.00 2.95 -16.46
N LEU A 513 -17.30 3.04 -16.20
CA LEU A 513 -17.75 3.12 -14.81
C LEU A 513 -17.45 1.82 -14.07
N ALA A 514 -17.63 0.67 -14.72
CA ALA A 514 -17.36 -0.60 -14.06
C ALA A 514 -15.87 -0.81 -13.80
N ALA A 515 -15.01 -0.13 -14.56
CA ALA A 515 -13.57 -0.16 -14.33
C ALA A 515 -13.12 0.92 -13.34
N GLY A 516 -14.06 1.58 -12.66
CA GLY A 516 -13.69 2.51 -11.61
C GLY A 516 -13.28 3.89 -12.08
N PHE A 517 -13.75 4.33 -13.26
CA PHE A 517 -13.32 5.61 -13.79
C PHE A 517 -13.82 6.79 -12.97
N SER A 518 -15.00 6.70 -12.36
CA SER A 518 -15.55 7.86 -11.68
C SER A 518 -14.65 8.26 -10.50
N GLY A 519 -14.15 9.48 -10.54
CA GLY A 519 -13.20 9.96 -9.54
C GLY A 519 -11.74 9.72 -9.86
N LYS A 520 -11.44 9.06 -10.99
CA LYS A 520 -10.07 8.72 -11.36
C LYS A 520 -9.70 9.11 -12.79
N ALA A 521 -10.67 9.15 -13.70
CA ALA A 521 -10.41 9.33 -15.12
C ALA A 521 -11.66 9.86 -15.80
N GLN A 522 -11.47 10.51 -16.96
CA GLN A 522 -12.59 11.05 -17.70
C GLN A 522 -13.29 9.97 -18.52
N ILE A 523 -14.60 10.10 -18.65
CA ILE A 523 -15.37 9.41 -19.68
C ILE A 523 -15.88 10.49 -20.63
N GLY A 524 -15.45 10.44 -21.89
CA GLY A 524 -15.65 11.55 -22.81
C GLY A 524 -16.46 11.16 -24.03
N LYS A 525 -17.12 12.16 -24.62
CA LYS A 525 -17.87 11.96 -25.86
C LYS A 525 -17.44 13.02 -26.89
N GLY A 526 -18.04 12.94 -28.08
CA GLY A 526 -17.44 13.48 -29.28
C GLY A 526 -17.75 14.94 -29.59
N MET A 527 -17.27 15.36 -30.76
CA MET A 527 -17.21 16.74 -31.19
C MET A 527 -18.54 17.23 -31.77
N TRP A 528 -18.90 18.46 -31.43
CA TRP A 528 -19.96 19.21 -32.09
C TRP A 528 -19.38 19.90 -33.32
N ALA A 529 -19.84 19.52 -34.52
CA ALA A 529 -19.22 19.95 -35.76
C ALA A 529 -19.88 21.16 -36.42
N MET A 530 -21.09 21.55 -36.01
CA MET A 530 -21.81 22.66 -36.63
CA MET A 530 -21.81 22.66 -36.63
C MET A 530 -21.37 23.95 -35.96
N THR A 531 -20.26 24.51 -36.47
CA THR A 531 -19.54 25.58 -35.77
C THR A 531 -20.38 26.84 -35.56
N GLU A 532 -21.37 27.10 -36.41
CA GLU A 532 -22.16 28.33 -36.31
C GLU A 532 -23.52 28.12 -35.66
N LEU A 533 -23.92 26.88 -35.41
CA LEU A 533 -25.25 26.59 -34.86
C LEU A 533 -25.14 26.39 -33.36
N MET A 534 -24.91 27.50 -32.67
CA MET A 534 -24.68 27.44 -31.23
C MET A 534 -25.97 27.34 -30.43
N ALA A 535 -27.06 27.94 -30.90
CA ALA A 535 -28.35 27.69 -30.27
C ALA A 535 -28.69 26.21 -30.30
N ASP A 536 -28.49 25.56 -31.45
CA ASP A 536 -28.68 24.11 -31.53
C ASP A 536 -27.75 23.37 -30.58
N MET A 537 -26.48 23.81 -30.48
CA MET A 537 -25.56 23.12 -29.57
C MET A 537 -26.05 23.22 -28.13
N VAL A 538 -26.50 24.41 -27.73
CA VAL A 538 -26.98 24.60 -26.36
C VAL A 538 -28.22 23.75 -26.11
N GLU A 539 -29.06 23.59 -27.12
CA GLU A 539 -30.26 22.75 -26.96
C GLU A 539 -29.92 21.28 -26.85
N GLN A 540 -29.01 20.80 -27.71
CA GLN A 540 -28.84 19.36 -27.96
C GLN A 540 -27.68 18.74 -27.22
N LYS A 541 -26.55 19.44 -27.07
CA LYS A 541 -25.35 18.78 -26.57
C LYS A 541 -25.42 18.47 -25.07
N ILE A 542 -26.43 18.98 -24.36
CA ILE A 542 -26.69 18.60 -22.98
C ILE A 542 -26.90 17.10 -22.85
N ALA A 543 -27.24 16.41 -23.94
CA ALA A 543 -27.40 14.96 -23.89
C ALA A 543 -26.14 14.25 -23.42
N GLN A 544 -24.95 14.81 -23.71
CA GLN A 544 -23.72 14.11 -23.35
C GLN A 544 -23.47 14.11 -21.84
N PRO A 545 -23.52 15.24 -21.12
CA PRO A 545 -23.43 15.14 -19.65
C PRO A 545 -24.59 14.36 -19.04
N LYS A 546 -25.79 14.44 -19.62
CA LYS A 546 -26.90 13.63 -19.08
C LYS A 546 -26.65 12.14 -19.26
N ALA A 547 -25.79 11.76 -20.21
CA ALA A 547 -25.40 10.38 -20.43
C ALA A 547 -24.26 9.93 -19.52
N GLY A 548 -23.79 10.80 -18.62
CA GLY A 548 -22.72 10.41 -17.71
C GLY A 548 -21.32 10.67 -18.22
N ALA A 549 -21.16 11.41 -19.31
CA ALA A 549 -19.82 11.80 -19.77
C ALA A 549 -19.32 12.97 -18.93
N THR A 550 -18.16 12.82 -18.32
CA THR A 550 -17.60 13.96 -17.59
C THR A 550 -16.95 14.99 -18.52
N THR A 551 -16.78 14.70 -19.81
CA THR A 551 -16.31 15.71 -20.74
C THR A 551 -16.80 15.36 -22.13
N ALA A 552 -16.82 16.38 -23.00
CA ALA A 552 -17.10 16.15 -24.41
C ALA A 552 -16.43 17.26 -25.21
N TRP A 553 -16.24 17.02 -26.51
CA TRP A 553 -15.38 17.88 -27.30
C TRP A 553 -16.13 19.06 -27.91
N VAL A 554 -15.46 20.23 -27.91
CA VAL A 554 -16.00 21.44 -28.50
C VAL A 554 -15.00 21.98 -29.51
N PRO A 555 -15.45 22.68 -30.55
CA PRO A 555 -14.56 23.10 -31.64
C PRO A 555 -13.91 24.47 -31.46
N SER A 556 -14.26 25.25 -30.45
CA SER A 556 -13.73 26.61 -30.30
C SER A 556 -13.85 27.03 -28.84
N PRO A 557 -13.09 28.05 -28.42
CA PRO A 557 -13.29 28.61 -27.07
C PRO A 557 -14.72 29.09 -26.81
N THR A 558 -15.34 29.71 -27.82
CA THR A 558 -16.72 30.19 -27.68
C THR A 558 -17.65 29.02 -27.38
N ALA A 559 -17.52 27.94 -28.15
CA ALA A 559 -18.33 26.75 -27.89
C ALA A 559 -18.01 26.14 -26.52
N ALA A 560 -16.76 26.24 -26.07
CA ALA A 560 -16.44 25.77 -24.72
C ALA A 560 -17.20 26.55 -23.66
N THR A 561 -17.25 27.88 -23.80
CA THR A 561 -17.96 28.70 -22.81
C THR A 561 -19.45 28.34 -22.78
N LEU A 562 -20.05 28.15 -23.95
CA LEU A 562 -21.47 27.82 -23.99
C LEU A 562 -21.75 26.42 -23.48
N HIS A 563 -20.91 25.43 -23.85
CA HIS A 563 -21.09 24.07 -23.39
C HIS A 563 -20.88 23.96 -21.88
N ALA A 564 -20.07 24.84 -21.30
CA ALA A 564 -19.92 24.84 -19.85
C ALA A 564 -21.26 25.00 -19.12
N MET A 565 -22.21 25.74 -19.70
CA MET A 565 -23.50 25.90 -19.05
C MET A 565 -24.19 24.55 -18.79
N HIS A 566 -23.99 23.58 -19.68
CA HIS A 566 -24.59 22.26 -19.50
C HIS A 566 -24.14 21.59 -18.22
N TYR A 567 -22.90 21.83 -17.79
CA TYR A 567 -22.36 21.21 -16.59
C TYR A 567 -22.84 21.89 -15.33
N HIS A 568 -23.41 23.09 -15.45
CA HIS A 568 -24.10 23.70 -14.33
C HIS A 568 -25.52 23.21 -14.22
N LYS A 569 -26.15 22.88 -15.35
CA LYS A 569 -27.50 22.34 -15.34
C LYS A 569 -27.53 20.86 -14.97
N VAL A 570 -26.50 20.09 -15.33
CA VAL A 570 -26.47 18.64 -15.12
C VAL A 570 -25.39 18.31 -14.10
N ASP A 571 -25.75 17.52 -13.08
CA ASP A 571 -24.78 17.03 -12.08
C ASP A 571 -24.23 15.71 -12.60
N VAL A 572 -23.14 15.78 -13.35
CA VAL A 572 -22.65 14.59 -14.05
C VAL A 572 -22.24 13.51 -13.07
N PHE A 573 -21.62 13.89 -11.95
CA PHE A 573 -21.18 12.84 -11.03
C PHE A 573 -22.36 12.17 -10.37
N ALA A 574 -23.46 12.90 -10.15
CA ALA A 574 -24.68 12.26 -9.67
C ALA A 574 -25.26 11.32 -10.72
N VAL A 575 -25.20 11.72 -11.99
CA VAL A 575 -25.63 10.84 -13.08
C VAL A 575 -24.82 9.55 -13.07
N GLN A 576 -23.50 9.67 -12.92
CA GLN A 576 -22.66 8.47 -12.93
C GLN A 576 -23.00 7.55 -11.77
N LYS A 577 -23.27 8.12 -10.59
CA LYS A 577 -23.66 7.31 -9.44
C LYS A 577 -24.91 6.49 -9.76
N GLU A 578 -25.90 7.10 -10.43
CA GLU A 578 -27.12 6.38 -10.76
C GLU A 578 -26.87 5.28 -11.78
N LEU A 579 -25.86 5.44 -12.63
CA LEU A 579 -25.56 4.46 -13.67
C LEU A 579 -24.76 3.27 -13.16
N GLN A 580 -24.14 3.37 -11.99
CA GLN A 580 -23.26 2.29 -11.54
C GLN A 580 -24.01 0.96 -11.45
N GLY A 581 -23.34 -0.10 -11.88
CA GLY A 581 -23.89 -1.44 -11.84
C GLY A 581 -24.81 -1.80 -12.99
N LYS A 582 -25.10 -0.87 -13.89
CA LYS A 582 -26.02 -1.13 -14.99
C LYS A 582 -25.25 -1.62 -16.21
N THR A 583 -25.83 -2.61 -16.90
CA THR A 583 -25.30 -3.10 -18.18
C THR A 583 -26.40 -2.90 -19.21
N ARG A 584 -26.30 -1.83 -19.99
CA ARG A 584 -27.39 -1.37 -20.84
C ARG A 584 -27.30 -1.88 -22.27
N THR A 585 -26.25 -2.62 -22.62
CA THR A 585 -26.05 -3.08 -24.00
C THR A 585 -25.68 -4.57 -24.00
N SER A 586 -25.80 -5.18 -25.19
CA SER A 586 -25.40 -6.57 -25.41
C SER A 586 -24.64 -6.67 -26.72
N VAL A 587 -23.81 -7.71 -26.85
CA VAL A 587 -22.79 -7.71 -27.91
C VAL A 587 -23.40 -7.67 -29.31
N ASP A 588 -24.52 -8.38 -29.54
CA ASP A 588 -25.03 -8.43 -30.92
C ASP A 588 -25.57 -7.08 -31.40
N GLU A 589 -25.90 -6.16 -30.48
CA GLU A 589 -26.20 -4.78 -30.89
C GLU A 589 -24.99 -4.14 -31.56
N LEU A 590 -23.82 -4.27 -30.93
CA LEU A 590 -22.61 -3.73 -31.52
C LEU A 590 -22.32 -4.36 -32.87
N LEU A 591 -22.65 -5.64 -33.03
CA LEU A 591 -22.38 -6.39 -34.25
C LEU A 591 -23.51 -6.27 -35.28
N THR A 592 -24.44 -5.33 -35.09
CA THR A 592 -25.52 -5.11 -36.06
C THR A 592 -24.99 -4.14 -37.12
N ILE A 593 -24.70 -4.68 -38.30
CA ILE A 593 -24.09 -3.90 -39.39
C ILE A 593 -25.12 -2.96 -39.98
N PRO A 594 -24.80 -1.68 -40.23
CA PRO A 594 -25.81 -0.70 -40.68
C PRO A 594 -26.10 -0.79 -42.18
N LEU A 595 -26.54 -1.96 -42.62
CA LEU A 595 -26.86 -2.19 -44.02
C LEU A 595 -28.19 -1.55 -44.39
N ALA A 596 -28.26 -1.02 -45.61
CA ALA A 596 -29.50 -0.47 -46.11
C ALA A 596 -30.47 -1.58 -46.50
N LYS A 597 -31.76 -1.30 -46.35
CA LYS A 597 -32.77 -2.21 -46.86
C LYS A 597 -32.80 -2.13 -48.38
N GLU A 598 -33.40 -3.15 -49.00
CA GLU A 598 -33.53 -3.13 -50.45
C GLU A 598 -34.52 -2.03 -50.86
N LEU A 599 -34.29 -1.46 -52.03
CA LEU A 599 -35.12 -0.37 -52.57
C LEU A 599 -35.20 0.78 -51.57
N ALA A 600 -34.04 1.16 -51.04
CA ALA A 600 -34.02 2.14 -49.97
C ALA A 600 -34.20 3.56 -50.47
N TRP A 601 -33.71 3.89 -51.65
CA TRP A 601 -33.54 5.28 -52.04
C TRP A 601 -34.16 5.58 -53.40
N ALA A 602 -34.84 6.72 -53.47
CA ALA A 602 -35.22 7.31 -54.74
C ALA A 602 -33.97 7.90 -55.40
N PRO A 603 -34.00 8.10 -56.72
CA PRO A 603 -32.80 8.64 -57.40
C PRO A 603 -32.34 9.97 -56.82
N GLU A 604 -33.27 10.83 -56.40
CA GLU A 604 -32.86 12.14 -55.87
C GLU A 604 -32.18 12.00 -54.52
N GLU A 605 -32.53 10.96 -53.75
CA GLU A 605 -31.85 10.73 -52.49
C GLU A 605 -30.43 10.24 -52.72
N ILE A 606 -30.24 9.34 -53.69
CA ILE A 606 -28.89 8.94 -54.05
C ILE A 606 -28.07 10.13 -54.53
N ARG A 607 -28.68 10.98 -55.37
CA ARG A 607 -27.98 12.15 -55.88
C ARG A 607 -27.54 13.08 -54.76
N GLU A 608 -28.42 13.33 -53.80
CA GLU A 608 -28.06 14.24 -52.71
C GLU A 608 -26.90 13.69 -51.89
N GLU A 609 -26.94 12.38 -51.59
CA GLU A 609 -25.86 11.79 -50.81
C GLU A 609 -24.52 11.88 -51.55
N VAL A 610 -24.53 11.59 -52.85
CA VAL A 610 -23.28 11.61 -53.61
C VAL A 610 -22.74 13.03 -53.71
N ASP A 611 -23.59 13.98 -54.10
CA ASP A 611 -23.16 15.36 -54.21
C ASP A 611 -22.71 15.93 -52.86
N ASN A 612 -23.46 15.64 -51.78
CA ASN A 612 -23.07 16.16 -50.48
C ASN A 612 -21.71 15.63 -50.05
N ASN A 613 -21.49 14.32 -50.22
CA ASN A 613 -20.22 13.74 -49.84
C ASN A 613 -19.08 14.28 -50.70
N CYS A 614 -19.30 14.39 -52.01
CA CYS A 614 -18.24 14.93 -52.89
C CYS A 614 -17.92 16.38 -52.54
N GLN A 615 -18.93 17.19 -52.23
CA GLN A 615 -18.67 18.59 -51.88
C GLN A 615 -17.83 18.69 -50.61
N SER A 616 -18.21 17.94 -49.57
CA SER A 616 -17.49 18.02 -48.31
C SER A 616 -16.08 17.45 -48.43
N ILE A 617 -15.92 16.38 -49.24
CA ILE A 617 -14.59 15.86 -49.52
C ILE A 617 -13.74 16.91 -50.22
N LEU A 618 -14.24 17.44 -51.34
CA LEU A 618 -13.47 18.43 -52.11
C LEU A 618 -13.15 19.66 -51.26
N GLY A 619 -14.12 20.14 -50.47
CA GLY A 619 -13.90 21.37 -49.74
C GLY A 619 -12.83 21.23 -48.67
N TYR A 620 -12.76 20.05 -48.05
CA TYR A 620 -11.72 19.76 -47.07
C TYR A 620 -10.37 19.49 -47.75
N VAL A 621 -10.37 18.62 -48.76
CA VAL A 621 -9.12 18.17 -49.36
C VAL A 621 -8.40 19.31 -50.10
N VAL A 622 -9.12 20.24 -50.73
CA VAL A 622 -8.41 21.27 -51.50
C VAL A 622 -7.54 22.11 -50.59
N ARG A 623 -8.00 22.39 -49.38
CA ARG A 623 -7.18 23.19 -48.46
C ARG A 623 -6.10 22.35 -47.80
N TRP A 624 -6.34 21.05 -47.63
CA TRP A 624 -5.33 20.12 -47.13
C TRP A 624 -4.15 20.06 -48.10
N ILE A 625 -4.43 19.79 -49.37
CA ILE A 625 -3.36 19.57 -50.35
C ILE A 625 -2.68 20.89 -50.71
N ASP A 626 -3.46 21.93 -50.96
CA ASP A 626 -2.86 23.14 -51.55
C ASP A 626 -2.28 24.07 -50.50
N GLN A 627 -2.78 24.04 -49.27
CA GLN A 627 -2.33 24.97 -48.25
C GLN A 627 -1.90 24.29 -46.96
N GLY A 628 -1.92 22.96 -46.89
CA GLY A 628 -1.48 22.28 -45.69
C GLY A 628 -2.33 22.57 -44.48
N VAL A 629 -3.63 22.78 -44.67
CA VAL A 629 -4.56 23.05 -43.58
C VAL A 629 -5.35 21.78 -43.30
N GLY A 630 -5.19 21.23 -42.09
CA GLY A 630 -5.79 19.98 -41.70
C GLY A 630 -7.18 20.04 -41.08
N CYS A 631 -7.72 21.25 -40.90
CA CYS A 631 -9.06 21.38 -40.35
C CYS A 631 -9.67 22.64 -40.94
N SER A 632 -10.83 22.49 -41.58
CA SER A 632 -11.48 23.59 -42.28
C SER A 632 -12.97 23.59 -42.02
N LYS A 633 -13.56 24.78 -42.04
CA LYS A 633 -15.00 24.96 -41.97
C LYS A 633 -15.55 24.91 -43.40
N VAL A 634 -16.34 23.90 -43.71
CA VAL A 634 -16.80 23.63 -45.07
C VAL A 634 -18.33 23.56 -45.07
N PRO A 635 -19.02 24.45 -45.78
CA PRO A 635 -20.49 24.32 -45.88
C PRO A 635 -20.86 23.08 -46.68
N ASP A 636 -21.87 22.36 -46.19
CA ASP A 636 -22.31 21.15 -46.87
C ASP A 636 -23.41 21.49 -47.87
N ILE A 637 -24.07 20.47 -48.43
CA ILE A 637 -25.05 20.72 -49.48
C ILE A 637 -26.27 21.45 -48.96
N HIS A 638 -26.49 21.46 -47.65
CA HIS A 638 -27.54 22.23 -47.02
C HIS A 638 -27.04 23.58 -46.52
N ASN A 639 -25.83 23.98 -46.90
CA ASN A 639 -25.21 25.23 -46.48
C ASN A 639 -25.03 25.33 -44.97
N VAL A 640 -24.88 24.19 -44.29
CA VAL A 640 -24.50 24.16 -42.89
C VAL A 640 -22.98 24.14 -42.82
N ALA A 641 -22.40 25.08 -42.08
CA ALA A 641 -20.94 25.14 -41.94
C ALA A 641 -20.47 24.04 -41.01
N LEU A 642 -19.65 23.12 -41.52
CA LEU A 642 -19.21 21.97 -40.73
C LEU A 642 -17.70 21.98 -40.54
N MET A 643 -17.27 21.66 -39.32
CA MET A 643 -15.87 21.35 -39.07
C MET A 643 -15.50 20.05 -39.79
N GLU A 644 -14.54 20.11 -40.69
CA GLU A 644 -14.05 18.94 -41.41
C GLU A 644 -12.64 18.60 -40.95
N ASP A 645 -12.39 17.32 -40.69
CA ASP A 645 -11.04 16.83 -40.41
C ASP A 645 -10.94 15.42 -41.00
N ARG A 646 -9.86 14.71 -40.71
CA ARG A 646 -9.67 13.42 -41.40
C ARG A 646 -10.75 12.42 -41.04
N ALA A 647 -11.34 12.53 -39.85
CA ALA A 647 -12.34 11.55 -39.45
C ALA A 647 -13.65 11.74 -40.20
N THR A 648 -14.06 13.00 -40.40
CA THR A 648 -15.25 13.23 -41.23
C THR A 648 -15.00 12.83 -42.68
N LEU A 649 -13.78 13.09 -43.18
CA LEU A 649 -13.39 12.66 -44.52
C LEU A 649 -13.42 11.14 -44.65
N ARG A 650 -12.95 10.43 -43.62
CA ARG A 650 -12.97 8.97 -43.64
C ARG A 650 -14.39 8.44 -43.86
N ILE A 651 -15.38 9.04 -43.18
CA ILE A 651 -16.77 8.60 -43.36
C ILE A 651 -17.22 8.80 -44.79
N SER A 652 -17.07 10.03 -45.32
CA SER A 652 -17.62 10.36 -46.62
C SER A 652 -16.98 9.51 -47.71
N SER A 653 -15.66 9.35 -47.67
CA SER A 653 -14.97 8.61 -48.72
C SER A 653 -15.26 7.12 -48.63
N GLN A 654 -15.38 6.58 -47.41
CA GLN A 654 -15.71 5.16 -47.27
C GLN A 654 -17.14 4.88 -47.69
N LEU A 655 -18.07 5.79 -47.40
CA LEU A 655 -19.45 5.58 -47.84
C LEU A 655 -19.53 5.55 -49.36
N LEU A 656 -18.92 6.51 -50.05
CA LEU A 656 -18.95 6.48 -51.50
C LEU A 656 -18.24 5.25 -52.05
N ALA A 657 -17.12 4.85 -51.42
CA ALA A 657 -16.46 3.62 -51.87
C ALA A 657 -17.37 2.41 -51.74
N ASN A 658 -18.16 2.37 -50.66
CA ASN A 658 -19.07 1.25 -50.45
C ASN A 658 -20.21 1.26 -51.45
N TRP A 659 -20.74 2.45 -51.75
CA TRP A 659 -21.80 2.55 -52.77
C TRP A 659 -21.29 2.15 -54.16
N LEU A 660 -20.03 2.49 -54.47
CA LEU A 660 -19.42 2.03 -55.72
C LEU A 660 -19.25 0.51 -55.71
N ARG A 661 -18.78 -0.04 -54.59
CA ARG A 661 -18.55 -1.47 -54.49
C ARG A 661 -19.82 -2.27 -54.78
N HIS A 662 -20.96 -1.77 -54.32
CA HIS A 662 -22.19 -2.53 -54.47
C HIS A 662 -23.07 -2.01 -55.60
N GLY A 663 -22.53 -1.15 -56.45
CA GLY A 663 -23.21 -0.76 -57.67
C GLY A 663 -24.37 0.18 -57.48
N VAL A 664 -24.46 0.83 -56.32
CA VAL A 664 -25.45 1.87 -56.11
C VAL A 664 -25.19 3.02 -57.08
N ILE A 665 -23.92 3.37 -57.30
CA ILE A 665 -23.48 4.33 -58.29
C ILE A 665 -22.31 3.71 -59.06
N THR A 666 -21.99 4.33 -60.19
CA THR A 666 -20.85 3.92 -61.01
C THR A 666 -19.70 4.90 -60.82
N SER A 667 -18.51 4.48 -61.25
CA SER A 667 -17.36 5.37 -61.21
CA SER A 667 -17.37 5.39 -61.18
C SER A 667 -17.61 6.62 -62.05
N GLU A 668 -18.33 6.47 -63.16
CA GLU A 668 -18.71 7.62 -63.97
C GLU A 668 -19.59 8.58 -63.19
N ASP A 669 -20.55 8.05 -62.41
CA ASP A 669 -21.35 8.89 -61.53
C ASP A 669 -20.49 9.66 -60.55
N ALA A 670 -19.50 8.99 -59.94
CA ALA A 670 -18.69 9.65 -58.92
C ALA A 670 -17.86 10.76 -59.54
N ARG A 671 -17.24 10.51 -60.70
CA ARG A 671 -16.47 11.55 -61.37
C ARG A 671 -17.36 12.71 -61.77
N ALA A 672 -18.58 12.42 -62.26
CA ALA A 672 -19.48 13.49 -62.66
C ALA A 672 -19.86 14.37 -61.47
N SER A 673 -20.08 13.76 -60.30
CA SER A 673 -20.40 14.53 -59.11
C SER A 673 -19.21 15.40 -58.68
N LEU A 674 -18.01 14.83 -58.68
CA LEU A 674 -16.81 15.64 -58.39
C LEU A 674 -16.70 16.83 -59.33
N GLU A 675 -16.97 16.63 -60.63
CA GLU A 675 -16.88 17.75 -61.56
C GLU A 675 -17.99 18.77 -61.33
N ARG A 676 -19.14 18.32 -60.84
CA ARG A 676 -20.24 19.22 -60.55
C ARG A 676 -19.96 20.06 -59.31
N MET A 677 -19.35 19.46 -58.29
CA MET A 677 -19.18 20.13 -57.01
C MET A 677 -17.89 20.93 -56.92
N ALA A 678 -16.87 20.56 -57.69
CA ALA A 678 -15.61 21.32 -57.62
C ALA A 678 -15.78 22.81 -57.89
N PRO A 679 -16.52 23.25 -58.92
CA PRO A 679 -16.66 24.72 -59.11
C PRO A 679 -17.44 25.39 -57.99
N LEU A 680 -18.31 24.65 -57.30
CA LEU A 680 -19.02 25.23 -56.16
C LEU A 680 -18.07 25.43 -54.99
N VAL A 681 -17.17 24.46 -54.77
CA VAL A 681 -16.10 24.65 -53.79
C VAL A 681 -15.22 25.84 -54.19
N ASP A 682 -14.87 25.93 -55.49
CA ASP A 682 -14.10 27.06 -55.96
C ASP A 682 -14.78 28.38 -55.62
N LYS A 683 -16.11 28.45 -55.81
CA LYS A 683 -16.83 29.70 -55.54
C LYS A 683 -16.85 30.01 -54.04
N GLN A 684 -16.97 28.99 -53.19
CA GLN A 684 -16.98 29.21 -51.75
C GLN A 684 -15.64 29.77 -51.27
N ASN A 685 -14.55 29.46 -51.97
CA ASN A 685 -13.20 29.90 -51.62
C ASN A 685 -12.73 31.09 -52.44
N ALA A 686 -13.60 31.68 -53.28
CA ALA A 686 -13.13 32.68 -54.22
C ALA A 686 -12.55 33.91 -53.55
N GLY A 687 -13.02 34.23 -52.34
CA GLY A 687 -12.50 35.39 -51.63
C GLY A 687 -11.07 35.23 -51.16
N ASP A 688 -10.61 34.00 -50.97
CA ASP A 688 -9.28 33.73 -50.46
C ASP A 688 -8.22 34.02 -51.52
N PRO A 689 -7.34 35.00 -51.32
CA PRO A 689 -6.34 35.30 -52.36
C PRO A 689 -5.32 34.19 -52.60
N GLU A 690 -5.18 33.25 -51.69
CA GLU A 690 -4.24 32.14 -51.85
C GLU A 690 -4.85 30.92 -52.52
N TYR A 691 -6.12 31.00 -52.93
CA TYR A 691 -6.81 29.82 -53.41
C TYR A 691 -6.50 29.56 -54.88
N HIS A 692 -6.33 28.28 -55.22
CA HIS A 692 -6.07 27.83 -56.59
C HIS A 692 -7.27 27.00 -57.05
N ALA A 693 -8.04 27.55 -58.00
CA ALA A 693 -9.26 26.88 -58.42
C ALA A 693 -8.98 25.51 -59.05
N MET A 694 -9.83 24.55 -58.73
CA MET A 694 -9.74 23.21 -59.32
C MET A 694 -10.33 23.18 -60.72
N ALA A 695 -11.40 23.90 -60.93
CA ALA A 695 -12.03 23.97 -62.24
C ALA A 695 -11.40 25.07 -63.08
N PRO A 696 -11.37 24.94 -64.42
CA PRO A 696 -11.98 23.84 -65.20
C PRO A 696 -11.08 22.63 -65.45
N ASN A 697 -9.77 22.76 -65.25
CA ASN A 697 -8.81 21.71 -65.60
C ASN A 697 -8.60 20.81 -64.40
N PHE A 698 -9.60 19.95 -64.16
CA PHE A 698 -9.63 19.11 -62.97
C PHE A 698 -8.40 18.20 -62.88
N ASP A 699 -8.00 17.61 -64.00
CA ASP A 699 -6.91 16.65 -63.95
C ASP A 699 -5.54 17.30 -63.80
N ASP A 700 -5.47 18.63 -63.85
CA ASP A 700 -4.24 19.36 -63.57
C ASP A 700 -4.15 19.78 -62.10
N SER A 701 -5.16 19.50 -61.30
CA SER A 701 -5.19 19.87 -59.88
C SER A 701 -4.86 18.65 -59.04
N ILE A 702 -3.70 18.70 -58.36
CA ILE A 702 -3.34 17.62 -57.44
C ILE A 702 -4.40 17.45 -56.36
N ALA A 703 -4.98 18.56 -55.90
CA ALA A 703 -6.04 18.48 -54.90
C ALA A 703 -7.26 17.71 -55.44
N PHE A 704 -7.68 18.02 -56.67
CA PHE A 704 -8.81 17.29 -57.25
C PHE A 704 -8.48 15.80 -57.38
N LEU A 705 -7.26 15.49 -57.85
CA LEU A 705 -6.89 14.09 -58.01
C LEU A 705 -6.83 13.36 -56.67
N ALA A 706 -6.42 14.06 -55.60
CA ALA A 706 -6.43 13.45 -54.28
C ALA A 706 -7.84 13.09 -53.85
N ALA A 707 -8.79 14.01 -54.05
CA ALA A 707 -10.18 13.70 -53.70
C ALA A 707 -10.69 12.51 -54.51
N GLN A 708 -10.35 12.46 -55.81
CA GLN A 708 -10.75 11.33 -56.65
C GLN A 708 -10.15 10.02 -56.14
N ASP A 709 -8.87 10.03 -55.76
CA ASP A 709 -8.23 8.83 -55.21
C ASP A 709 -8.92 8.36 -53.94
N LEU A 710 -9.26 9.29 -53.04
CA LEU A 710 -9.89 8.91 -51.78
C LEU A 710 -11.20 8.16 -52.01
N ILE A 711 -11.91 8.47 -53.09
CA ILE A 711 -13.18 7.81 -53.41
C ILE A 711 -12.94 6.54 -54.22
N LEU A 712 -12.27 6.68 -55.37
CA LEU A 712 -12.16 5.55 -56.29
C LEU A 712 -11.28 4.44 -55.74
N SER A 713 -10.32 4.76 -54.87
CA SER A 713 -9.46 3.75 -54.26
CA SER A 713 -9.48 3.72 -54.26
C SER A 713 -9.74 3.57 -52.77
N GLY A 714 -10.84 4.14 -52.26
CA GLY A 714 -11.13 4.06 -50.84
C GLY A 714 -11.25 2.63 -50.32
N ALA A 715 -11.79 1.72 -51.14
CA ALA A 715 -11.93 0.36 -50.65
C ALA A 715 -10.59 -0.33 -50.41
N GLN A 716 -9.50 0.18 -51.02
CA GLN A 716 -8.20 -0.44 -50.88
CA GLN A 716 -8.18 -0.43 -50.90
C GLN A 716 -7.34 0.19 -49.78
N GLN A 717 -7.83 1.25 -49.13
CA GLN A 717 -7.05 1.89 -48.09
C GLN A 717 -7.17 1.13 -46.78
N PRO A 718 -6.07 0.95 -46.06
CA PRO A 718 -6.10 0.12 -44.84
C PRO A 718 -7.06 0.70 -43.81
N ASN A 719 -8.07 -0.10 -43.44
CA ASN A 719 -9.15 0.31 -42.53
C ASN A 719 -9.78 1.64 -42.96
N GLY A 720 -9.73 1.95 -44.25
CA GLY A 720 -10.31 3.18 -44.74
C GLY A 720 -9.55 4.45 -44.40
N TYR A 721 -8.30 4.35 -43.95
CA TYR A 721 -7.57 5.54 -43.52
C TYR A 721 -7.20 6.43 -44.70
N THR A 722 -7.24 7.74 -44.44
CA THR A 722 -7.04 8.77 -45.46
C THR A 722 -5.62 9.29 -45.55
N GLU A 723 -4.79 9.05 -44.53
CA GLU A 723 -3.43 9.59 -44.52
C GLU A 723 -2.56 9.10 -45.66
N PRO A 724 -2.57 7.82 -46.06
CA PRO A 724 -1.66 7.42 -47.14
C PRO A 724 -1.84 8.29 -48.38
N ILE A 725 -3.09 8.54 -48.79
CA ILE A 725 -3.31 9.34 -49.99
C ILE A 725 -3.02 10.81 -49.73
N LEU A 726 -3.53 11.35 -48.62
CA LEU A 726 -3.32 12.78 -48.35
C LEU A 726 -1.83 13.10 -48.24
N HIS A 727 -1.07 12.25 -47.55
CA HIS A 727 0.35 12.51 -47.40
C HIS A 727 1.08 12.42 -48.74
N ARG A 728 0.77 11.40 -49.54
CA ARG A 728 1.40 11.26 -50.85
CA ARG A 728 1.41 11.27 -50.84
C ARG A 728 1.12 12.48 -51.73
N ARG A 729 -0.14 12.89 -51.79
CA ARG A 729 -0.53 13.99 -52.66
C ARG A 729 -0.03 15.34 -52.14
N ARG A 730 -0.04 15.56 -50.82
CA ARG A 730 0.50 16.80 -50.29
C ARG A 730 2.00 16.92 -50.56
N ARG A 731 2.73 15.82 -50.40
CA ARG A 731 4.15 15.84 -50.73
C ARG A 731 4.37 16.09 -52.22
N GLU A 732 3.48 15.58 -53.08
CA GLU A 732 3.57 15.86 -54.50
C GLU A 732 3.41 17.34 -54.78
N LEU A 733 2.42 17.98 -54.15
CA LEU A 733 2.21 19.41 -54.35
C LEU A 733 3.39 20.22 -53.83
N LYS A 734 3.89 19.88 -52.64
CA LYS A 734 5.03 20.61 -52.09
C LYS A 734 6.23 20.57 -53.03
N ALA A 735 6.53 19.38 -53.57
CA ALA A 735 7.68 19.25 -54.47
C ALA A 735 7.44 20.03 -55.76
N ARG A 736 6.20 20.04 -56.24
CA ARG A 736 5.86 20.75 -57.46
C ARG A 736 5.91 22.26 -57.25
N ALA A 737 5.32 22.74 -56.16
CA ALA A 737 5.30 24.18 -55.89
C ALA A 737 6.70 24.73 -55.69
N GLY A 738 7.61 23.92 -55.16
CA GLY A 738 8.98 24.35 -54.94
C GLY A 738 9.78 24.45 -56.22
N THR B 10 -0.45 7.35 6.59
CA THR B 10 0.71 6.83 7.28
C THR B 10 2.01 7.42 6.73
N ASP B 11 2.31 8.65 7.15
CA ASP B 11 3.53 9.33 6.70
C ASP B 11 4.68 8.99 7.63
N ARG B 12 5.87 9.50 7.28
CA ARG B 12 7.08 9.20 8.02
C ARG B 12 7.90 10.47 8.19
N VAL B 13 8.76 10.47 9.21
CA VAL B 13 9.67 11.57 9.50
C VAL B 13 11.08 11.12 9.16
N SER B 14 11.84 11.99 8.49
CA SER B 14 13.19 11.64 8.08
C SER B 14 14.17 11.82 9.23
N ALA B 15 15.10 10.88 9.33
CA ALA B 15 16.19 10.90 10.30
C ALA B 15 17.41 10.32 9.58
N GLY B 16 18.15 11.18 8.89
CA GLY B 16 19.25 10.71 8.08
C GLY B 16 18.72 9.88 6.91
N ASN B 17 19.22 8.65 6.79
CA ASN B 17 18.75 7.72 5.77
C ASN B 17 17.44 7.04 6.15
N LEU B 18 16.95 7.24 7.37
CA LEU B 18 15.79 6.53 7.85
C LEU B 18 14.53 7.37 7.72
N ARG B 19 13.40 6.69 7.60
CA ARG B 19 12.08 7.33 7.61
C ARG B 19 11.22 6.61 8.65
N VAL B 20 10.95 7.32 9.75
CA VAL B 20 10.37 6.73 10.95
C VAL B 20 8.86 6.94 10.92
N ALA B 21 8.11 5.86 11.15
CA ALA B 21 6.67 5.98 11.28
C ALA B 21 6.32 7.00 12.34
N ARG B 22 5.39 7.92 12.01
CA ARG B 22 5.09 9.04 12.89
C ARG B 22 4.68 8.58 14.28
N VAL B 23 3.92 7.47 14.36
CA VAL B 23 3.47 7.00 15.67
C VAL B 23 4.67 6.65 16.56
N LEU B 24 5.73 6.09 15.96
CA LEU B 24 6.94 5.77 16.71
C LEU B 24 7.77 7.02 17.00
N TYR B 25 7.91 7.89 16.00
CA TYR B 25 8.66 9.12 16.19
C TYR B 25 8.08 9.96 17.31
N ASP B 26 6.76 10.11 17.33
CA ASP B 26 6.12 10.94 18.34
C ASP B 26 6.17 10.27 19.72
N PHE B 27 6.02 8.95 19.79
CA PHE B 27 6.10 8.26 21.08
C PHE B 27 7.47 8.47 21.71
N VAL B 28 8.54 8.33 20.92
CA VAL B 28 9.89 8.50 21.45
C VAL B 28 10.07 9.92 21.97
N ASN B 29 9.74 10.91 21.15
CA ASN B 29 10.05 12.30 21.50
C ASN B 29 9.18 12.79 22.66
N ASN B 30 7.92 12.38 22.71
CA ASN B 30 6.98 12.94 23.67
C ASN B 30 6.88 12.13 24.95
N GLU B 31 7.11 10.82 24.89
CA GLU B 31 6.93 9.97 26.06
C GLU B 31 8.21 9.35 26.57
N ALA B 32 9.08 8.85 25.69
CA ALA B 32 10.25 8.10 26.15
C ALA B 32 11.44 8.99 26.48
N LEU B 33 11.75 9.97 25.64
CA LEU B 33 12.93 10.80 25.83
C LEU B 33 12.87 11.73 27.04
N PRO B 34 11.76 12.41 27.32
CA PRO B 34 11.76 13.35 28.46
C PRO B 34 12.13 12.67 29.77
N GLY B 35 13.05 13.30 30.51
CA GLY B 35 13.57 12.75 31.73
C GLY B 35 14.86 11.97 31.61
N THR B 36 15.28 11.61 30.40
CA THR B 36 16.50 10.83 30.21
C THR B 36 17.75 11.70 30.04
N ASP B 37 17.58 13.00 29.81
CA ASP B 37 18.64 13.97 29.58
C ASP B 37 19.36 13.77 28.25
N ILE B 38 18.80 12.95 27.36
CA ILE B 38 19.38 12.73 26.03
C ILE B 38 18.81 13.77 25.07
N ASP B 39 19.69 14.43 24.32
CA ASP B 39 19.27 15.39 23.31
C ASP B 39 18.52 14.66 22.20
N GLN B 40 17.37 15.21 21.80
CA GLN B 40 16.51 14.51 20.83
C GLN B 40 17.21 14.38 19.49
N ASP B 41 17.75 15.49 18.96
CA ASP B 41 18.45 15.44 17.69
C ASP B 41 19.62 14.45 17.73
N SER B 42 20.36 14.45 18.84
CA SER B 42 21.48 13.51 18.97
C SER B 42 20.98 12.07 18.94
N PHE B 43 19.83 11.81 19.57
CA PHE B 43 19.31 10.45 19.63
C PHE B 43 18.96 9.94 18.24
N TRP B 44 18.22 10.72 17.46
CA TRP B 44 17.81 10.23 16.15
C TRP B 44 18.98 10.14 15.19
N ALA B 45 19.98 11.03 15.34
CA ALA B 45 21.22 10.87 14.60
C ALA B 45 21.92 9.57 14.97
N GLY B 46 21.87 9.19 16.26
CA GLY B 46 22.47 7.94 16.68
C GLY B 46 21.74 6.73 16.16
N VAL B 47 20.40 6.78 16.11
CA VAL B 47 19.63 5.68 15.55
C VAL B 47 20.05 5.44 14.10
N ASP B 48 20.10 6.51 13.31
CA ASP B 48 20.49 6.40 11.91
C ASP B 48 21.90 5.80 11.77
N LYS B 49 22.84 6.28 12.58
CA LYS B 49 24.22 5.81 12.45
C LYS B 49 24.35 4.34 12.86
N VAL B 50 23.70 3.94 13.95
CA VAL B 50 23.81 2.55 14.40
C VAL B 50 23.13 1.61 13.41
N VAL B 51 21.92 1.97 12.95
CA VAL B 51 21.25 1.14 11.96
C VAL B 51 22.09 1.04 10.69
N THR B 52 22.62 2.17 10.23
CA THR B 52 23.41 2.15 9.00
C THR B 52 24.71 1.36 9.17
N ASP B 53 25.40 1.54 10.31
CA ASP B 53 26.69 0.90 10.51
C ASP B 53 26.57 -0.61 10.70
N LEU B 54 25.54 -1.08 11.41
CA LEU B 54 25.50 -2.47 11.86
C LEU B 54 24.66 -3.37 10.98
N THR B 55 23.85 -2.80 10.08
CA THR B 55 22.99 -3.64 9.25
C THR B 55 23.78 -4.59 8.35
N PRO B 56 24.90 -4.19 7.72
CA PRO B 56 25.63 -5.16 6.88
C PRO B 56 26.11 -6.39 7.64
N GLN B 57 26.63 -6.22 8.86
CA GLN B 57 27.06 -7.39 9.63
C GLN B 57 25.87 -8.27 10.02
N ASN B 58 24.74 -7.64 10.38
CA ASN B 58 23.53 -8.38 10.67
C ASN B 58 23.10 -9.22 9.47
N GLN B 59 23.14 -8.63 8.27
CA GLN B 59 22.78 -9.36 7.07
C GLN B 59 23.76 -10.50 6.81
N ASP B 60 25.04 -10.28 7.06
CA ASP B 60 26.03 -11.32 6.76
C ASP B 60 25.92 -12.49 7.71
N LEU B 61 25.65 -12.23 9.00
CA LEU B 61 25.43 -13.31 9.95
C LEU B 61 24.26 -14.19 9.51
N LEU B 62 23.19 -13.59 8.99
CA LEU B 62 22.07 -14.40 8.52
C LEU B 62 22.45 -15.21 7.29
N LYS B 63 23.25 -14.63 6.40
CA LYS B 63 23.74 -15.37 5.23
C LYS B 63 24.56 -16.58 5.67
N THR B 64 25.40 -16.42 6.69
CA THR B 64 26.20 -17.52 7.19
C THR B 64 25.32 -18.66 7.73
N ARG B 65 24.22 -18.33 8.42
CA ARG B 65 23.29 -19.39 8.83
C ARG B 65 22.83 -20.19 7.62
N ASP B 66 22.40 -19.48 6.56
CA ASP B 66 21.89 -20.12 5.36
C ASP B 66 22.96 -20.98 4.70
N ASP B 67 24.18 -20.47 4.63
CA ASP B 67 25.28 -21.19 3.99
C ASP B 67 25.59 -22.48 4.75
N LEU B 68 25.67 -22.41 6.08
CA LEU B 68 25.95 -23.60 6.87
C LEU B 68 24.85 -24.63 6.69
N GLN B 69 23.59 -24.20 6.72
CA GLN B 69 22.50 -25.17 6.57
C GLN B 69 22.57 -25.84 5.20
N ALA B 70 22.92 -25.08 4.15
CA ALA B 70 23.02 -25.68 2.83
C ALA B 70 24.15 -26.70 2.76
N GLN B 71 25.28 -26.43 3.43
CA GLN B 71 26.37 -27.40 3.46
C GLN B 71 25.94 -28.70 4.14
N ILE B 72 25.20 -28.57 5.25
CA ILE B 72 24.73 -29.73 5.99
C ILE B 72 23.68 -30.50 5.19
N ASP B 73 22.74 -29.79 4.56
CA ASP B 73 21.74 -30.42 3.71
C ASP B 73 22.39 -31.32 2.68
N LYS B 74 23.38 -30.78 1.97
CA LYS B 74 24.03 -31.52 0.89
C LYS B 74 24.80 -32.72 1.44
N TRP B 75 25.43 -32.55 2.61
CA TRP B 75 26.19 -33.65 3.22
C TRP B 75 25.27 -34.84 3.48
N HIS B 76 24.09 -34.59 4.09
CA HIS B 76 23.17 -35.70 4.32
C HIS B 76 22.67 -36.31 3.01
N ARG B 77 22.34 -35.47 2.02
CA ARG B 77 21.83 -36.01 0.75
C ARG B 77 22.87 -36.89 0.06
N HIS B 78 24.15 -36.51 0.15
CA HIS B 78 25.19 -37.30 -0.50
C HIS B 78 25.50 -38.59 0.24
N ARG B 79 25.12 -38.69 1.50
CA ARG B 79 25.37 -39.87 2.32
C ARG B 79 24.10 -40.63 2.65
N VAL B 80 23.09 -40.58 1.77
CA VAL B 80 21.78 -41.11 2.10
C VAL B 80 21.76 -42.63 2.21
N ILE B 81 22.73 -43.31 1.61
CA ILE B 81 22.72 -44.78 1.58
C ILE B 81 23.40 -45.41 2.79
N GLU B 82 24.14 -44.64 3.59
CA GLU B 82 24.89 -45.23 4.69
C GLU B 82 24.39 -44.73 6.03
N PRO B 83 24.41 -45.57 7.07
CA PRO B 83 24.06 -45.10 8.42
C PRO B 83 25.06 -44.07 8.93
N LEU B 84 24.58 -43.20 9.80
CA LEU B 84 25.34 -42.03 10.22
C LEU B 84 26.63 -42.45 10.93
N ASP B 85 27.77 -42.03 10.36
CA ASP B 85 29.09 -42.23 10.96
C ASP B 85 29.36 -41.06 11.90
N PRO B 86 29.31 -41.25 13.23
CA PRO B 86 29.50 -40.09 14.13
C PRO B 86 30.85 -39.41 13.99
N GLN B 87 31.92 -40.18 13.76
CA GLN B 87 33.24 -39.56 13.60
C GLN B 87 33.28 -38.69 12.36
N ALA B 88 32.83 -39.23 11.23
CA ALA B 88 32.86 -38.48 9.98
C ALA B 88 31.94 -37.26 10.04
N TYR B 89 30.81 -37.39 10.71
CA TYR B 89 29.88 -36.27 10.86
C TYR B 89 30.50 -35.15 11.70
N ARG B 90 31.09 -35.50 12.84
CA ARG B 90 31.72 -34.49 13.69
C ARG B 90 32.89 -33.82 12.98
N GLU B 91 33.67 -34.61 12.23
CA GLU B 91 34.78 -34.08 11.44
C GLU B 91 34.27 -33.09 10.39
N PHE B 92 33.14 -33.40 9.75
CA PHE B 92 32.55 -32.50 8.76
C PHE B 92 32.10 -31.18 9.38
N LEU B 93 31.40 -31.24 10.52
CA LEU B 93 31.00 -30.01 11.20
C LEU B 93 32.21 -29.17 11.64
N THR B 94 33.32 -29.83 11.97
CA THR B 94 34.54 -29.10 12.33
C THR B 94 35.16 -28.43 11.11
N GLU B 95 35.20 -29.14 9.98
CA GLU B 95 35.81 -28.59 8.76
C GLU B 95 35.14 -27.31 8.32
N ILE B 96 33.80 -27.25 8.41
CA ILE B 96 33.07 -26.11 7.87
C ILE B 96 32.95 -24.95 8.86
N GLY B 97 33.50 -25.09 10.07
CA GLY B 97 33.40 -24.02 11.05
C GLY B 97 32.13 -23.99 11.86
N TYR B 98 31.32 -25.03 11.79
CA TYR B 98 30.10 -25.13 12.60
C TYR B 98 30.44 -25.46 14.05
N LEU B 99 31.35 -26.41 14.25
CA LEU B 99 31.94 -26.70 15.55
C LEU B 99 33.26 -25.96 15.65
N LEU B 100 33.32 -24.97 16.52
CA LEU B 100 34.55 -24.20 16.71
C LEU B 100 35.28 -24.70 17.95
N PRO B 101 36.59 -24.42 18.06
CA PRO B 101 37.32 -24.84 19.26
C PRO B 101 36.74 -24.20 20.51
N ALA B 102 36.83 -24.95 21.62
CA ALA B 102 36.43 -24.42 22.92
C ALA B 102 37.58 -23.58 23.49
N PRO B 103 37.27 -22.41 24.05
CA PRO B 103 38.33 -21.60 24.65
C PRO B 103 38.83 -22.22 25.94
N GLU B 104 39.95 -21.68 26.43
CA GLU B 104 40.42 -22.07 27.76
C GLU B 104 39.42 -21.64 28.81
N ASP B 105 39.50 -22.29 29.97
CA ASP B 105 38.64 -21.92 31.09
C ASP B 105 38.79 -20.43 31.42
N PHE B 106 37.68 -19.81 31.81
CA PHE B 106 37.66 -18.41 32.17
C PHE B 106 36.55 -18.21 33.18
N THR B 107 36.52 -17.02 33.77
CA THR B 107 35.49 -16.61 34.72
C THR B 107 34.83 -15.33 34.22
N ILE B 108 33.48 -15.29 34.26
CA ILE B 108 32.81 -14.06 33.85
C ILE B 108 33.15 -12.94 34.83
N THR B 109 33.05 -11.70 34.35
CA THR B 109 33.43 -10.54 35.14
C THR B 109 32.28 -9.56 35.33
N THR B 110 31.07 -9.94 34.90
CA THR B 110 29.92 -9.04 34.96
C THR B 110 29.74 -8.49 36.35
N SER B 111 29.61 -7.16 36.44
CA SER B 111 29.45 -6.48 37.72
C SER B 111 28.32 -5.47 37.62
N GLY B 112 27.97 -4.87 38.76
CA GLY B 112 26.85 -3.95 38.79
C GLY B 112 25.50 -4.59 38.67
N VAL B 113 25.38 -5.89 38.97
CA VAL B 113 24.14 -6.65 38.83
C VAL B 113 23.38 -6.63 40.15
N ASP B 114 22.05 -6.65 40.06
CA ASP B 114 21.18 -6.60 41.23
C ASP B 114 21.15 -7.94 41.98
N ASP B 115 20.85 -7.84 43.29
CA ASP B 115 20.85 -9.01 44.17
C ASP B 115 19.84 -10.07 43.72
N GLU B 116 18.76 -9.66 43.06
CA GLU B 116 17.75 -10.63 42.62
C GLU B 116 18.34 -11.64 41.65
N ILE B 117 19.38 -11.24 40.91
CA ILE B 117 20.02 -12.09 39.92
C ILE B 117 21.21 -12.85 40.48
N THR B 118 21.99 -12.20 41.35
CA THR B 118 23.26 -12.74 41.80
C THR B 118 23.16 -13.57 43.08
N THR B 119 22.21 -13.27 43.96
CA THR B 119 22.27 -13.71 45.34
C THR B 119 21.06 -14.53 45.77
N THR B 120 20.21 -14.95 44.84
CA THR B 120 19.09 -15.81 45.21
C THR B 120 18.70 -16.68 44.03
N ALA B 121 17.82 -17.64 44.32
CA ALA B 121 17.27 -18.55 43.33
C ALA B 121 15.76 -18.56 43.51
N GLY B 122 15.03 -18.65 42.40
CA GLY B 122 13.58 -18.69 42.49
C GLY B 122 12.88 -18.66 41.15
N PRO B 123 11.54 -18.73 41.18
CA PRO B 123 10.76 -18.74 39.95
C PRO B 123 10.94 -17.45 39.14
N GLN B 124 10.77 -17.57 37.83
CA GLN B 124 10.79 -16.44 36.93
C GLN B 124 9.59 -16.51 36.00
N LEU B 125 8.90 -15.39 35.82
CA LEU B 125 7.77 -15.29 34.91
C LEU B 125 8.23 -14.74 33.57
N VAL B 126 7.47 -15.06 32.51
CA VAL B 126 7.67 -14.57 31.15
C VAL B 126 6.32 -14.11 30.63
N VAL B 127 6.13 -12.81 30.44
CA VAL B 127 4.79 -12.27 30.21
C VAL B 127 4.77 -11.40 28.95
N PRO B 128 3.70 -11.45 28.14
CA PRO B 128 3.64 -10.63 26.92
C PRO B 128 3.56 -9.14 27.22
N ILE B 129 4.51 -8.37 26.67
CA ILE B 129 4.57 -6.95 26.99
C ILE B 129 3.41 -6.19 26.36
N LEU B 130 2.75 -6.75 25.34
CA LEU B 130 1.61 -6.11 24.71
C LEU B 130 0.33 -6.18 25.53
N ASN B 131 0.34 -6.87 26.67
CA ASN B 131 -0.84 -6.99 27.53
C ASN B 131 -0.52 -6.33 28.87
N ALA B 132 -0.94 -5.07 29.04
CA ALA B 132 -0.60 -4.33 30.26
C ALA B 132 -1.24 -4.97 31.50
N ARG B 133 -2.45 -5.49 31.35
CA ARG B 133 -3.12 -6.19 32.46
C ARG B 133 -2.25 -7.35 32.97
N PHE B 134 -1.71 -8.16 32.05
CA PHE B 134 -0.88 -9.29 32.46
C PHE B 134 0.47 -8.80 32.98
N ALA B 135 1.05 -7.80 32.31
CA ALA B 135 2.38 -7.33 32.69
C ALA B 135 2.37 -6.74 34.08
N LEU B 136 1.34 -5.96 34.41
CA LEU B 136 1.21 -5.40 35.75
C LEU B 136 1.09 -6.52 36.79
N ASN B 137 0.25 -7.51 36.51
CA ASN B 137 0.06 -8.60 37.45
C ASN B 137 1.34 -9.39 37.66
N ALA B 138 2.12 -9.60 36.58
CA ALA B 138 3.38 -10.32 36.70
C ALA B 138 4.37 -9.54 37.56
N ALA B 139 4.49 -8.23 37.31
CA ALA B 139 5.41 -7.43 38.12
C ALA B 139 5.03 -7.50 39.59
N ASN B 140 3.73 -7.55 39.88
CA ASN B 140 3.23 -7.60 41.24
C ASN B 140 3.27 -9.00 41.83
N ALA B 141 3.67 -10.00 41.05
CA ALA B 141 3.66 -11.38 41.51
C ALA B 141 4.88 -11.76 42.33
N ARG B 142 5.83 -10.85 42.55
CA ARG B 142 6.96 -11.16 43.41
C ARG B 142 6.51 -11.56 44.82
N TRP B 143 5.42 -10.96 45.29
CA TRP B 143 4.89 -11.23 46.62
C TRP B 143 3.47 -11.77 46.48
N GLY B 144 3.21 -12.94 47.04
CA GLY B 144 1.92 -13.57 46.84
C GLY B 144 1.50 -14.44 48.01
N SER B 145 0.18 -14.63 48.13
CA SER B 145 -0.41 -15.35 49.24
C SER B 145 -0.26 -16.85 49.07
N LEU B 146 0.34 -17.52 50.04
CA LEU B 146 0.40 -18.98 49.99
C LEU B 146 -0.97 -19.59 50.31
N TYR B 147 -1.73 -18.97 51.21
CA TYR B 147 -3.07 -19.48 51.51
C TYR B 147 -3.96 -19.46 50.26
N ASP B 148 -3.93 -18.35 49.50
CA ASP B 148 -4.73 -18.29 48.30
C ASP B 148 -4.30 -19.34 47.29
N ALA B 149 -3.00 -19.55 47.14
CA ALA B 149 -2.52 -20.52 46.16
C ALA B 149 -2.90 -21.95 46.56
N LEU B 150 -2.83 -22.27 47.85
CA LEU B 150 -3.21 -23.61 48.28
C LEU B 150 -4.71 -23.81 48.26
N TYR B 151 -5.49 -22.81 48.70
CA TYR B 151 -6.95 -22.98 48.68
C TYR B 151 -7.45 -23.13 47.24
N GLY B 152 -6.89 -22.37 46.31
CA GLY B 152 -7.45 -22.24 44.98
C GLY B 152 -6.99 -23.27 43.95
N THR B 153 -5.94 -24.02 44.20
CA THR B 153 -5.43 -24.98 43.23
C THR B 153 -5.70 -26.41 43.70
N ASP B 154 -5.25 -27.37 42.87
CA ASP B 154 -5.45 -28.78 43.18
C ASP B 154 -4.31 -29.39 43.96
N VAL B 155 -3.40 -28.58 44.50
CA VAL B 155 -2.32 -29.12 45.34
C VAL B 155 -2.90 -29.86 46.53
N ILE B 156 -3.93 -29.30 47.13
CA ILE B 156 -4.66 -29.95 48.22
C ILE B 156 -5.95 -30.53 47.67
N SER B 157 -6.17 -31.83 47.90
CA SER B 157 -7.34 -32.51 47.39
C SER B 157 -8.62 -31.93 47.95
N GLU B 158 -9.67 -31.97 47.15
CA GLU B 158 -11.01 -31.56 47.59
C GLU B 158 -11.79 -32.70 48.24
N SER B 159 -11.19 -33.87 48.37
CA SER B 159 -11.90 -35.01 48.93
C SER B 159 -12.12 -34.81 50.43
N ASP B 160 -13.02 -35.63 50.98
CA ASP B 160 -13.29 -35.67 52.42
C ASP B 160 -13.79 -34.33 52.93
N GLY B 161 -14.72 -33.72 52.20
CA GLY B 161 -15.35 -32.49 52.65
C GLY B 161 -14.50 -31.24 52.52
N ALA B 162 -13.44 -31.28 51.73
CA ALA B 162 -12.55 -30.13 51.58
C ALA B 162 -12.72 -29.44 50.22
N GLU B 163 -13.94 -29.43 49.70
CA GLU B 163 -14.16 -28.78 48.41
C GLU B 163 -14.10 -27.26 48.54
N LYS B 164 -13.75 -26.61 47.42
CA LYS B 164 -13.56 -25.16 47.43
C LYS B 164 -14.86 -24.42 47.69
N GLY B 165 -15.96 -24.85 47.07
CA GLY B 165 -17.24 -24.20 47.26
C GLY B 165 -17.29 -22.81 46.64
N ARG B 166 -18.35 -22.09 47.01
CA ARG B 166 -18.58 -20.74 46.51
C ARG B 166 -18.14 -19.65 47.49
N GLY B 167 -17.76 -20.02 48.72
CA GLY B 167 -17.29 -19.07 49.69
C GLY B 167 -16.04 -19.54 50.39
N TYR B 168 -16.06 -19.56 51.72
CA TYR B 168 -14.95 -20.09 52.51
C TYR B 168 -15.40 -21.36 53.22
N ASN B 169 -14.81 -22.49 52.83
CA ASN B 169 -15.08 -23.78 53.46
C ASN B 169 -14.00 -24.00 54.51
N LYS B 170 -14.39 -23.95 55.79
CA LYS B 170 -13.42 -24.04 56.88
C LYS B 170 -12.71 -25.39 56.91
N VAL B 171 -13.35 -26.45 56.44
CA VAL B 171 -12.68 -27.75 56.36
C VAL B 171 -11.47 -27.66 55.45
N ARG B 172 -11.65 -27.06 54.26
CA ARG B 172 -10.52 -26.84 53.36
C ARG B 172 -9.57 -25.79 53.91
N GLY B 173 -10.10 -24.71 54.49
CA GLY B 173 -9.25 -23.70 55.07
C GLY B 173 -8.31 -24.25 56.13
N ASP B 174 -8.84 -25.11 57.01
CA ASP B 174 -7.96 -25.67 58.04
C ASP B 174 -6.88 -26.56 57.44
N LYS B 175 -7.17 -27.25 56.34
CA LYS B 175 -6.15 -28.06 55.68
C LYS B 175 -5.08 -27.19 55.04
N VAL B 176 -5.46 -26.03 54.51
CA VAL B 176 -4.48 -25.05 54.00
C VAL B 176 -3.59 -24.56 55.14
N ILE B 177 -4.20 -24.18 56.27
CA ILE B 177 -3.44 -23.68 57.41
C ILE B 177 -2.43 -24.72 57.88
N ALA B 178 -2.86 -25.98 57.97
CA ALA B 178 -1.95 -27.04 58.39
C ALA B 178 -0.82 -27.24 57.39
N TYR B 179 -1.13 -27.20 56.09
CA TYR B 179 -0.08 -27.33 55.08
C TYR B 179 0.97 -26.23 55.23
N ALA B 180 0.51 -25.00 55.47
CA ALA B 180 1.40 -23.88 55.66
C ALA B 180 2.17 -23.96 56.97
N ARG B 181 1.56 -24.49 58.04
CA ARG B 181 2.30 -24.69 59.28
C ARG B 181 3.45 -25.66 59.07
N GLN B 182 3.22 -26.73 58.31
CA GLN B 182 4.30 -27.67 58.05
C GLN B 182 5.38 -27.02 57.19
N PHE B 183 4.97 -26.23 56.19
CA PHE B 183 5.94 -25.47 55.40
C PHE B 183 6.83 -24.60 56.28
N LEU B 184 6.24 -23.93 57.28
CA LEU B 184 7.04 -23.10 58.18
C LEU B 184 7.98 -23.94 59.02
N ASP B 185 7.49 -25.07 59.55
CA ASP B 185 8.34 -25.98 60.32
C ASP B 185 9.53 -26.41 59.48
N ASP B 186 9.31 -26.67 58.18
CA ASP B 186 10.40 -27.16 57.33
C ASP B 186 11.35 -26.05 56.90
N SER B 187 10.86 -24.82 56.77
CA SER B 187 11.63 -23.75 56.16
C SER B 187 12.28 -22.82 57.18
N VAL B 188 11.56 -22.49 58.24
CA VAL B 188 12.05 -21.57 59.28
C VAL B 188 11.80 -22.19 60.65
N PRO B 189 12.39 -23.36 60.94
CA PRO B 189 12.02 -24.12 62.13
C PRO B 189 12.24 -23.39 63.43
N LEU B 190 11.37 -23.68 64.39
CA LEU B 190 11.54 -23.26 65.76
C LEU B 190 12.41 -24.29 66.48
N ALA B 191 13.12 -23.83 67.50
CA ALA B 191 13.93 -24.73 68.32
C ALA B 191 13.02 -25.55 69.22
N GLY B 192 12.93 -26.86 68.96
CA GLY B 192 12.21 -27.75 69.85
C GLY B 192 10.71 -27.61 69.86
N ALA B 193 10.11 -27.08 68.79
CA ALA B 193 8.68 -26.87 68.80
C ALA B 193 8.17 -26.72 67.38
N SER B 194 6.86 -26.87 67.23
CA SER B 194 6.16 -26.69 65.96
C SER B 194 5.35 -25.40 65.96
N TYR B 195 5.29 -24.74 64.80
CA TYR B 195 4.39 -23.59 64.66
C TYR B 195 2.93 -23.98 64.83
N THR B 196 2.59 -25.27 64.66
CA THR B 196 1.22 -25.70 64.93
C THR B 196 0.80 -25.32 66.35
N ASP B 197 1.76 -25.25 67.28
CA ASP B 197 1.45 -24.99 68.68
C ASP B 197 1.65 -23.53 69.09
N ALA B 198 1.95 -22.66 68.13
CA ALA B 198 2.15 -21.25 68.45
C ALA B 198 0.85 -20.63 68.97
N THR B 199 1.00 -19.68 69.89
CA THR B 199 -0.14 -18.89 70.35
C THR B 199 0.04 -17.40 70.12
N GLY B 200 1.21 -16.96 69.66
CA GLY B 200 1.44 -15.55 69.40
C GLY B 200 2.91 -15.31 69.13
N PHE B 201 3.22 -14.05 68.80
CA PHE B 201 4.55 -13.65 68.34
C PHE B 201 4.94 -12.33 69.00
N LYS B 202 6.21 -12.21 69.38
CA LYS B 202 6.75 -10.97 69.93
C LYS B 202 8.18 -10.79 69.46
N VAL B 203 8.67 -9.54 69.55
CA VAL B 203 10.06 -9.22 69.26
C VAL B 203 10.69 -8.73 70.56
N GLU B 204 11.73 -9.42 71.01
CA GLU B 204 12.41 -9.09 72.26
C GLU B 204 13.91 -9.01 72.02
N ASP B 205 14.50 -7.89 72.42
CA ASP B 205 15.91 -7.58 72.14
C ASP B 205 16.29 -7.92 70.70
N GLY B 206 15.43 -7.51 69.77
CA GLY B 206 15.69 -7.69 68.37
C GLY B 206 15.57 -9.10 67.83
N GLN B 207 14.98 -10.02 68.58
CA GLN B 207 14.86 -11.40 68.12
C GLN B 207 13.43 -11.91 68.34
N LEU B 208 13.04 -12.83 67.46
CA LEU B 208 11.68 -13.37 67.48
C LEU B 208 11.47 -14.31 68.66
N VAL B 209 10.33 -14.15 69.34
CA VAL B 209 9.90 -15.06 70.40
C VAL B 209 8.52 -15.56 70.01
N VAL B 210 8.39 -16.88 69.85
CA VAL B 210 7.10 -17.49 69.53
C VAL B 210 6.53 -18.07 70.82
N SER B 211 5.38 -17.56 71.27
CA SER B 211 4.72 -18.11 72.44
CA SER B 211 4.74 -18.12 72.45
C SER B 211 4.05 -19.43 72.08
N LEU B 212 4.09 -20.39 73.00
CA LEU B 212 3.42 -21.67 72.82
C LEU B 212 2.34 -21.81 73.89
N ALA B 213 1.96 -23.02 74.26
CA ALA B 213 0.89 -23.17 75.24
C ALA B 213 1.30 -22.66 76.61
N ASP B 214 2.44 -23.13 77.11
CA ASP B 214 2.92 -22.78 78.44
C ASP B 214 4.35 -22.26 78.45
N THR B 215 4.98 -22.22 77.29
CA THR B 215 6.40 -21.93 77.13
C THR B 215 6.55 -21.06 75.89
N SER B 216 7.79 -20.71 75.56
CA SER B 216 8.09 -19.96 74.35
CA SER B 216 8.09 -19.97 74.34
C SER B 216 9.27 -20.62 73.65
N ALA B 217 9.43 -20.30 72.37
CA ALA B 217 10.50 -20.86 71.56
C ALA B 217 11.11 -19.78 70.69
N ALA B 218 12.41 -19.91 70.46
CA ALA B 218 13.15 -19.11 69.50
C ALA B 218 13.25 -19.86 68.18
N LEU B 219 13.67 -19.14 67.14
CA LEU B 219 14.04 -19.80 65.90
C LEU B 219 15.26 -20.69 66.13
N ALA B 220 15.27 -21.85 65.47
CA ALA B 220 16.45 -22.70 65.54
C ALA B 220 17.66 -21.96 65.00
N ASP B 221 17.46 -21.16 63.95
CA ASP B 221 18.47 -20.26 63.41
C ASP B 221 17.94 -18.84 63.49
N PRO B 222 18.29 -18.10 64.55
CA PRO B 222 17.81 -16.71 64.70
C PRO B 222 18.21 -15.80 63.55
N GLY B 223 19.24 -16.16 62.77
CA GLY B 223 19.63 -15.36 61.64
C GLY B 223 18.59 -15.31 60.53
N GLN B 224 17.54 -16.13 60.59
CA GLN B 224 16.46 -16.06 59.61
C GLN B 224 15.47 -14.93 59.88
N PHE B 225 15.54 -14.26 61.04
CA PHE B 225 14.62 -13.16 61.34
C PHE B 225 15.06 -11.90 60.59
N ALA B 226 14.13 -11.34 59.79
CA ALA B 226 14.45 -10.21 58.92
C ALA B 226 13.79 -8.90 59.31
N GLY B 227 12.65 -8.91 60.00
CA GLY B 227 12.00 -7.67 60.37
C GLY B 227 10.57 -7.92 60.81
N TYR B 228 9.84 -6.83 61.02
CA TYR B 228 8.46 -6.97 61.46
C TYR B 228 7.68 -5.68 61.17
N THR B 229 6.36 -5.75 61.31
CA THR B 229 5.52 -4.57 61.30
C THR B 229 4.70 -4.53 62.58
N GLY B 230 4.16 -3.36 62.87
CA GLY B 230 3.52 -3.15 64.16
C GLY B 230 4.55 -2.99 65.27
N THR B 231 4.04 -3.04 66.50
CA THR B 231 4.95 -2.88 67.64
C THR B 231 5.66 -4.20 67.93
N ALA B 232 6.75 -4.09 68.69
CA ALA B 232 7.49 -5.29 69.07
C ALA B 232 6.68 -6.20 69.97
N GLU B 233 5.82 -5.62 70.81
CA GLU B 233 5.03 -6.41 71.75
CA GLU B 233 5.05 -6.43 71.74
C GLU B 233 3.80 -7.03 71.09
N ASN B 234 3.26 -6.40 70.05
CA ASN B 234 2.07 -6.90 69.36
C ASN B 234 2.25 -6.73 67.85
N PRO B 235 3.16 -7.47 67.26
CA PRO B 235 3.46 -7.26 65.83
C PRO B 235 2.28 -7.61 64.94
N LYS B 236 2.16 -6.85 63.85
CA LYS B 236 1.18 -7.12 62.81
C LYS B 236 1.67 -8.12 61.79
N SER B 237 2.99 -8.31 61.68
CA SER B 237 3.54 -9.33 60.81
C SER B 237 4.97 -9.61 61.24
N ILE B 238 5.46 -10.79 60.85
CA ILE B 238 6.82 -11.23 61.12
C ILE B 238 7.44 -11.57 59.78
N LEU B 239 8.59 -10.97 59.49
CA LEU B 239 9.29 -11.16 58.23
C LEU B 239 10.51 -12.06 58.45
N LEU B 240 10.57 -13.16 57.70
CA LEU B 240 11.63 -14.16 57.79
C LEU B 240 12.27 -14.34 56.42
N ALA B 241 13.39 -15.03 56.37
CA ALA B 241 13.99 -15.35 55.08
C ALA B 241 14.70 -16.70 55.17
N ASN B 242 14.71 -17.41 54.04
CA ASN B 242 15.32 -18.72 53.94
C ASN B 242 15.77 -18.90 52.50
N HIS B 243 17.02 -19.33 52.29
CA HIS B 243 17.56 -19.55 50.94
C HIS B 243 17.40 -18.31 50.06
N GLY B 244 17.52 -17.13 50.64
CA GLY B 244 17.45 -15.90 49.88
C GLY B 244 16.05 -15.41 49.55
N LEU B 245 15.00 -16.09 49.99
CA LEU B 245 13.62 -15.68 49.73
C LEU B 245 12.91 -15.36 51.03
N HIS B 246 12.15 -14.26 51.03
CA HIS B 246 11.43 -13.88 52.23
C HIS B 246 10.13 -14.65 52.40
N ILE B 247 9.73 -14.79 53.66
CA ILE B 247 8.46 -15.38 54.09
C ILE B 247 7.87 -14.44 55.12
N GLU B 248 6.61 -14.03 54.94
CA GLU B 248 6.01 -13.10 55.89
C GLU B 248 4.76 -13.72 56.51
N ILE B 249 4.70 -13.74 57.85
CA ILE B 249 3.54 -14.23 58.58
C ILE B 249 2.68 -13.03 58.94
N LEU B 250 1.44 -13.00 58.44
CA LEU B 250 0.53 -11.90 58.73
C LEU B 250 -0.34 -12.26 59.93
N ILE B 251 -0.43 -11.34 60.89
CA ILE B 251 -1.09 -11.58 62.17
C ILE B 251 -2.27 -10.62 62.31
N ASP B 252 -3.47 -11.18 62.46
CA ASP B 252 -4.68 -10.37 62.67
C ASP B 252 -5.72 -11.23 63.38
N PRO B 253 -5.72 -11.24 64.72
CA PRO B 253 -6.63 -12.13 65.45
C PRO B 253 -8.10 -11.77 65.31
N GLU B 254 -8.41 -10.62 64.71
CA GLU B 254 -9.79 -10.21 64.47
C GLU B 254 -10.22 -10.42 63.03
N SER B 255 -9.35 -10.92 62.17
CA SER B 255 -9.73 -11.24 60.81
C SER B 255 -10.57 -12.53 60.80
N GLN B 256 -11.12 -12.82 59.63
CA GLN B 256 -11.96 -14.02 59.49
C GLN B 256 -11.14 -15.28 59.72
N ILE B 257 -9.97 -15.36 59.12
CA ILE B 257 -9.12 -16.55 59.27
C ILE B 257 -8.33 -16.48 60.57
N GLY B 258 -7.86 -15.29 60.96
CA GLY B 258 -7.06 -15.17 62.16
C GLY B 258 -7.80 -15.54 63.45
N ALA B 259 -9.10 -15.23 63.51
CA ALA B 259 -9.89 -15.57 64.70
C ALA B 259 -9.97 -17.07 64.92
N THR B 260 -9.96 -17.87 63.85
CA THR B 260 -9.96 -19.32 63.93
C THR B 260 -8.59 -19.92 64.20
N ASP B 261 -7.53 -19.12 64.09
CA ASP B 261 -6.17 -19.63 64.12
C ASP B 261 -5.60 -19.54 65.54
N GLY B 262 -4.84 -20.57 65.92
CA GLY B 262 -4.33 -20.65 67.28
C GLY B 262 -3.41 -19.50 67.66
N ALA B 263 -2.78 -18.86 66.68
CA ALA B 263 -1.87 -17.74 66.91
C ALA B 263 -2.33 -16.46 66.20
N GLY B 264 -3.58 -16.42 65.74
CA GLY B 264 -4.06 -15.24 65.04
C GLY B 264 -3.48 -15.03 63.67
N VAL B 265 -2.90 -16.08 63.06
CA VAL B 265 -2.29 -15.94 61.74
C VAL B 265 -3.39 -15.82 60.69
N LYS B 266 -3.29 -14.79 59.86
CA LYS B 266 -4.23 -14.50 58.77
C LYS B 266 -3.78 -15.05 57.42
N ASP B 267 -2.46 -15.05 57.16
CA ASP B 267 -1.93 -15.51 55.87
C ASP B 267 -0.44 -15.73 56.03
N VAL B 268 0.14 -16.42 55.05
CA VAL B 268 1.58 -16.54 54.89
C VAL B 268 1.90 -16.09 53.49
N ILE B 269 2.74 -15.06 53.37
CA ILE B 269 3.09 -14.45 52.09
C ILE B 269 4.47 -14.97 51.70
N LEU B 270 4.63 -15.44 50.47
CA LEU B 270 5.91 -15.89 49.95
C LEU B 270 6.44 -14.89 48.92
N GLU B 271 7.71 -14.52 49.05
CA GLU B 271 8.42 -13.93 47.95
C GLU B 271 8.78 -15.03 46.96
N SER B 272 8.44 -14.82 45.68
CA SER B 272 8.67 -15.88 44.70
C SER B 272 9.35 -15.36 43.45
N ALA B 273 8.60 -14.68 42.57
CA ALA B 273 9.12 -14.24 41.29
C ALA B 273 9.98 -12.99 41.48
N ILE B 274 11.22 -13.20 41.95
CA ILE B 274 12.07 -12.05 42.19
C ILE B 274 12.49 -11.37 40.89
N THR B 275 12.45 -12.08 39.75
CA THR B 275 12.63 -11.45 38.43
C THR B 275 11.57 -11.96 37.47
N THR B 276 11.29 -11.14 36.45
CA THR B 276 10.31 -11.42 35.41
C THR B 276 10.85 -10.91 34.09
N ILE B 277 10.58 -11.66 33.01
CA ILE B 277 10.96 -11.26 31.66
C ILE B 277 9.75 -10.64 30.98
N MET B 278 9.85 -9.34 30.67
CA MET B 278 8.84 -8.66 29.85
C MET B 278 9.15 -8.93 28.38
N ASP B 279 8.24 -9.60 27.67
CA ASP B 279 8.58 -10.28 26.42
C ASP B 279 8.07 -9.53 25.18
N PHE B 280 9.01 -9.14 24.32
CA PHE B 280 8.69 -8.64 22.99
C PHE B 280 8.76 -9.72 21.93
N GLU B 281 9.15 -10.94 22.30
CA GLU B 281 9.41 -11.97 21.29
C GLU B 281 8.31 -13.03 21.24
N ASP B 282 8.62 -14.26 21.67
CA ASP B 282 7.77 -15.37 21.27
C ASP B 282 6.37 -15.38 21.90
N SER B 283 6.10 -14.60 22.95
CA SER B 283 4.75 -14.61 23.51
C SER B 283 3.86 -13.48 23.00
N VAL B 284 4.33 -12.66 22.05
CA VAL B 284 3.51 -11.59 21.48
C VAL B 284 3.45 -11.68 19.96
N ALA B 285 2.44 -11.03 19.41
CA ALA B 285 2.27 -10.88 17.97
C ALA B 285 2.43 -9.40 17.65
N ALA B 286 3.56 -9.03 17.07
CA ALA B 286 3.86 -7.62 16.81
C ALA B 286 4.50 -7.50 15.44
N VAL B 287 3.75 -6.94 14.48
CA VAL B 287 4.11 -7.04 13.07
C VAL B 287 4.23 -5.68 12.40
N ASP B 288 4.04 -4.59 13.15
CA ASP B 288 4.07 -3.26 12.54
C ASP B 288 4.33 -2.22 13.62
N ALA B 289 4.33 -0.95 13.22
CA ALA B 289 4.68 0.12 14.14
C ALA B 289 3.68 0.25 15.28
N ASP B 290 2.39 0.08 15.00
CA ASP B 290 1.38 0.17 16.05
C ASP B 290 1.62 -0.89 17.13
N ASP B 291 1.95 -2.12 16.71
CA ASP B 291 2.23 -3.17 17.68
C ASP B 291 3.48 -2.86 18.49
N LYS B 292 4.54 -2.38 17.82
CA LYS B 292 5.79 -2.10 18.53
C LYS B 292 5.61 -0.96 19.54
N VAL B 293 4.88 0.09 19.17
CA VAL B 293 4.71 1.23 20.06
C VAL B 293 3.89 0.85 21.28
N LEU B 294 2.88 -0.01 21.12
CA LEU B 294 2.14 -0.50 22.28
C LEU B 294 3.06 -1.21 23.25
N GLY B 295 3.93 -2.09 22.74
CA GLY B 295 4.90 -2.75 23.62
C GLY B 295 5.85 -1.77 24.28
N TYR B 296 6.43 -0.87 23.48
CA TYR B 296 7.35 0.13 24.04
C TYR B 296 6.66 1.00 25.09
N ARG B 297 5.39 1.36 24.85
CA ARG B 297 4.66 2.19 25.81
C ARG B 297 4.43 1.45 27.13
N ASN B 298 4.14 0.15 27.08
CA ASN B 298 3.97 -0.59 28.32
C ASN B 298 5.30 -0.79 29.05
N TRP B 299 6.36 -1.08 28.30
CA TRP B 299 7.70 -1.14 28.90
C TRP B 299 8.06 0.19 29.56
N LEU B 300 7.69 1.31 28.93
CA LEU B 300 7.91 2.63 29.52
C LEU B 300 7.10 2.84 30.80
N GLY B 301 5.82 2.48 30.79
CA GLY B 301 5.02 2.60 32.00
C GLY B 301 5.54 1.77 33.16
N LEU B 302 6.12 0.61 32.86
CA LEU B 302 6.71 -0.21 33.92
C LEU B 302 7.95 0.46 34.50
N ASN B 303 8.78 1.06 33.63
CA ASN B 303 10.03 1.67 34.07
C ASN B 303 9.82 3.03 34.73
N ARG B 304 8.82 3.80 34.28
CA ARG B 304 8.43 4.97 35.05
C ARG B 304 7.69 4.58 36.31
N GLY B 305 7.05 3.42 36.33
CA GLY B 305 6.29 2.98 37.49
C GLY B 305 4.84 3.44 37.51
N ASP B 306 4.38 4.10 36.45
CA ASP B 306 3.04 4.69 36.44
C ASP B 306 2.06 3.96 35.53
N LEU B 307 2.45 2.78 35.02
CA LEU B 307 1.53 2.01 34.19
C LEU B 307 0.27 1.64 34.98
N SER B 308 -0.89 1.82 34.35
CA SER B 308 -2.15 1.48 34.98
C SER B 308 -3.11 0.97 33.91
N GLU B 309 -4.03 0.09 34.31
CA GLU B 309 -4.94 -0.53 33.37
C GLU B 309 -6.26 -0.82 34.07
N ASP B 310 -7.37 -0.42 33.45
CA ASP B 310 -8.69 -0.76 33.97
C ASP B 310 -8.99 -2.22 33.65
N VAL B 311 -9.31 -2.99 34.68
CA VAL B 311 -9.54 -4.42 34.55
C VAL B 311 -10.97 -4.72 34.98
N THR B 312 -11.72 -5.39 34.12
CA THR B 312 -13.07 -5.86 34.43
C THR B 312 -13.00 -7.38 34.58
N LYS B 313 -13.32 -7.87 35.78
CA LYS B 313 -13.24 -9.29 36.07
C LYS B 313 -14.38 -9.67 37.00
N ASP B 314 -14.85 -10.91 36.83
CA ASP B 314 -16.09 -11.36 37.46
C ASP B 314 -17.21 -10.40 37.08
N ASP B 315 -17.76 -9.70 38.08
CA ASP B 315 -18.69 -8.60 37.85
C ASP B 315 -18.20 -7.39 38.62
N LYS B 316 -16.97 -6.98 38.33
CA LYS B 316 -16.32 -5.88 39.04
C LYS B 316 -15.30 -5.24 38.12
N THR B 317 -15.05 -3.95 38.34
CA THR B 317 -14.07 -3.19 37.59
C THR B 317 -13.17 -2.46 38.57
N PHE B 318 -11.86 -2.52 38.33
CA PHE B 318 -10.88 -1.87 39.18
C PHE B 318 -9.72 -1.42 38.32
N THR B 319 -8.91 -0.50 38.86
CA THR B 319 -7.74 0.02 38.16
C THR B 319 -6.50 -0.64 38.74
N ARG B 320 -5.84 -1.47 37.93
CA ARG B 320 -4.64 -2.17 38.38
C ARG B 320 -3.43 -1.26 38.24
N VAL B 321 -2.59 -1.20 39.28
CA VAL B 321 -1.35 -0.41 39.27
C VAL B 321 -0.25 -1.24 39.90
N LEU B 322 0.98 -0.71 39.81
CA LEU B 322 2.13 -1.41 40.38
C LEU B 322 2.15 -1.29 41.91
N ASN B 323 2.56 -2.39 42.56
CA ASN B 323 2.73 -2.41 44.01
C ASN B 323 3.82 -1.42 44.44
N THR B 324 3.63 -0.83 45.62
CA THR B 324 4.70 -0.05 46.22
C THR B 324 5.78 -0.96 46.80
N ASP B 325 6.90 -0.36 47.19
CA ASP B 325 7.87 -1.11 47.97
C ASP B 325 7.28 -1.42 49.35
N ARG B 326 7.87 -2.40 50.04
CA ARG B 326 7.35 -2.89 51.31
C ARG B 326 8.25 -2.40 52.44
N THR B 327 7.65 -1.80 53.47
CA THR B 327 8.39 -1.18 54.56
CA THR B 327 8.40 -1.20 54.56
C THR B 327 8.21 -1.97 55.85
N TYR B 328 9.30 -2.15 56.59
CA TYR B 328 9.34 -2.91 57.83
C TYR B 328 10.16 -2.17 58.86
N THR B 329 9.96 -2.55 60.12
CA THR B 329 10.94 -2.24 61.17
C THR B 329 12.00 -3.35 61.18
N ALA B 330 13.28 -2.95 61.20
CA ALA B 330 14.34 -3.93 61.19
C ALA B 330 14.51 -4.50 62.60
N PRO B 331 15.04 -5.74 62.71
CA PRO B 331 15.08 -6.39 64.04
C PRO B 331 15.68 -5.53 65.14
N HIS B 332 16.78 -4.83 64.85
CA HIS B 332 17.43 -4.00 65.86
C HIS B 332 17.13 -2.51 65.67
N GLY B 333 16.00 -2.19 65.05
CA GLY B 333 15.62 -0.82 64.80
C GLY B 333 16.09 -0.34 63.44
N GLY B 334 15.46 0.71 62.96
CA GLY B 334 15.70 1.20 61.62
C GLY B 334 14.58 0.85 60.67
N GLU B 335 14.60 1.51 59.53
CA GLU B 335 13.60 1.29 58.48
C GLU B 335 14.16 0.35 57.43
N LEU B 336 13.42 -0.72 57.15
CA LEU B 336 13.80 -1.71 56.14
C LEU B 336 12.83 -1.60 54.97
N THR B 337 13.37 -1.40 53.77
CA THR B 337 12.56 -1.27 52.56
C THR B 337 12.94 -2.36 51.56
N LEU B 338 11.96 -3.22 51.20
CA LEU B 338 12.18 -4.29 50.22
C LEU B 338 11.50 -3.94 48.89
N PRO B 339 12.12 -4.27 47.76
CA PRO B 339 11.46 -4.05 46.46
C PRO B 339 10.13 -4.77 46.40
N GLY B 340 9.08 -4.03 46.04
CA GLY B 340 7.75 -4.58 46.02
C GLY B 340 7.36 -5.25 44.72
N ARG B 341 8.19 -5.12 43.70
CA ARG B 341 7.89 -5.63 42.37
C ARG B 341 9.01 -6.53 41.87
N SER B 342 8.64 -7.50 41.05
CA SER B 342 9.61 -8.32 40.35
C SER B 342 10.57 -7.44 39.56
N LEU B 343 11.87 -7.72 39.69
CA LEU B 343 12.87 -7.01 38.89
C LEU B 343 12.72 -7.47 37.44
N LEU B 344 12.72 -6.52 36.49
CA LEU B 344 12.31 -6.84 35.11
C LEU B 344 13.50 -6.92 34.16
N PHE B 345 13.60 -8.06 33.47
CA PHE B 345 14.30 -8.19 32.20
C PHE B 345 13.37 -7.77 31.06
N VAL B 346 13.95 -7.46 29.91
CA VAL B 346 13.17 -7.33 28.69
C VAL B 346 13.75 -8.26 27.65
N ARG B 347 12.91 -9.09 27.03
CA ARG B 347 13.36 -9.98 25.97
C ARG B 347 13.13 -9.28 24.63
N ASN B 348 14.20 -8.81 24.01
CA ASN B 348 14.14 -8.25 22.66
C ASN B 348 13.96 -9.37 21.65
N VAL B 349 13.56 -9.02 20.42
CA VAL B 349 13.61 -10.04 19.37
C VAL B 349 15.07 -10.29 18.99
N GLY B 350 15.30 -11.41 18.31
CA GLY B 350 16.61 -11.83 17.87
C GLY B 350 17.00 -11.21 16.53
N HIS B 351 18.03 -11.79 15.91
CA HIS B 351 18.69 -11.16 14.75
C HIS B 351 17.93 -11.29 13.44
N LEU B 352 16.87 -12.10 13.33
CA LEU B 352 16.34 -12.45 12.01
C LEU B 352 15.48 -11.33 11.39
N MET B 353 14.48 -10.83 12.11
CA MET B 353 13.37 -10.18 11.44
C MET B 353 13.61 -8.68 11.22
N THR B 354 12.97 -8.16 10.18
CA THR B 354 12.85 -6.72 9.96
C THR B 354 11.43 -6.28 10.29
N ASN B 355 11.27 -4.97 10.50
CA ASN B 355 9.98 -4.37 10.82
C ASN B 355 9.95 -3.00 10.19
N ASP B 356 8.83 -2.65 9.54
CA ASP B 356 8.79 -1.41 8.78
C ASP B 356 8.34 -0.21 9.62
N ALA B 357 8.38 -0.33 10.96
CA ALA B 357 8.25 0.86 11.79
C ALA B 357 9.28 1.92 11.41
N ILE B 358 10.47 1.50 10.97
CA ILE B 358 11.44 2.36 10.33
C ILE B 358 11.83 1.70 9.02
N VAL B 359 11.97 2.50 7.97
CA VAL B 359 12.50 2.02 6.70
C VAL B 359 13.72 2.86 6.35
N SER B 360 14.59 2.27 5.54
CA SER B 360 15.88 2.85 5.19
C SER B 360 15.96 3.08 3.69
N ASP B 361 16.66 4.14 3.30
CA ASP B 361 16.86 4.46 1.89
C ASP B 361 18.31 4.34 1.48
N GLU B 366 15.86 1.58 -0.73
CA GLU B 366 14.61 2.00 -1.36
C GLU B 366 13.39 1.60 -0.52
N GLY B 367 13.32 2.11 0.70
CA GLY B 367 12.21 1.78 1.58
C GLY B 367 12.33 0.42 2.24
N ALA B 368 13.52 0.02 2.63
CA ALA B 368 13.71 -1.32 3.17
C ALA B 368 13.41 -1.34 4.66
N PRO B 369 12.60 -2.27 5.14
CA PRO B 369 12.38 -2.40 6.59
C PRO B 369 13.69 -2.62 7.34
N VAL B 370 13.78 -2.03 8.53
CA VAL B 370 14.98 -2.05 9.35
C VAL B 370 14.99 -3.29 10.23
N PHE B 371 16.18 -3.79 10.54
CA PHE B 371 16.29 -4.91 11.47
C PHE B 371 15.66 -4.59 12.82
N GLU B 372 14.79 -5.49 13.26
CA GLU B 372 13.97 -5.24 14.44
C GLU B 372 14.76 -5.38 15.73
N GLY B 373 15.72 -6.31 15.78
CA GLY B 373 16.54 -6.45 16.97
C GLY B 373 17.38 -5.22 17.26
N ILE B 374 17.91 -4.61 16.19
CA ILE B 374 18.64 -3.35 16.36
C ILE B 374 17.71 -2.28 16.94
N MET B 375 16.49 -2.18 16.42
CA MET B 375 15.56 -1.19 16.94
C MET B 375 15.20 -1.47 18.40
N ASP B 376 14.95 -2.74 18.75
CA ASP B 376 14.61 -3.08 20.13
C ASP B 376 15.71 -2.66 21.09
N ALA B 377 16.98 -2.87 20.72
CA ALA B 377 18.06 -2.49 21.62
C ALA B 377 18.05 -0.99 21.89
N LEU B 378 17.92 -0.21 20.81
CA LEU B 378 17.86 1.25 20.95
C LEU B 378 16.67 1.69 21.79
N PHE B 379 15.48 1.16 21.50
CA PHE B 379 14.30 1.71 22.14
C PHE B 379 14.06 1.13 23.53
N THR B 380 14.21 -0.19 23.71
CA THR B 380 14.05 -0.73 25.06
C THR B 380 15.18 -0.28 25.97
N GLY B 381 16.37 -0.01 25.42
CA GLY B 381 17.46 0.51 26.22
C GLY B 381 17.21 1.94 26.66
N LEU B 382 16.78 2.79 25.72
CA LEU B 382 16.39 4.16 26.08
C LEU B 382 15.36 4.18 27.19
N ILE B 383 14.31 3.37 27.04
CA ILE B 383 13.20 3.39 27.98
C ILE B 383 13.63 2.88 29.34
N ALA B 384 14.55 1.91 29.39
CA ALA B 384 14.99 1.35 30.67
C ALA B 384 15.75 2.36 31.53
N ILE B 385 16.23 3.46 30.94
CA ILE B 385 16.89 4.49 31.74
C ILE B 385 16.00 4.93 32.89
N HIS B 386 14.69 5.01 32.64
CA HIS B 386 13.79 5.52 33.68
C HIS B 386 13.75 4.60 34.88
N GLY B 387 13.84 3.29 34.66
CA GLY B 387 13.81 2.35 35.77
C GLY B 387 15.06 2.34 36.61
N LEU B 388 16.12 3.03 36.17
CA LEU B 388 17.33 3.17 36.97
C LEU B 388 17.23 4.33 37.95
N ARG B 389 16.22 5.17 37.80
CA ARG B 389 16.15 6.45 38.48
C ARG B 389 14.89 6.53 39.33
N SER B 390 14.97 7.31 40.42
CA SER B 390 13.85 7.54 41.34
C SER B 390 13.71 9.05 41.51
N THR B 391 13.01 9.68 40.58
CA THR B 391 12.82 11.12 40.59
C THR B 391 11.40 11.44 40.19
N ASP B 392 11.03 12.73 40.30
CA ASP B 392 9.75 13.16 39.73
C ASP B 392 9.77 13.08 38.21
N ALA B 393 10.93 13.29 37.58
CA ALA B 393 11.00 13.27 36.14
C ALA B 393 10.92 11.85 35.58
N ASN B 394 11.35 10.85 36.36
CA ASN B 394 11.40 9.47 35.91
C ASN B 394 10.42 8.57 36.62
N GLY B 395 9.68 9.08 37.59
CA GLY B 395 8.89 8.23 38.47
C GLY B 395 9.73 7.73 39.62
N LEU B 396 9.06 7.49 40.74
CA LEU B 396 9.78 7.13 41.96
C LEU B 396 10.08 5.65 42.08
N LEU B 397 9.27 4.77 41.48
CA LEU B 397 9.49 3.33 41.64
C LEU B 397 10.59 2.85 40.69
N THR B 398 11.52 2.07 41.23
CA THR B 398 12.71 1.66 40.48
C THR B 398 12.62 0.20 40.04
N ASN B 399 13.36 -0.10 38.98
CA ASN B 399 13.55 -1.47 38.51
C ASN B 399 14.87 -2.08 38.95
N SER B 400 15.92 -1.26 39.00
CA SER B 400 17.25 -1.69 39.37
C SER B 400 17.76 -0.82 40.52
N ARG B 401 18.36 -1.47 41.51
CA ARG B 401 19.01 -0.74 42.60
C ARG B 401 20.50 -0.50 42.33
N THR B 402 21.12 -1.33 41.48
CA THR B 402 22.54 -1.22 41.18
C THR B 402 22.83 -0.44 39.90
N GLY B 403 21.85 -0.18 39.06
CA GLY B 403 22.01 0.67 37.91
C GLY B 403 22.26 -0.03 36.58
N SER B 404 21.73 -1.24 36.40
CA SER B 404 21.93 -1.97 35.16
C SER B 404 20.62 -2.22 34.45
N ILE B 405 20.73 -2.44 33.14
CA ILE B 405 19.62 -2.79 32.27
C ILE B 405 19.81 -4.22 31.83
N TYR B 406 18.73 -5.00 31.76
CA TYR B 406 18.82 -6.45 31.56
C TYR B 406 18.03 -6.88 30.32
N ILE B 407 18.74 -7.25 29.26
CA ILE B 407 18.10 -7.63 28.00
C ILE B 407 18.33 -9.10 27.72
N VAL B 408 17.25 -9.87 27.62
CA VAL B 408 17.34 -11.25 27.14
C VAL B 408 17.40 -11.22 25.61
N LYS B 409 18.38 -11.91 25.04
CA LYS B 409 18.53 -11.95 23.59
C LYS B 409 18.32 -13.37 23.10
N PRO B 410 17.25 -13.64 22.35
CA PRO B 410 16.90 -15.02 21.98
C PRO B 410 17.47 -15.41 20.62
N LYS B 411 17.42 -16.73 20.37
CA LYS B 411 17.61 -17.34 19.04
C LYS B 411 18.94 -16.98 18.39
N MET B 412 20.00 -16.80 19.18
CA MET B 412 21.33 -16.59 18.62
C MET B 412 21.98 -17.91 18.24
N HIS B 413 22.78 -17.88 17.17
CA HIS B 413 23.47 -19.05 16.63
C HIS B 413 24.97 -18.82 16.70
N GLY B 414 25.61 -19.25 17.80
CA GLY B 414 27.05 -19.25 17.84
C GLY B 414 27.68 -17.96 18.35
N PRO B 415 28.99 -18.02 18.59
CA PRO B 415 29.64 -16.92 19.32
C PRO B 415 29.79 -15.63 18.54
N ALA B 416 29.95 -15.66 17.22
CA ALA B 416 30.00 -14.40 16.47
C ALA B 416 28.70 -13.64 16.60
N GLU B 417 27.57 -14.35 16.68
CA GLU B 417 26.28 -13.69 16.87
C GLU B 417 26.15 -13.10 18.27
N VAL B 418 26.74 -13.75 19.29
CA VAL B 418 26.78 -13.16 20.62
C VAL B 418 27.66 -11.91 20.63
N ALA B 419 28.83 -11.99 19.97
CA ALA B 419 29.70 -10.82 19.90
C ALA B 419 28.99 -9.66 19.24
N PHE B 420 28.21 -9.93 18.19
CA PHE B 420 27.47 -8.87 17.52
C PHE B 420 26.44 -8.22 18.45
N THR B 421 25.71 -9.03 19.21
CA THR B 421 24.80 -8.49 20.22
C THR B 421 25.53 -7.56 21.17
N CYS B 422 26.72 -7.96 21.64
CA CYS B 422 27.43 -7.13 22.59
C CYS B 422 27.92 -5.84 21.96
N GLU B 423 28.35 -5.90 20.69
CA GLU B 423 28.73 -4.68 19.97
C GLU B 423 27.52 -3.78 19.77
N LEU B 424 26.36 -4.37 19.46
CA LEU B 424 25.13 -3.58 19.34
C LEU B 424 24.84 -2.83 20.64
N PHE B 425 24.92 -3.53 21.78
CA PHE B 425 24.65 -2.88 23.06
C PHE B 425 25.68 -1.78 23.33
N SER B 426 26.95 -2.05 23.03
CA SER B 426 27.99 -1.03 23.21
C SER B 426 27.66 0.23 22.41
N ARG B 427 27.25 0.06 21.16
CA ARG B 427 26.92 1.22 20.33
C ARG B 427 25.69 1.95 20.85
N VAL B 428 24.69 1.21 21.36
CA VAL B 428 23.51 1.84 21.93
C VAL B 428 23.87 2.64 23.18
N GLU B 429 24.72 2.08 24.04
CA GLU B 429 25.14 2.81 25.24
C GLU B 429 25.78 4.15 24.87
N ASP B 430 26.54 4.20 23.79
CA ASP B 430 27.13 5.47 23.36
C ASP B 430 26.06 6.47 22.96
N VAL B 431 25.06 6.03 22.18
CA VAL B 431 23.97 6.93 21.80
C VAL B 431 23.26 7.45 23.03
N LEU B 432 22.98 6.57 23.99
CA LEU B 432 22.20 6.92 25.18
C LEU B 432 23.02 7.61 26.26
N GLY B 433 24.33 7.75 26.08
CA GLY B 433 25.14 8.40 27.11
C GLY B 433 25.36 7.59 28.35
N LEU B 434 25.18 6.28 28.27
CA LEU B 434 25.33 5.37 29.40
C LEU B 434 26.76 4.87 29.48
N PRO B 435 27.24 4.57 30.69
CA PRO B 435 28.54 3.90 30.81
C PRO B 435 28.55 2.60 30.03
N GLN B 436 29.70 2.31 29.40
CA GLN B 436 29.84 1.02 28.73
C GLN B 436 29.61 -0.12 29.70
N GLY B 437 28.85 -1.13 29.26
CA GLY B 437 28.52 -2.25 30.11
C GLY B 437 27.24 -2.12 30.91
N THR B 438 26.55 -0.97 30.85
CA THR B 438 25.29 -0.82 31.57
C THR B 438 24.26 -1.84 31.12
N MET B 439 24.25 -2.17 29.83
CA MET B 439 23.27 -3.09 29.26
C MET B 439 23.80 -4.52 29.32
N LYS B 440 23.24 -5.31 30.22
CA LYS B 440 23.61 -6.71 30.41
CA LYS B 440 23.62 -6.71 30.39
C LYS B 440 22.77 -7.60 29.50
N VAL B 441 23.26 -8.81 29.25
CA VAL B 441 22.61 -9.73 28.31
C VAL B 441 22.28 -11.08 28.97
N GLY B 442 21.06 -11.55 28.74
CA GLY B 442 20.69 -12.91 29.06
C GLY B 442 20.70 -13.71 27.77
N ILE B 443 21.51 -14.78 27.74
CA ILE B 443 21.70 -15.60 26.55
C ILE B 443 20.78 -16.80 26.64
N MET B 444 19.77 -16.86 25.78
CA MET B 444 19.01 -18.10 25.60
CA MET B 444 19.04 -18.11 25.64
C MET B 444 19.89 -19.11 24.86
N ASP B 445 20.02 -20.31 25.42
CA ASP B 445 20.71 -21.43 24.77
C ASP B 445 19.57 -22.23 24.15
N GLU B 446 19.25 -21.92 22.88
CA GLU B 446 18.08 -22.55 22.27
C GLU B 446 18.30 -22.80 20.79
N GLU B 447 19.54 -22.76 20.32
CA GLU B 447 19.91 -23.09 18.95
C GLU B 447 21.13 -24.00 18.98
N ARG B 448 21.16 -24.98 18.08
CA ARG B 448 22.19 -26.03 18.14
C ARG B 448 23.60 -25.47 18.02
N ARG B 449 23.80 -24.47 17.16
CA ARG B 449 25.15 -23.93 17.01
C ARG B 449 25.58 -23.13 18.25
N THR B 450 24.64 -22.68 19.07
CA THR B 450 25.00 -22.13 20.37
C THR B 450 25.29 -23.23 21.38
N THR B 451 24.41 -24.22 21.48
CA THR B 451 24.66 -25.34 22.38
C THR B 451 26.05 -25.94 22.16
N LEU B 452 26.40 -26.21 20.91
CA LEU B 452 27.66 -26.88 20.61
CA LEU B 452 27.67 -26.89 20.71
C LEU B 452 28.88 -25.98 20.81
N ASN B 453 28.66 -24.67 20.94
CA ASN B 453 29.75 -23.71 21.12
C ASN B 453 29.48 -22.84 22.34
N LEU B 454 28.87 -23.41 23.38
CA LEU B 454 28.30 -22.59 24.45
C LEU B 454 29.39 -21.86 25.24
N LYS B 455 30.48 -22.55 25.55
CA LYS B 455 31.56 -21.91 26.29
C LYS B 455 32.07 -20.67 25.54
N ALA B 456 32.27 -20.79 24.22
CA ALA B 456 32.69 -19.65 23.41
C ALA B 456 31.63 -18.55 23.38
N CYS B 457 30.35 -18.92 23.38
CA CYS B 457 29.28 -17.92 23.40
C CYS B 457 29.31 -17.11 24.68
N ILE B 458 29.47 -17.79 25.82
CA ILE B 458 29.57 -17.09 27.09
C ILE B 458 30.79 -16.18 27.11
N LYS B 459 31.93 -16.67 26.61
CA LYS B 459 33.15 -15.86 26.61
C LYS B 459 32.97 -14.59 25.80
N ALA B 460 32.24 -14.66 24.68
CA ALA B 460 32.00 -13.47 23.87
C ALA B 460 31.21 -12.40 24.62
N ALA B 461 30.54 -12.77 25.70
CA ALA B 461 29.76 -11.85 26.53
C ALA B 461 30.23 -11.84 27.98
N ALA B 462 31.53 -12.12 28.21
CA ALA B 462 31.99 -12.45 29.55
C ALA B 462 31.87 -11.29 30.54
N ASP B 463 31.73 -10.06 30.07
CA ASP B 463 31.59 -8.90 30.96
CA ASP B 463 31.58 -8.92 30.97
C ASP B 463 30.18 -8.35 30.99
N ARG B 464 29.25 -8.94 30.21
CA ARG B 464 27.86 -8.50 30.17
C ARG B 464 26.85 -9.56 30.56
N VAL B 465 27.21 -10.85 30.55
CA VAL B 465 26.21 -11.91 30.69
C VAL B 465 25.70 -11.98 32.12
N VAL B 466 24.37 -12.08 32.26
CA VAL B 466 23.71 -12.23 33.55
C VAL B 466 22.85 -13.47 33.64
N PHE B 467 22.70 -14.23 32.56
CA PHE B 467 22.00 -15.50 32.65
CA PHE B 467 21.78 -15.37 32.55
C PHE B 467 22.12 -16.26 31.35
N ILE B 468 21.99 -17.56 31.51
CA ILE B 468 21.83 -18.49 30.41
C ILE B 468 20.62 -19.33 30.78
N ASN B 469 19.93 -19.82 29.76
CA ASN B 469 18.69 -20.53 29.98
CA ASN B 469 18.75 -20.61 30.02
C ASN B 469 18.53 -21.53 28.85
N THR B 470 18.01 -22.72 29.17
N THR B 470 18.14 -22.77 29.16
CA THR B 470 17.74 -23.71 28.12
CA THR B 470 17.90 -23.75 28.11
C THR B 470 16.33 -23.47 27.60
C THR B 470 16.53 -23.51 27.49
N GLY B 471 16.24 -22.82 26.43
N GLY B 471 15.49 -24.01 28.14
CA GLY B 471 14.99 -22.69 25.68
CA GLY B 471 14.13 -23.80 27.68
C GLY B 471 14.70 -23.97 24.91
C GLY B 471 13.63 -24.89 26.77
N PHE B 472 14.28 -25.00 25.65
N PHE B 472 14.40 -25.16 25.71
CA PHE B 472 14.32 -26.37 25.12
CA PHE B 472 14.44 -26.40 24.95
C PHE B 472 13.33 -26.62 24.00
C PHE B 472 13.44 -26.47 23.79
N LEU B 473 12.30 -25.79 23.86
CA LEU B 473 11.29 -25.97 22.80
C LEU B 473 11.80 -25.45 21.45
N ASP B 474 12.24 -24.20 21.40
CA ASP B 474 12.97 -23.70 20.23
C ASP B 474 14.11 -24.64 19.86
N ARG B 475 14.81 -25.15 20.87
CA ARG B 475 16.00 -25.97 20.63
C ARG B 475 15.66 -27.24 19.87
N THR B 476 14.51 -27.85 20.18
CA THR B 476 14.08 -29.04 19.45
C THR B 476 13.67 -28.70 18.03
N GLY B 477 13.06 -27.53 17.83
CA GLY B 477 12.78 -27.07 16.48
C GLY B 477 14.04 -26.91 15.64
N ASP B 478 15.09 -26.32 16.23
CA ASP B 478 16.36 -26.18 15.51
C ASP B 478 17.01 -27.53 15.27
N GLU B 479 16.88 -28.45 16.23
CA GLU B 479 17.39 -29.82 16.03
C GLU B 479 16.79 -30.45 14.79
N ILE B 480 15.46 -30.36 14.64
CA ILE B 480 14.79 -30.97 13.50
C ILE B 480 15.20 -30.28 12.20
N HIS B 481 15.20 -28.94 12.19
CA HIS B 481 15.52 -28.27 10.92
C HIS B 481 16.96 -28.54 10.50
N THR B 482 17.89 -28.54 11.45
CA THR B 482 19.30 -28.70 11.08
C THR B 482 19.55 -30.03 10.39
N SER B 483 18.94 -31.09 10.91
CA SER B 483 19.12 -32.42 10.35
C SER B 483 17.95 -32.85 9.47
N MET B 484 17.25 -31.88 8.87
CA MET B 484 16.05 -32.15 8.06
C MET B 484 16.30 -33.23 7.01
N GLU B 485 17.45 -33.19 6.33
CA GLU B 485 17.73 -34.09 5.22
C GLU B 485 18.24 -35.45 5.67
N ALA B 486 18.52 -35.64 6.96
CA ALA B 486 19.13 -36.87 7.45
C ALA B 486 18.15 -38.04 7.48
N GLY B 487 16.86 -37.79 7.57
CA GLY B 487 15.87 -38.85 7.65
C GLY B 487 14.71 -38.45 8.54
N PRO B 488 13.72 -39.33 8.68
CA PRO B 488 12.56 -39.00 9.52
C PRO B 488 12.93 -39.01 11.00
N MET B 489 12.43 -38.00 11.70
CA MET B 489 12.67 -37.81 13.13
C MET B 489 11.65 -38.55 13.96
N ILE B 490 12.02 -38.85 15.20
CA ILE B 490 11.13 -39.47 16.17
C ILE B 490 9.99 -38.53 16.52
N ARG B 491 8.93 -39.07 17.13
CA ARG B 491 7.75 -38.28 17.47
C ARG B 491 8.09 -37.20 18.52
N LYS B 492 7.25 -36.16 18.53
CA LYS B 492 7.53 -34.99 19.35
C LYS B 492 7.65 -35.37 20.82
N GLY B 493 6.77 -36.24 21.31
CA GLY B 493 6.81 -36.64 22.71
C GLY B 493 8.03 -37.46 23.07
N ALA B 494 8.65 -38.12 22.10
CA ALA B 494 9.85 -38.92 22.34
C ALA B 494 11.11 -38.09 22.45
N MET B 495 11.08 -36.82 22.03
CA MET B 495 12.28 -36.00 22.07
C MET B 495 12.81 -35.82 23.49
N LYS B 496 11.92 -35.84 24.49
CA LYS B 496 12.38 -35.60 25.85
C LYS B 496 13.24 -36.73 26.41
N ASN B 497 13.24 -37.90 25.77
CA ASN B 497 14.03 -39.03 26.26
C ASN B 497 15.28 -39.28 25.43
N THR B 498 15.70 -38.31 24.63
CA THR B 498 16.84 -38.50 23.73
C THR B 498 18.17 -38.24 24.43
N ALA B 499 19.22 -38.83 23.86
CA ALA B 499 20.58 -38.52 24.30
C ALA B 499 20.90 -37.03 24.11
N TRP B 500 20.48 -36.44 22.98
CA TRP B 500 20.91 -35.07 22.72
C TRP B 500 20.30 -34.09 23.73
N ILE B 501 19.04 -34.31 24.13
CA ILE B 501 18.42 -33.29 24.98
C ILE B 501 18.89 -33.42 26.42
N LYS B 502 19.24 -34.64 26.85
CA LYS B 502 19.78 -34.81 28.20
C LYS B 502 21.15 -34.13 28.31
N ALA B 503 21.98 -34.28 27.28
CA ALA B 503 23.28 -33.63 27.28
C ALA B 503 23.14 -32.12 27.18
N TYR B 504 22.18 -31.66 26.37
CA TYR B 504 21.93 -30.23 26.23
C TYR B 504 21.62 -29.59 27.57
N GLU B 505 20.71 -30.19 28.35
CA GLU B 505 20.35 -29.59 29.63
C GLU B 505 21.51 -29.63 30.62
N ASP B 506 22.19 -30.77 30.72
CA ASP B 506 23.27 -30.90 31.70
C ASP B 506 24.48 -30.06 31.31
N ALA B 507 24.80 -29.99 30.02
CA ALA B 507 25.95 -29.19 29.57
C ALA B 507 25.74 -27.71 29.82
N ASN B 508 24.49 -27.23 29.71
CA ASN B 508 24.23 -25.83 30.00
C ASN B 508 24.63 -25.49 31.43
N VAL B 509 24.22 -26.33 32.38
CA VAL B 509 24.57 -26.13 33.79
C VAL B 509 26.08 -26.26 33.98
N ASP B 510 26.68 -27.33 33.45
CA ASP B 510 28.12 -27.53 33.61
C ASP B 510 28.90 -26.32 33.10
N THR B 511 28.54 -25.83 31.91
CA THR B 511 29.32 -24.75 31.29
C THR B 511 29.15 -23.45 32.06
N GLY B 512 27.92 -23.13 32.47
CA GLY B 512 27.70 -21.94 33.28
C GLY B 512 28.47 -21.95 34.59
N LEU B 513 28.39 -23.06 35.33
CA LEU B 513 29.11 -23.16 36.59
C LEU B 513 30.62 -23.03 36.39
N ALA B 514 31.15 -23.70 35.36
CA ALA B 514 32.59 -23.62 35.11
C ALA B 514 33.03 -22.20 34.73
N ALA B 515 32.11 -21.40 34.18
CA ALA B 515 32.41 -20.02 33.83
C ALA B 515 32.16 -19.07 35.01
N GLY B 516 31.88 -19.62 36.20
CA GLY B 516 31.77 -18.81 37.39
C GLY B 516 30.41 -18.20 37.64
N PHE B 517 29.34 -18.78 37.08
CA PHE B 517 28.01 -18.18 37.20
C PHE B 517 27.51 -18.16 38.64
N SER B 518 27.85 -19.15 39.46
CA SER B 518 27.27 -19.23 40.80
C SER B 518 27.62 -17.99 41.61
N GLY B 519 26.59 -17.27 42.06
CA GLY B 519 26.78 -16.04 42.78
C GLY B 519 26.94 -14.80 41.91
N LYS B 520 26.89 -14.95 40.58
CA LYS B 520 27.09 -13.84 39.67
C LYS B 520 25.97 -13.73 38.64
N ALA B 521 25.35 -14.86 38.28
CA ALA B 521 24.45 -14.90 37.14
C ALA B 521 23.48 -16.07 37.30
N GLN B 522 22.35 -16.01 36.61
CA GLN B 522 21.34 -17.05 36.67
C GLN B 522 21.63 -18.17 35.68
N ILE B 523 21.25 -19.38 36.07
CA ILE B 523 21.22 -20.55 35.19
C ILE B 523 19.78 -21.03 35.19
N GLY B 524 19.10 -20.94 34.05
CA GLY B 524 17.68 -21.16 34.03
C GLY B 524 17.21 -22.35 33.21
N LYS B 525 16.02 -22.85 33.54
CA LYS B 525 15.36 -23.91 32.78
C LYS B 525 13.93 -23.49 32.48
N GLY B 526 13.21 -24.33 31.72
CA GLY B 526 12.06 -23.89 30.96
C GLY B 526 10.73 -23.93 31.68
N MET B 527 9.68 -23.68 30.89
CA MET B 527 8.33 -23.40 31.37
C MET B 527 7.53 -24.66 31.70
N TRP B 528 6.81 -24.60 32.81
CA TRP B 528 5.71 -25.53 33.10
C TRP B 528 4.46 -25.02 32.40
N ALA B 529 3.98 -25.75 31.38
CA ALA B 529 2.90 -25.23 30.55
C ALA B 529 1.49 -25.63 31.02
N MET B 530 1.34 -26.66 31.85
CA MET B 530 0.03 -27.15 32.26
CA MET B 530 0.04 -27.15 32.27
C MET B 530 -0.50 -26.28 33.40
N THR B 531 -1.16 -25.17 33.03
CA THR B 531 -1.51 -24.12 33.98
C THR B 531 -2.42 -24.60 35.10
N GLU B 532 -3.22 -25.64 34.88
CA GLU B 532 -4.16 -26.07 35.91
C GLU B 532 -3.65 -27.25 36.74
N LEU B 533 -2.55 -27.87 36.34
CA LEU B 533 -2.05 -29.07 36.98
C LEU B 533 -0.96 -28.68 38.00
N MET B 534 -1.42 -28.05 39.08
CA MET B 534 -0.49 -27.52 40.07
C MET B 534 0.00 -28.60 41.04
N ALA B 535 -0.84 -29.58 41.37
CA ALA B 535 -0.34 -30.71 42.15
C ALA B 535 0.80 -31.41 41.41
N ASP B 536 0.63 -31.62 40.10
CA ASP B 536 1.67 -32.22 39.29
C ASP B 536 2.93 -31.34 39.27
N MET B 537 2.76 -30.02 39.16
CA MET B 537 3.91 -29.12 39.16
C MET B 537 4.67 -29.21 40.48
N VAL B 538 3.94 -29.23 41.61
CA VAL B 538 4.61 -29.26 42.91
C VAL B 538 5.32 -30.59 43.11
N GLU B 539 4.79 -31.68 42.54
CA GLU B 539 5.47 -32.96 42.62
C GLU B 539 6.72 -33.00 41.73
N GLN B 540 6.63 -32.44 40.52
CA GLN B 540 7.61 -32.70 39.48
C GLN B 540 8.67 -31.61 39.31
N LYS B 541 8.30 -30.34 39.42
CA LYS B 541 9.21 -29.27 38.99
C LYS B 541 10.35 -29.06 39.97
N ILE B 542 10.33 -29.71 41.13
CA ILE B 542 11.45 -29.69 42.05
C ILE B 542 12.72 -30.22 41.38
N ALA B 543 12.57 -31.01 40.31
CA ALA B 543 13.74 -31.53 39.60
C ALA B 543 14.65 -30.41 39.09
N GLN B 544 14.08 -29.24 38.76
CA GLN B 544 14.93 -28.20 38.16
C GLN B 544 15.87 -27.55 39.16
N PRO B 545 15.43 -27.08 40.34
CA PRO B 545 16.42 -26.66 41.34
C PRO B 545 17.36 -27.78 41.76
N LYS B 546 16.89 -29.04 41.81
CA LYS B 546 17.80 -30.14 42.14
C LYS B 546 18.88 -30.32 41.08
N ALA B 547 18.63 -29.85 39.87
CA ALA B 547 19.60 -29.91 38.77
C ALA B 547 20.55 -28.73 38.76
N GLY B 548 20.49 -27.86 39.77
CA GLY B 548 21.40 -26.74 39.85
C GLY B 548 20.95 -25.48 39.14
N ALA B 549 19.69 -25.40 38.70
CA ALA B 549 19.19 -24.19 38.08
C ALA B 549 18.76 -23.21 39.16
N THR B 550 19.26 -21.96 39.08
CA THR B 550 18.77 -20.91 39.97
C THR B 550 17.36 -20.47 39.63
N THR B 551 16.88 -20.78 38.44
CA THR B 551 15.76 -20.06 37.83
C THR B 551 14.98 -21.03 36.95
N ALA B 552 13.66 -20.99 37.04
CA ALA B 552 12.85 -21.78 36.12
C ALA B 552 11.52 -21.07 35.90
N TRP B 553 10.93 -21.32 34.72
CA TRP B 553 9.79 -20.54 34.27
C TRP B 553 8.46 -21.14 34.71
N VAL B 554 7.57 -20.29 35.20
CA VAL B 554 6.23 -20.67 35.62
C VAL B 554 5.21 -19.80 34.88
N PRO B 555 3.98 -20.26 34.70
CA PRO B 555 3.02 -19.56 33.83
C PRO B 555 2.10 -18.56 34.51
N SER B 556 2.12 -18.42 35.84
CA SER B 556 1.12 -17.57 36.48
C SER B 556 1.66 -17.14 37.84
N PRO B 557 1.11 -16.05 38.40
CA PRO B 557 1.47 -15.67 39.78
C PRO B 557 1.26 -16.79 40.78
N THR B 558 0.15 -17.52 40.68
CA THR B 558 -0.09 -18.63 41.59
C THR B 558 0.97 -19.72 41.45
N ALA B 559 1.34 -20.05 40.21
CA ALA B 559 2.38 -21.07 40.02
C ALA B 559 3.72 -20.60 40.56
N ALA B 560 3.99 -19.29 40.53
CA ALA B 560 5.21 -18.77 41.14
C ALA B 560 5.22 -19.01 42.65
N THR B 561 4.09 -18.73 43.30
CA THR B 561 4.01 -18.94 44.74
C THR B 561 4.28 -20.39 45.10
N LEU B 562 3.66 -21.32 44.36
CA LEU B 562 3.82 -22.74 44.69
C LEU B 562 5.23 -23.23 44.38
N HIS B 563 5.78 -22.85 43.21
CA HIS B 563 7.13 -23.27 42.84
C HIS B 563 8.18 -22.70 43.78
N ALA B 564 7.88 -21.56 44.42
CA ALA B 564 8.82 -21.02 45.42
C ALA B 564 9.08 -22.02 46.52
N MET B 565 8.08 -22.85 46.89
CA MET B 565 8.29 -23.82 47.94
C MET B 565 9.45 -24.76 47.62
N HIS B 566 9.70 -25.03 46.32
CA HIS B 566 10.81 -25.90 45.94
C HIS B 566 12.15 -25.29 46.30
N TYR B 567 12.26 -23.97 46.30
CA TYR B 567 13.53 -23.32 46.58
C TYR B 567 13.79 -23.20 48.07
N HIS B 568 12.77 -23.40 48.90
CA HIS B 568 12.98 -23.57 50.33
C HIS B 568 13.40 -24.98 50.68
N LYS B 569 12.93 -25.98 49.92
CA LYS B 569 13.31 -27.35 50.20
C LYS B 569 14.71 -27.66 49.66
N VAL B 570 15.03 -27.13 48.48
CA VAL B 570 16.30 -27.38 47.81
C VAL B 570 17.20 -26.15 47.96
N ASP B 571 18.40 -26.35 48.49
CA ASP B 571 19.41 -25.29 48.59
C ASP B 571 20.19 -25.27 47.28
N VAL B 572 19.75 -24.42 46.34
CA VAL B 572 20.32 -24.45 44.99
C VAL B 572 21.81 -24.13 45.02
N PHE B 573 22.21 -23.16 45.84
CA PHE B 573 23.64 -22.82 45.85
C PHE B 573 24.49 -23.96 46.39
N ALA B 574 23.95 -24.74 47.33
CA ALA B 574 24.67 -25.94 47.79
C ALA B 574 24.72 -26.99 46.69
N VAL B 575 23.63 -27.17 45.95
CA VAL B 575 23.61 -28.08 44.81
C VAL B 575 24.66 -27.68 43.78
N GLN B 576 24.75 -26.38 43.49
CA GLN B 576 25.75 -25.90 42.53
C GLN B 576 27.17 -26.16 43.03
N LYS B 577 27.40 -25.93 44.33
CA LYS B 577 28.72 -26.19 44.89
C LYS B 577 29.11 -27.65 44.70
N GLU B 578 28.17 -28.57 44.90
CA GLU B 578 28.46 -29.98 44.69
C GLU B 578 28.73 -30.29 43.22
N LEU B 579 28.09 -29.57 42.30
CA LEU B 579 28.25 -29.83 40.88
C LEU B 579 29.56 -29.28 40.31
N GLN B 580 30.26 -28.40 41.03
CA GLN B 580 31.46 -27.76 40.49
C GLN B 580 32.50 -28.79 40.09
N GLY B 581 33.14 -28.55 38.93
CA GLY B 581 34.21 -29.39 38.45
C GLY B 581 33.78 -30.61 37.67
N LYS B 582 32.49 -30.92 37.66
CA LYS B 582 32.00 -32.10 36.97
C LYS B 582 31.70 -31.79 35.51
N THR B 583 32.09 -32.71 34.62
CA THR B 583 31.74 -32.65 33.20
C THR B 583 30.92 -33.89 32.91
N ARG B 584 29.61 -33.72 32.76
CA ARG B 584 28.67 -34.83 32.75
C ARG B 584 28.19 -35.21 31.35
N THR B 585 28.64 -34.52 30.30
CA THR B 585 28.18 -34.75 28.94
C THR B 585 29.38 -34.84 27.99
N SER B 586 29.09 -35.29 26.78
CA SER B 586 30.08 -35.33 25.71
C SER B 586 29.51 -34.68 24.45
N VAL B 587 30.42 -34.25 23.58
CA VAL B 587 29.99 -33.69 22.29
C VAL B 587 29.29 -34.76 21.46
N ASP B 588 29.76 -36.00 21.52
CA ASP B 588 29.10 -37.05 20.75
C ASP B 588 27.65 -37.27 21.20
N GLU B 589 27.36 -37.08 22.49
CA GLU B 589 25.97 -37.12 22.94
C GLU B 589 25.17 -36.00 22.31
N LEU B 590 25.72 -34.78 22.33
CA LEU B 590 25.03 -33.65 21.73
C LEU B 590 24.76 -33.85 20.25
N LEU B 591 25.64 -34.55 19.53
CA LEU B 591 25.52 -34.73 18.10
C LEU B 591 24.73 -35.96 17.71
N THR B 592 24.03 -36.59 18.64
CA THR B 592 23.25 -37.80 18.34
C THR B 592 21.90 -37.36 17.78
N ILE B 593 21.79 -37.34 16.46
CA ILE B 593 20.57 -36.85 15.81
C ILE B 593 19.40 -37.78 16.15
N PRO B 594 18.24 -37.24 16.54
CA PRO B 594 17.11 -38.08 16.97
C PRO B 594 16.32 -38.67 15.81
N LEU B 595 17.00 -39.49 15.00
CA LEU B 595 16.38 -40.15 13.86
C LEU B 595 15.54 -41.33 14.34
N ALA B 596 14.42 -41.55 13.65
CA ALA B 596 13.59 -42.70 13.97
C ALA B 596 14.24 -43.98 13.46
N LYS B 597 14.01 -45.07 14.19
CA LYS B 597 14.42 -46.38 13.71
C LYS B 597 13.54 -46.80 12.52
N GLU B 598 13.99 -47.82 11.80
CA GLU B 598 13.19 -48.34 10.71
C GLU B 598 11.94 -49.02 11.23
N LEU B 599 10.85 -48.93 10.45
CA LEU B 599 9.56 -49.52 10.80
C LEU B 599 9.10 -49.07 12.18
N ALA B 600 9.15 -47.76 12.41
CA ALA B 600 8.93 -47.23 13.75
C ALA B 600 7.45 -47.16 14.14
N TRP B 601 6.56 -46.94 13.18
CA TRP B 601 5.18 -46.57 13.52
C TRP B 601 4.17 -47.35 12.69
N ALA B 602 3.14 -47.84 13.38
CA ALA B 602 1.93 -48.32 12.72
C ALA B 602 1.16 -47.15 12.13
N PRO B 603 0.27 -47.39 11.17
CA PRO B 603 -0.51 -46.28 10.60
C PRO B 603 -1.30 -45.50 11.63
N GLU B 604 -1.76 -46.17 12.70
CA GLU B 604 -2.49 -45.49 13.76
C GLU B 604 -1.60 -44.52 14.51
N GLU B 605 -0.33 -44.87 14.69
CA GLU B 605 0.59 -44.00 15.43
C GLU B 605 0.97 -42.78 14.59
N ILE B 606 1.15 -42.97 13.27
CA ILE B 606 1.40 -41.83 12.40
C ILE B 606 0.22 -40.87 12.43
N ARG B 607 -0.99 -41.41 12.29
CA ARG B 607 -2.18 -40.57 12.30
C ARG B 607 -2.30 -39.78 13.59
N GLU B 608 -2.04 -40.42 14.73
CA GLU B 608 -2.14 -39.73 16.02
C GLU B 608 -1.15 -38.59 16.12
N GLU B 609 0.10 -38.83 15.68
CA GLU B 609 1.09 -37.76 15.72
C GLU B 609 0.71 -36.61 14.80
N VAL B 610 0.19 -36.91 13.61
CA VAL B 610 -0.13 -35.85 12.66
C VAL B 610 -1.29 -35.01 13.17
N ASP B 611 -2.35 -35.66 13.65
CA ASP B 611 -3.49 -34.94 14.20
C ASP B 611 -3.07 -34.09 15.40
N ASN B 612 -2.23 -34.65 16.27
CA ASN B 612 -1.78 -33.91 17.45
C ASN B 612 -1.04 -32.64 17.04
N ASN B 613 -0.09 -32.76 16.12
CA ASN B 613 0.67 -31.59 15.68
C ASN B 613 -0.20 -30.60 14.92
N CYS B 614 -1.13 -31.09 14.10
CA CYS B 614 -2.01 -30.18 13.38
C CYS B 614 -2.92 -29.42 14.34
N GLN B 615 -3.40 -30.07 15.40
CA GLN B 615 -4.21 -29.39 16.40
C GLN B 615 -3.38 -28.36 17.15
N SER B 616 -2.13 -28.68 17.46
CA SER B 616 -1.26 -27.73 18.15
CA SER B 616 -1.26 -27.73 18.15
C SER B 616 -1.00 -26.50 17.28
N ILE B 617 -0.78 -26.72 15.99
CA ILE B 617 -0.53 -25.60 15.07
C ILE B 617 -1.78 -24.75 14.93
N LEU B 618 -2.92 -25.37 14.61
CA LEU B 618 -4.15 -24.61 14.39
C LEU B 618 -4.60 -23.88 15.66
N GLY B 619 -4.53 -24.56 16.81
CA GLY B 619 -5.03 -23.95 18.04
C GLY B 619 -4.29 -22.69 18.42
N TYR B 620 -2.99 -22.64 18.13
CA TYR B 620 -2.16 -21.48 18.42
C TYR B 620 -2.24 -20.43 17.32
N VAL B 621 -2.17 -20.87 16.05
CA VAL B 621 -2.10 -19.92 14.94
C VAL B 621 -3.40 -19.13 14.79
N VAL B 622 -4.55 -19.74 15.09
CA VAL B 622 -5.81 -19.04 14.84
C VAL B 622 -5.93 -17.81 15.74
N ARG B 623 -5.45 -17.92 16.99
CA ARG B 623 -5.49 -16.78 17.90
C ARG B 623 -4.40 -15.76 17.56
N TRP B 624 -3.25 -16.24 17.08
CA TRP B 624 -2.17 -15.36 16.63
C TRP B 624 -2.63 -14.51 15.45
N ILE B 625 -3.12 -15.15 14.40
CA ILE B 625 -3.45 -14.44 13.16
C ILE B 625 -4.70 -13.58 13.35
N ASP B 626 -5.76 -14.15 13.94
CA ASP B 626 -7.05 -13.45 13.94
C ASP B 626 -7.15 -12.41 15.05
N GLN B 627 -6.44 -12.59 16.17
CA GLN B 627 -6.61 -11.70 17.31
C GLN B 627 -5.30 -11.10 17.80
N GLY B 628 -4.17 -11.42 17.19
CA GLY B 628 -2.89 -10.89 17.63
C GLY B 628 -2.53 -11.31 19.03
N VAL B 629 -2.88 -12.53 19.42
CA VAL B 629 -2.59 -13.06 20.75
C VAL B 629 -1.54 -14.15 20.60
N GLY B 630 -0.44 -14.03 21.35
CA GLY B 630 0.62 -15.01 21.27
C GLY B 630 0.84 -15.77 22.56
N CYS B 631 -0.01 -15.54 23.56
CA CYS B 631 0.13 -16.20 24.86
C CYS B 631 -1.24 -16.30 25.51
N SER B 632 -1.74 -17.52 25.67
CA SER B 632 -3.04 -17.75 26.29
C SER B 632 -3.12 -19.21 26.72
N LYS B 633 -4.20 -19.54 27.43
CA LYS B 633 -4.49 -20.93 27.79
C LYS B 633 -5.16 -21.58 26.59
N VAL B 634 -4.41 -22.39 25.85
CA VAL B 634 -4.89 -23.06 24.64
C VAL B 634 -5.14 -24.53 24.97
N PRO B 635 -6.35 -25.06 24.76
CA PRO B 635 -6.59 -26.48 25.04
C PRO B 635 -5.99 -27.36 23.96
N ASP B 636 -5.32 -28.44 24.38
CA ASP B 636 -4.68 -29.31 23.41
C ASP B 636 -5.70 -30.34 22.91
N ILE B 637 -5.21 -31.35 22.18
CA ILE B 637 -6.10 -32.35 21.59
C ILE B 637 -6.83 -33.17 22.65
N HIS B 638 -6.40 -33.11 23.91
CA HIS B 638 -7.08 -33.75 25.02
C HIS B 638 -7.73 -32.75 25.96
N ASN B 639 -7.91 -31.51 25.52
CA ASN B 639 -8.51 -30.43 26.30
C ASN B 639 -7.71 -30.08 27.55
N VAL B 640 -6.42 -30.39 27.55
CA VAL B 640 -5.54 -29.93 28.62
C VAL B 640 -5.12 -28.50 28.31
N ALA B 641 -5.23 -27.61 29.30
CA ALA B 641 -4.89 -26.22 29.10
C ALA B 641 -3.38 -26.05 29.13
N LEU B 642 -2.78 -25.62 28.03
CA LEU B 642 -1.35 -25.34 27.93
C LEU B 642 -1.13 -23.88 27.60
N MET B 643 -0.17 -23.26 28.29
CA MET B 643 0.29 -21.91 27.94
C MET B 643 1.64 -22.07 27.26
N GLU B 644 1.63 -22.13 25.93
CA GLU B 644 2.86 -22.21 25.17
C GLU B 644 3.04 -20.93 24.35
N ASP B 645 4.22 -20.80 23.73
CA ASP B 645 4.46 -19.65 22.86
C ASP B 645 4.82 -20.15 21.46
N ARG B 646 5.36 -19.22 20.66
CA ARG B 646 5.61 -19.48 19.25
C ARG B 646 6.55 -20.67 19.02
N ALA B 647 7.36 -21.02 20.01
CA ALA B 647 8.29 -22.14 19.83
C ALA B 647 7.54 -23.46 19.65
N THR B 648 6.32 -23.58 20.21
CA THR B 648 5.53 -24.78 19.94
C THR B 648 5.19 -24.90 18.45
N LEU B 649 4.94 -23.78 17.78
CA LEU B 649 4.72 -23.80 16.35
C LEU B 649 5.94 -24.34 15.62
N ARG B 650 7.13 -23.92 16.07
CA ARG B 650 8.35 -24.28 15.36
C ARG B 650 8.58 -25.79 15.40
N ILE B 651 8.47 -26.39 16.59
CA ILE B 651 8.63 -27.84 16.71
C ILE B 651 7.59 -28.56 15.87
N SER B 652 6.32 -28.18 16.03
CA SER B 652 5.25 -28.96 15.38
C SER B 652 5.34 -28.87 13.87
N SER B 653 5.58 -27.67 13.33
CA SER B 653 5.64 -27.50 11.89
C SER B 653 6.89 -28.15 11.31
N GLN B 654 8.02 -28.07 12.02
CA GLN B 654 9.22 -28.71 11.50
C GLN B 654 9.10 -30.23 11.52
N LEU B 655 8.47 -30.80 12.55
CA LEU B 655 8.30 -32.25 12.59
C LEU B 655 7.45 -32.73 11.42
N LEU B 656 6.33 -32.04 11.14
CA LEU B 656 5.49 -32.45 10.01
C LEU B 656 6.20 -32.20 8.69
N ALA B 657 6.95 -31.10 8.57
CA ALA B 657 7.72 -30.86 7.36
C ALA B 657 8.74 -31.96 7.13
N ASN B 658 9.32 -32.48 8.22
CA ASN B 658 10.30 -33.56 8.12
C ASN B 658 9.66 -34.87 7.70
N TRP B 659 8.48 -35.18 8.26
CA TRP B 659 7.78 -36.39 7.87
C TRP B 659 7.34 -36.32 6.41
N LEU B 660 6.91 -35.15 5.97
CA LEU B 660 6.55 -34.94 4.57
C LEU B 660 7.77 -35.12 3.66
N ARG B 661 8.90 -34.55 4.07
CA ARG B 661 10.12 -34.59 3.25
C ARG B 661 10.59 -36.02 3.00
N HIS B 662 10.39 -36.91 3.98
CA HIS B 662 10.85 -38.29 3.86
C HIS B 662 9.72 -39.27 3.57
N GLY B 663 8.56 -38.77 3.14
CA GLY B 663 7.54 -39.67 2.65
C GLY B 663 6.80 -40.45 3.72
N VAL B 664 6.96 -40.09 4.99
CA VAL B 664 6.12 -40.68 6.03
C VAL B 664 4.66 -40.35 5.78
N ILE B 665 4.41 -39.10 5.35
CA ILE B 665 3.08 -38.62 4.99
C ILE B 665 3.20 -37.84 3.69
N THR B 666 2.06 -37.62 3.04
CA THR B 666 1.96 -36.80 1.85
C THR B 666 1.40 -35.44 2.20
N SER B 667 1.49 -34.51 1.24
CA SER B 667 0.83 -33.22 1.41
C SER B 667 -0.67 -33.39 1.55
N GLU B 668 -1.24 -34.38 0.86
CA GLU B 668 -2.66 -34.67 1.00
C GLU B 668 -2.99 -35.12 2.43
N ASP B 669 -2.11 -35.91 3.05
CA ASP B 669 -2.32 -36.31 4.43
C ASP B 669 -2.34 -35.12 5.36
N ALA B 670 -1.40 -34.19 5.16
CA ALA B 670 -1.32 -33.01 6.01
C ALA B 670 -2.57 -32.15 5.88
N ARG B 671 -3.01 -31.93 4.64
CA ARG B 671 -4.22 -31.13 4.43
C ARG B 671 -5.43 -31.82 5.03
N ALA B 672 -5.51 -33.15 4.91
CA ALA B 672 -6.66 -33.87 5.46
C ALA B 672 -6.71 -33.76 6.98
N SER B 673 -5.55 -33.79 7.63
CA SER B 673 -5.52 -33.66 9.08
C SER B 673 -5.89 -32.24 9.52
N LEU B 674 -5.40 -31.23 8.78
CA LEU B 674 -5.78 -29.85 9.10
C LEU B 674 -7.29 -29.66 9.00
N GLU B 675 -7.93 -30.27 7.98
CA GLU B 675 -9.38 -30.15 7.84
C GLU B 675 -10.11 -30.93 8.93
N ARG B 676 -9.51 -32.01 9.42
CA ARG B 676 -10.12 -32.80 10.49
C ARG B 676 -10.03 -32.09 11.84
N MET B 677 -8.93 -31.39 12.08
CA MET B 677 -8.70 -30.75 13.38
C MET B 677 -9.26 -29.34 13.46
N ALA B 678 -9.47 -28.66 12.32
CA ALA B 678 -10.01 -27.31 12.36
C ALA B 678 -11.36 -27.21 13.05
N PRO B 679 -12.36 -28.05 12.75
CA PRO B 679 -13.62 -27.93 13.48
C PRO B 679 -13.49 -28.20 14.97
N LEU B 680 -12.52 -29.03 15.36
CA LEU B 680 -12.26 -29.28 16.78
C LEU B 680 -11.77 -28.01 17.45
N VAL B 681 -10.82 -27.32 16.81
CA VAL B 681 -10.34 -26.04 17.34
C VAL B 681 -11.45 -25.01 17.35
N ASP B 682 -12.28 -24.99 16.30
CA ASP B 682 -13.42 -24.09 16.28
C ASP B 682 -14.31 -24.28 17.50
N LYS B 683 -14.61 -25.55 17.83
CA LYS B 683 -15.49 -25.82 18.96
C LYS B 683 -14.82 -25.45 20.28
N GLN B 684 -13.51 -25.61 20.38
CA GLN B 684 -12.80 -25.23 21.59
C GLN B 684 -12.84 -23.73 21.82
N ASN B 685 -13.13 -22.95 20.79
CA ASN B 685 -13.16 -21.49 20.86
C ASN B 685 -14.57 -20.92 20.75
N ALA B 686 -15.60 -21.76 20.81
CA ALA B 686 -16.96 -21.32 20.51
C ALA B 686 -17.47 -20.28 21.49
N GLY B 687 -16.90 -20.19 22.69
CA GLY B 687 -17.37 -19.23 23.66
C GLY B 687 -16.91 -17.81 23.42
N ASP B 688 -15.87 -17.61 22.61
CA ASP B 688 -15.32 -16.31 22.28
C ASP B 688 -16.18 -15.65 21.21
N PRO B 689 -16.85 -14.54 21.53
CA PRO B 689 -17.75 -13.90 20.55
C PRO B 689 -17.02 -13.25 19.39
N GLU B 690 -15.71 -13.04 19.49
CA GLU B 690 -14.93 -12.47 18.40
C GLU B 690 -14.19 -13.53 17.60
N TYR B 691 -14.38 -14.81 17.91
CA TYR B 691 -13.71 -15.87 17.18
C TYR B 691 -14.38 -16.08 15.82
N HIS B 692 -13.57 -16.44 14.83
CA HIS B 692 -14.04 -16.65 13.46
C HIS B 692 -13.65 -18.06 13.02
N ALA B 693 -14.67 -18.90 12.82
CA ALA B 693 -14.43 -20.32 12.57
C ALA B 693 -13.64 -20.53 11.28
N MET B 694 -12.70 -21.47 11.32
CA MET B 694 -11.95 -21.81 10.11
C MET B 694 -12.77 -22.71 9.20
N ALA B 695 -13.54 -23.63 9.77
CA ALA B 695 -14.37 -24.60 9.06
C ALA B 695 -15.76 -24.03 8.81
N PRO B 696 -16.41 -24.41 7.69
CA PRO B 696 -15.91 -25.35 6.69
C PRO B 696 -15.17 -24.72 5.51
N ASN B 697 -15.15 -23.40 5.43
CA ASN B 697 -14.51 -22.70 4.30
C ASN B 697 -13.04 -22.42 4.64
N PHE B 698 -12.25 -23.49 4.62
CA PHE B 698 -10.87 -23.41 5.09
C PHE B 698 -10.06 -22.40 4.29
N ASP B 699 -10.21 -22.39 2.97
CA ASP B 699 -9.37 -21.55 2.14
C ASP B 699 -9.75 -20.08 2.19
N ASP B 700 -10.85 -19.72 2.85
CA ASP B 700 -11.18 -18.33 3.11
C ASP B 700 -10.62 -17.83 4.43
N SER B 701 -9.96 -18.70 5.19
CA SER B 701 -9.40 -18.35 6.50
C SER B 701 -7.90 -18.12 6.36
N ILE B 702 -7.47 -16.86 6.56
CA ILE B 702 -6.05 -16.56 6.55
C ILE B 702 -5.32 -17.34 7.63
N ALA B 703 -5.98 -17.53 8.79
CA ALA B 703 -5.37 -18.33 9.85
C ALA B 703 -5.12 -19.75 9.39
N PHE B 704 -6.12 -20.38 8.76
CA PHE B 704 -5.94 -21.73 8.23
C PHE B 704 -4.82 -21.76 7.20
N LEU B 705 -4.82 -20.80 6.28
CA LEU B 705 -3.79 -20.74 5.25
C LEU B 705 -2.40 -20.56 5.85
N ALA B 706 -2.30 -19.84 6.97
CA ALA B 706 -1.01 -19.70 7.64
C ALA B 706 -0.54 -21.04 8.19
N ALA B 707 -1.45 -21.80 8.82
CA ALA B 707 -1.10 -23.12 9.33
C ALA B 707 -0.63 -24.03 8.21
N GLN B 708 -1.35 -24.02 7.08
CA GLN B 708 -0.95 -24.81 5.93
C GLN B 708 0.44 -24.42 5.44
N ASP B 709 0.70 -23.11 5.31
CA ASP B 709 2.02 -22.64 4.87
C ASP B 709 3.12 -23.14 5.79
N LEU B 710 2.89 -23.07 7.11
CA LEU B 710 3.93 -23.49 8.05
C LEU B 710 4.34 -24.93 7.86
N ILE B 711 3.40 -25.79 7.46
CA ILE B 711 3.72 -27.20 7.22
C ILE B 711 4.28 -27.40 5.82
N LEU B 712 3.55 -26.95 4.79
CA LEU B 712 3.92 -27.31 3.42
C LEU B 712 5.15 -26.57 2.94
N SER B 713 5.48 -25.40 3.51
CA SER B 713 6.70 -24.68 3.19
CA SER B 713 6.72 -24.71 3.17
C SER B 713 7.69 -24.66 4.34
N GLY B 714 7.45 -25.46 5.39
CA GLY B 714 8.30 -25.42 6.56
C GLY B 714 9.76 -25.74 6.29
N ALA B 715 10.01 -26.69 5.38
CA ALA B 715 11.40 -27.06 5.12
C ALA B 715 12.20 -25.91 4.50
N GLN B 716 11.53 -24.93 3.91
CA GLN B 716 12.20 -23.81 3.26
C GLN B 716 12.34 -22.59 4.17
N GLN B 717 11.83 -22.64 5.41
CA GLN B 717 11.96 -21.48 6.28
C GLN B 717 13.33 -21.48 6.95
N PRO B 718 13.98 -20.31 7.07
CA PRO B 718 15.33 -20.26 7.63
C PRO B 718 15.36 -20.78 9.06
N ASN B 719 16.11 -21.86 9.26
CA ASN B 719 16.23 -22.53 10.55
C ASN B 719 14.87 -22.91 11.12
N GLY B 720 13.89 -23.09 10.23
CA GLY B 720 12.54 -23.44 10.63
C GLY B 720 11.78 -22.35 11.34
N TYR B 721 12.22 -21.10 11.27
CA TYR B 721 11.54 -20.04 11.99
C TYR B 721 10.15 -19.76 11.41
N THR B 722 9.21 -19.46 12.30
CA THR B 722 7.81 -19.26 11.91
C THR B 722 7.46 -17.79 11.69
N GLU B 723 8.30 -16.86 12.12
CA GLU B 723 7.94 -15.44 12.01
C GLU B 723 7.76 -14.95 10.57
N PRO B 724 8.58 -15.35 9.59
CA PRO B 724 8.34 -14.85 8.22
C PRO B 724 6.92 -15.10 7.73
N ILE B 725 6.41 -16.32 7.90
CA ILE B 725 5.04 -16.63 7.49
C ILE B 725 4.04 -15.92 8.38
N LEU B 726 4.26 -15.97 9.70
CA LEU B 726 3.27 -15.42 10.64
C LEU B 726 3.13 -13.92 10.47
N HIS B 727 4.24 -13.20 10.34
CA HIS B 727 4.16 -11.74 10.18
C HIS B 727 3.46 -11.39 8.87
N ARG B 728 3.78 -12.12 7.80
CA ARG B 728 3.14 -11.89 6.51
CA ARG B 728 3.13 -11.87 6.52
C ARG B 728 1.63 -12.07 6.61
N ARG B 729 1.20 -13.20 7.17
CA ARG B 729 -0.23 -13.52 7.22
C ARG B 729 -0.97 -12.62 8.21
N ARG B 730 -0.34 -12.24 9.32
CA ARG B 730 -0.99 -11.34 10.27
C ARG B 730 -1.18 -9.96 9.67
N ARG B 731 -0.19 -9.46 8.91
CA ARG B 731 -0.35 -8.18 8.23
CA ARG B 731 -0.35 -8.18 8.23
C ARG B 731 -1.45 -8.26 7.18
N GLU B 732 -1.57 -9.41 6.51
CA GLU B 732 -2.63 -9.60 5.54
C GLU B 732 -4.01 -9.52 6.20
N LEU B 733 -4.12 -10.09 7.40
CA LEU B 733 -5.39 -10.04 8.13
C LEU B 733 -5.72 -8.62 8.58
N LYS B 734 -4.74 -7.91 9.14
CA LYS B 734 -4.98 -6.55 9.57
C LYS B 734 -5.35 -5.65 8.40
N ALA B 735 -4.84 -5.94 7.20
CA ALA B 735 -5.17 -5.13 6.04
C ALA B 735 -6.63 -5.31 5.63
N ARG B 736 -7.17 -6.51 5.78
CA ARG B 736 -8.58 -6.76 5.45
C ARG B 736 -9.49 -5.80 6.21
N ALA B 737 -9.43 -5.84 7.54
CA ALA B 737 -10.26 -4.98 8.37
C ALA B 737 -9.94 -3.51 8.12
#